data_9NJX
# 
_entry.id   9NJX 
# 
_audit_conform.dict_name       mmcif_pdbx.dic 
_audit_conform.dict_version    5.404 
_audit_conform.dict_location   http://mmcif.pdb.org/dictionaries/ascii/mmcif_pdbx.dic 
# 
loop_
_database_2.database_id 
_database_2.database_code 
_database_2.pdbx_database_accession 
_database_2.pdbx_DOI 
PDB   9NJX         pdb_00009njx 10.2210/pdb9njx/pdb 
WWPDB D_1000293473 ?            ?                   
# 
_pdbx_audit_revision_history.ordinal             1 
_pdbx_audit_revision_history.data_content_type   'Structure model' 
_pdbx_audit_revision_history.major_revision      1 
_pdbx_audit_revision_history.minor_revision      0 
_pdbx_audit_revision_history.revision_date       2025-06-11 
_pdbx_audit_revision_history.part_number         ? 
# 
_pdbx_audit_revision_details.ordinal             1 
_pdbx_audit_revision_details.revision_ordinal    1 
_pdbx_audit_revision_details.data_content_type   'Structure model' 
_pdbx_audit_revision_details.provider            repository 
_pdbx_audit_revision_details.type                'Initial release' 
_pdbx_audit_revision_details.description         ? 
_pdbx_audit_revision_details.details             ? 
# 
_pdbx_database_status.status_code                     REL 
_pdbx_database_status.status_code_sf                  REL 
_pdbx_database_status.status_code_mr                  ? 
_pdbx_database_status.entry_id                        9NJX 
_pdbx_database_status.recvd_initial_deposition_date   2025-02-28 
_pdbx_database_status.SG_entry                        N 
_pdbx_database_status.deposit_site                    RCSB 
_pdbx_database_status.process_site                    RCSB 
_pdbx_database_status.status_code_cs                  ? 
_pdbx_database_status.status_code_nmr_data            ? 
_pdbx_database_status.methods_development_category    ? 
_pdbx_database_status.pdb_format_compatible           Y 
# 
_pdbx_contact_author.id                 4 
_pdbx_contact_author.email              rs17@nyu.edu 
_pdbx_contact_author.name_first         Ruojie 
_pdbx_contact_author.name_last          Sha 
_pdbx_contact_author.name_mi            ? 
_pdbx_contact_author.role               'principal investigator/group leader' 
_pdbx_contact_author.identifier_ORCID   0000-0002-0807-734X 
# 
loop_
_audit_author.name 
_audit_author.pdbx_ordinal 
_audit_author.identifier_ORCID 
'Horvath, A.'   1 0009-0008-5770-8014 
'Vecchioni, S.' 2 0000-0001-8243-650X 
'Woloszyn, K.'  3 0000-0003-1200-583X 
'Ohayon, Y.P.'  4 0000-0001-7500-4282 
'Sha, R.'       5 0000-0002-0807-734X 
# 
_citation.abstract                  ? 
_citation.abstract_id_CAS           ? 
_citation.book_id_ISBN              ? 
_citation.book_publisher            ? 
_citation.book_publisher_city       ? 
_citation.book_title                ? 
_citation.coordinate_linkage        ? 
_citation.country                   ? 
_citation.database_id_Medline       ? 
_citation.details                   ? 
_citation.id                        primary 
_citation.journal_abbrev            'To Be Published' 
_citation.journal_id_ASTM           ? 
_citation.journal_id_CSD            0353 
_citation.journal_id_ISSN           ? 
_citation.journal_full              ? 
_citation.journal_issue             ? 
_citation.journal_volume            ? 
_citation.language                  ? 
_citation.page_first                ? 
_citation.page_last                 ? 
_citation.title                     'Shifted tensegrity triangles' 
_citation.year                      ? 
_citation.database_id_CSD           ? 
_citation.pdbx_database_id_DOI      ? 
_citation.pdbx_database_id_PubMed   ? 
_citation.pdbx_database_id_patent   ? 
_citation.unpublished_flag          ? 
# 
loop_
_citation_author.citation_id 
_citation_author.name 
_citation_author.ordinal 
_citation_author.identifier_ORCID 
primary 'Horvath, A.'   1 0009-0008-5770-8014 
primary 'Vecchioni, S.' 2 0000-0001-8243-650X 
primary 'Woloszyn, K.'  3 0000-0003-1200-583X 
primary 'Ohayon, Y.P.'  4 0000-0001-7500-4282 
primary 'Sha, R.'       5 0000-0002-0807-734X 
# 
loop_
_entity.id 
_entity.type 
_entity.src_method 
_entity.pdbx_description 
_entity.formula_weight 
_entity.pdbx_number_of_molecules 
_entity.pdbx_ec 
_entity.pdbx_mutation 
_entity.pdbx_fragment 
_entity.details 
1 polymer syn 
;DNA (5'-D(*GP*AP*AP*TP*GP*CP*GP*TP*AP*GP*CP*TP*GP*T)-3')
;
4335.827 1 ? ? ? ? 
2 polymer syn 
;DNA (5'-D(P*CP*GP*GP*AP*CP*AP*GP*C*TP*AP*CP*GP*CP*AP*T)-3')
;
4578.987 1 ? ? ? ? 
3 polymer syn 
;DNA (5'-D(P*AP*CP*AP*CP*CP*GP*T)-3')
;
2082.400 1 ? ? ? ? 
4 polymer syn 
;DNA (5'-D(*TP*CP*TP*GP*TP*A)-3')
;
1799.215 1 ? ? ? ? 
# 
loop_
_entity_poly.entity_id 
_entity_poly.type 
_entity_poly.nstd_linkage 
_entity_poly.nstd_monomer 
_entity_poly.pdbx_seq_one_letter_code 
_entity_poly.pdbx_seq_one_letter_code_can 
_entity_poly.pdbx_strand_id 
_entity_poly.pdbx_target_identifier 
1 polydeoxyribonucleotide no no '(DG)(DA)(DA)(DT)(DG)(DC)(DG)(DT)(DA)(DG)(DC)(DT)(DG)(DT)'     GAATGCGTAGCTGT  A ? 
2 polydeoxyribonucleotide no no '(DC)(DG)(DG)(DA)(DC)(DA)(DG)(DC)(DT)(DA)(DC)(DG)(DC)(DA)(DT)' CGGACAGCTACGCAT B ? 
3 polydeoxyribonucleotide no no '(DA)(DC)(DA)(DC)(DC)(DG)(DT)'                                 ACACCGT         C ? 
4 polydeoxyribonucleotide no no '(DT)(DC)(DT)(DG)(DT)(DA)'                                     TCTGTA          F ? 
# 
loop_
_entity_poly_seq.entity_id 
_entity_poly_seq.num 
_entity_poly_seq.mon_id 
_entity_poly_seq.hetero 
1 1  DG n 
1 2  DA n 
1 3  DA n 
1 4  DT n 
1 5  DG n 
1 6  DC n 
1 7  DG n 
1 8  DT n 
1 9  DA n 
1 10 DG n 
1 11 DC n 
1 12 DT n 
1 13 DG n 
1 14 DT n 
2 1  DC n 
2 2  DG n 
2 3  DG n 
2 4  DA n 
2 5  DC n 
2 6  DA n 
2 7  DG n 
2 8  DC n 
2 9  DT n 
2 10 DA n 
2 11 DC n 
2 12 DG n 
2 13 DC n 
2 14 DA n 
2 15 DT n 
3 1  DA n 
3 2  DC n 
3 3  DA n 
3 4  DC n 
3 5  DC n 
3 6  DG n 
3 7  DT n 
4 1  DT n 
4 2  DC n 
4 3  DT n 
4 4  DG n 
4 5  DT n 
4 6  DA n 
# 
loop_
_pdbx_entity_src_syn.entity_id 
_pdbx_entity_src_syn.pdbx_src_id 
_pdbx_entity_src_syn.pdbx_alt_source_flag 
_pdbx_entity_src_syn.pdbx_beg_seq_num 
_pdbx_entity_src_syn.pdbx_end_seq_num 
_pdbx_entity_src_syn.organism_scientific 
_pdbx_entity_src_syn.organism_common_name 
_pdbx_entity_src_syn.ncbi_taxonomy_id 
_pdbx_entity_src_syn.details 
1 1 sample 1 14 'synthetic construct' ? 32630 ? 
2 1 sample 1 15 'synthetic construct' ? 32630 ? 
3 1 sample 1 7  'synthetic construct' ? 32630 ? 
4 1 sample 1 6  'synthetic construct' ? 32630 ? 
# 
loop_
_chem_comp.id 
_chem_comp.type 
_chem_comp.mon_nstd_flag 
_chem_comp.name 
_chem_comp.pdbx_synonyms 
_chem_comp.formula 
_chem_comp.formula_weight 
DA 'DNA linking' y "2'-DEOXYADENOSINE-5'-MONOPHOSPHATE" ? 'C10 H14 N5 O6 P' 331.222 
DC 'DNA linking' y "2'-DEOXYCYTIDINE-5'-MONOPHOSPHATE"  ? 'C9 H14 N3 O7 P'  307.197 
DG 'DNA linking' y "2'-DEOXYGUANOSINE-5'-MONOPHOSPHATE" ? 'C10 H14 N5 O7 P' 347.221 
DT 'DNA linking' y "THYMIDINE-5'-MONOPHOSPHATE"         ? 'C10 H15 N2 O8 P' 322.208 
# 
loop_
_pdbx_poly_seq_scheme.asym_id 
_pdbx_poly_seq_scheme.entity_id 
_pdbx_poly_seq_scheme.seq_id 
_pdbx_poly_seq_scheme.mon_id 
_pdbx_poly_seq_scheme.ndb_seq_num 
_pdbx_poly_seq_scheme.pdb_seq_num 
_pdbx_poly_seq_scheme.auth_seq_num 
_pdbx_poly_seq_scheme.pdb_mon_id 
_pdbx_poly_seq_scheme.auth_mon_id 
_pdbx_poly_seq_scheme.pdb_strand_id 
_pdbx_poly_seq_scheme.pdb_ins_code 
_pdbx_poly_seq_scheme.hetero 
A 1 1  DG 1  1  1  DG DG A . n 
A 1 2  DA 2  2  2  DA DA A . n 
A 1 3  DA 3  3  3  DA DA A . n 
A 1 4  DT 4  4  4  DT DT A . n 
A 1 5  DG 5  5  5  DG DG A . n 
A 1 6  DC 6  6  6  DC DC A . n 
A 1 7  DG 7  7  7  DG DG A . n 
A 1 8  DT 8  8  8  DT DT A . n 
A 1 9  DA 9  9  9  DA DA A . n 
A 1 10 DG 10 10 10 DG DG A . n 
A 1 11 DC 11 11 11 DC DC A . n 
A 1 12 DT 12 12 12 DT DT A . n 
A 1 13 DG 13 13 13 DG DG A . n 
A 1 14 DT 14 14 14 DT DT A . n 
B 2 1  DC 1  7  7  DC DC B . n 
B 2 2  DG 2  8  8  DG DG B . n 
B 2 3  DG 3  9  9  DG DG B . n 
B 2 4  DA 4  10 10 DA DA B . n 
B 2 5  DC 5  11 11 DC DC B . n 
B 2 6  DA 6  12 12 DA DA B . n 
B 2 7  DG 7  13 13 DG DG B . n 
B 2 8  DC 8  14 14 DC DC B . n 
B 2 9  DT 9  15 15 DT DT B . n 
B 2 10 DA 10 16 16 DA DA B . n 
B 2 11 DC 11 17 17 DC DC B . n 
B 2 12 DG 12 18 18 DG DG B . n 
B 2 13 DC 13 19 19 DC DC B . n 
B 2 14 DA 14 20 20 DA DA B . n 
B 2 15 DT 15 21 21 DT DT B . n 
C 3 1  DA 1  19 19 DA DA C . n 
C 3 2  DC 2  20 20 DC DC C . n 
C 3 3  DA 3  21 21 DA DA C . n 
C 3 4  DC 4  22 22 DC DC C . n 
C 3 5  DC 5  23 23 DC DC C . n 
C 3 6  DG 6  24 24 DG DG C . n 
C 3 7  DT 7  25 25 DT DT C . n 
D 4 1  DT 1  1  1  DT DT F . n 
D 4 2  DC 2  2  2  DC DC F . n 
D 4 3  DT 3  3  3  DT DT F . n 
D 4 4  DG 4  4  4  DG DG F . n 
D 4 5  DT 5  5  5  DT DT F . n 
D 4 6  DA 6  6  6  DA DA F . n 
# 
loop_
_software.citation_id 
_software.classification 
_software.compiler_name 
_software.compiler_version 
_software.contact_author 
_software.contact_author_email 
_software.date 
_software.description 
_software.dependencies 
_software.hardware 
_software.language 
_software.location 
_software.mods 
_software.name 
_software.os 
_software.os_version 
_software.type 
_software.version 
_software.pdbx_ordinal 
? refinement       ? ? ? ? ? ? ? ? ? ? ? PHENIX    ? ? ? 1.20.1_4487 1 
? 'data reduction' ? ? ? ? ? ? ? ? ? ? ? autoPROC  ? ? ? .           2 
? 'data scaling'   ? ? ? ? ? ? ? ? ? ? ? STARANISO ? ? ? .           3 
? phasing          ? ? ? ? ? ? ? ? ? ? ? PHASER    ? ? ? .           4 
# 
_cell.angle_alpha                  90.000 
_cell.angle_alpha_esd              ? 
_cell.angle_beta                   90.000 
_cell.angle_beta_esd               ? 
_cell.angle_gamma                  120.000 
_cell.angle_gamma_esd              ? 
_cell.entry_id                     9NJX 
_cell.details                      ? 
_cell.formula_units_Z              ? 
_cell.length_a                     112.776 
_cell.length_a_esd                 ? 
_cell.length_b                     112.776 
_cell.length_b_esd                 ? 
_cell.length_c                     68.087 
_cell.length_c_esd                 ? 
_cell.volume                       749942.911 
_cell.volume_esd                   ? 
_cell.Z_PDB                        9 
_cell.reciprocal_angle_alpha       ? 
_cell.reciprocal_angle_beta        ? 
_cell.reciprocal_angle_gamma       ? 
_cell.reciprocal_angle_alpha_esd   ? 
_cell.reciprocal_angle_beta_esd    ? 
_cell.reciprocal_angle_gamma_esd   ? 
_cell.reciprocal_length_a          ? 
_cell.reciprocal_length_b          ? 
_cell.reciprocal_length_c          ? 
_cell.reciprocal_length_a_esd      ? 
_cell.reciprocal_length_b_esd      ? 
_cell.reciprocal_length_c_esd      ? 
_cell.pdbx_unique_axis             ? 
_cell.pdbx_esd_method              ? 
# 
_symmetry.entry_id                         9NJX 
_symmetry.cell_setting                     ? 
_symmetry.Int_Tables_number                146 
_symmetry.space_group_name_Hall            'R 3' 
_symmetry.space_group_name_H-M             'H 3' 
_symmetry.pdbx_full_space_group_name_H-M   ? 
# 
_exptl.absorpt_coefficient_mu     ? 
_exptl.absorpt_correction_T_max   ? 
_exptl.absorpt_correction_T_min   ? 
_exptl.absorpt_correction_type    ? 
_exptl.absorpt_process_details    ? 
_exptl.entry_id                   9NJX 
_exptl.crystals_number            1 
_exptl.details                    ? 
_exptl.method                     'X-RAY DIFFRACTION' 
_exptl.method_details             ? 
# 
_exptl_crystal.colour                       ? 
_exptl_crystal.density_diffrn               ? 
_exptl_crystal.density_Matthews             6.51 
_exptl_crystal.density_method               ? 
_exptl_crystal.density_percent_sol          81.11 
_exptl_crystal.description                  ? 
_exptl_crystal.F_000                        ? 
_exptl_crystal.id                           1 
_exptl_crystal.preparation                  ? 
_exptl_crystal.size_max                     ? 
_exptl_crystal.size_mid                     ? 
_exptl_crystal.size_min                     ? 
_exptl_crystal.size_rad                     ? 
_exptl_crystal.colour_lustre                ? 
_exptl_crystal.colour_modifier              ? 
_exptl_crystal.colour_primary               ? 
_exptl_crystal.density_meas                 ? 
_exptl_crystal.density_meas_esd             ? 
_exptl_crystal.density_meas_gt              ? 
_exptl_crystal.density_meas_lt              ? 
_exptl_crystal.density_meas_temp            ? 
_exptl_crystal.density_meas_temp_esd        ? 
_exptl_crystal.density_meas_temp_gt         ? 
_exptl_crystal.density_meas_temp_lt         ? 
_exptl_crystal.pdbx_crystal_image_url       ? 
_exptl_crystal.pdbx_crystal_image_format    ? 
_exptl_crystal.pdbx_mosaicity               ? 
_exptl_crystal.pdbx_mosaicity_esd           ? 
_exptl_crystal.pdbx_mosaic_method           ? 
_exptl_crystal.pdbx_mosaic_block_size       ? 
_exptl_crystal.pdbx_mosaic_block_size_esd   ? 
# 
_exptl_crystal_grow.apparatus       ? 
_exptl_crystal_grow.atmosphere      ? 
_exptl_crystal_grow.crystal_id      1 
_exptl_crystal_grow.details         ? 
_exptl_crystal_grow.method          'VAPOR DIFFUSION, HANGING DROP' 
_exptl_crystal_grow.method_ref      ? 
_exptl_crystal_grow.pH              ? 
_exptl_crystal_grow.pressure        ? 
_exptl_crystal_grow.pressure_esd    ? 
_exptl_crystal_grow.seeding         ? 
_exptl_crystal_grow.seeding_ref     ? 
_exptl_crystal_grow.temp_details    '338-293 at 0.4/hr' 
_exptl_crystal_grow.temp_esd        ? 
_exptl_crystal_grow.time            ? 
_exptl_crystal_grow.pdbx_details    '100 mM MOPS, 1.25 M magnesium sulfate' 
_exptl_crystal_grow.pdbx_pH_range   ? 
_exptl_crystal_grow.temp            293 
# 
_diffrn.ambient_environment              ? 
_diffrn.ambient_temp                     100 
_diffrn.ambient_temp_details             ? 
_diffrn.ambient_temp_esd                 ? 
_diffrn.crystal_id                       1 
_diffrn.crystal_support                  ? 
_diffrn.crystal_treatment                ? 
_diffrn.details                          ? 
_diffrn.id                               1 
_diffrn.ambient_pressure                 ? 
_diffrn.ambient_pressure_esd             ? 
_diffrn.ambient_pressure_gt              ? 
_diffrn.ambient_pressure_lt              ? 
_diffrn.ambient_temp_gt                  ? 
_diffrn.ambient_temp_lt                  ? 
_diffrn.pdbx_serial_crystal_experiment   N 
# 
_diffrn_detector.details                      ? 
_diffrn_detector.detector                     PIXEL 
_diffrn_detector.diffrn_id                    1 
_diffrn_detector.type                         'DECTRIS EIGER X 9M' 
_diffrn_detector.area_resol_mean              ? 
_diffrn_detector.dtime                        ? 
_diffrn_detector.pdbx_frames_total            ? 
_diffrn_detector.pdbx_collection_time_total   ? 
_diffrn_detector.pdbx_collection_date         2023-02-26 
_diffrn_detector.pdbx_frequency               ? 
_diffrn_detector.id                           ? 
_diffrn_detector.number_of_axes               ? 
# 
_diffrn_radiation.collimation                      ? 
_diffrn_radiation.diffrn_id                        1 
_diffrn_radiation.filter_edge                      ? 
_diffrn_radiation.inhomogeneity                    ? 
_diffrn_radiation.monochromator                    ? 
_diffrn_radiation.polarisn_norm                    ? 
_diffrn_radiation.polarisn_ratio                   ? 
_diffrn_radiation.probe                            ? 
_diffrn_radiation.type                             ? 
_diffrn_radiation.xray_symbol                      ? 
_diffrn_radiation.wavelength_id                    1 
_diffrn_radiation.pdbx_monochromatic_or_laue_m_l   M 
_diffrn_radiation.pdbx_wavelength_list             ? 
_diffrn_radiation.pdbx_wavelength                  ? 
_diffrn_radiation.pdbx_diffrn_protocol             'SINGLE WAVELENGTH' 
_diffrn_radiation.pdbx_analyzer                    ? 
_diffrn_radiation.pdbx_scattering_type             x-ray 
# 
_diffrn_radiation_wavelength.id           1 
_diffrn_radiation_wavelength.wavelength   1.000000 
_diffrn_radiation_wavelength.wt           1.0 
# 
_diffrn_source.current                     ? 
_diffrn_source.details                     ? 
_diffrn_source.diffrn_id                   1 
_diffrn_source.power                       ? 
_diffrn_source.size                        ? 
_diffrn_source.source                      SYNCHROTRON 
_diffrn_source.target                      ? 
_diffrn_source.type                        'APS BEAMLINE 17-ID' 
_diffrn_source.voltage                     ? 
_diffrn_source.take-off_angle              ? 
_diffrn_source.pdbx_wavelength_list        1.000000 
_diffrn_source.pdbx_wavelength             ? 
_diffrn_source.pdbx_synchrotron_beamline   17-ID 
_diffrn_source.pdbx_synchrotron_site       APS 
# 
_reflns.B_iso_Wilson_estimate                          350.28 
_reflns.entry_id                                       9NJX 
_reflns.data_reduction_details                         ? 
_reflns.data_reduction_method                          ? 
_reflns.d_resolution_high                              4.58 
_reflns.d_resolution_low                               39.682 
_reflns.details                                        ? 
_reflns.limit_h_max                                    ? 
_reflns.limit_h_min                                    ? 
_reflns.limit_k_max                                    ? 
_reflns.limit_k_min                                    ? 
_reflns.limit_l_max                                    ? 
_reflns.limit_l_min                                    ? 
_reflns.number_all                                     ? 
_reflns.number_obs                                     1459 
_reflns.observed_criterion                             ? 
_reflns.observed_criterion_F_max                       ? 
_reflns.observed_criterion_F_min                       ? 
_reflns.observed_criterion_I_max                       ? 
_reflns.observed_criterion_I_min                       ? 
_reflns.observed_criterion_sigma_F                     ? 
_reflns.observed_criterion_sigma_I                     ? 
_reflns.percent_possible_obs                           86.2 
_reflns.R_free_details                                 ? 
_reflns.Rmerge_F_all                                   ? 
_reflns.Rmerge_F_obs                                   ? 
_reflns.Friedel_coverage                               ? 
_reflns.number_gt                                      ? 
_reflns.threshold_expression                           ? 
_reflns.pdbx_redundancy                                10.3 
_reflns.pdbx_netI_over_av_sigmaI                       ? 
_reflns.pdbx_netI_over_sigmaI                          10.5 
_reflns.pdbx_res_netI_over_av_sigmaI_2                 ? 
_reflns.pdbx_res_netI_over_sigmaI_2                    ? 
_reflns.pdbx_chi_squared                               ? 
_reflns.pdbx_scaling_rejects                           ? 
_reflns.pdbx_d_res_high_opt                            ? 
_reflns.pdbx_d_res_low_opt                             ? 
_reflns.pdbx_d_res_opt_method                          ? 
_reflns.phase_calculation_details                      ? 
_reflns.pdbx_Rrim_I_all                                ? 
_reflns.pdbx_Rpim_I_all                                ? 
_reflns.pdbx_d_opt                                     ? 
_reflns.pdbx_number_measured_all                       ? 
_reflns.pdbx_diffrn_id                                 1 
_reflns.pdbx_ordinal                                   1 
_reflns.pdbx_CC_half                                   .997 
_reflns.pdbx_CC_star                                   ? 
_reflns.pdbx_R_split                                   ? 
_reflns.pdbx_Rmerge_I_obs                              ? 
_reflns.pdbx_Rmerge_I_all                              ? 
_reflns.pdbx_Rsym_value                                ? 
_reflns.pdbx_CC_split_method                           ? 
_reflns.pdbx_aniso_diffraction_limit_axis_1_ortho[1]   ? 
_reflns.pdbx_aniso_diffraction_limit_axis_1_ortho[2]   ? 
_reflns.pdbx_aniso_diffraction_limit_axis_1_ortho[3]   ? 
_reflns.pdbx_aniso_diffraction_limit_axis_2_ortho[1]   ? 
_reflns.pdbx_aniso_diffraction_limit_axis_2_ortho[2]   ? 
_reflns.pdbx_aniso_diffraction_limit_axis_2_ortho[3]   ? 
_reflns.pdbx_aniso_diffraction_limit_axis_3_ortho[1]   ? 
_reflns.pdbx_aniso_diffraction_limit_axis_3_ortho[2]   ? 
_reflns.pdbx_aniso_diffraction_limit_axis_3_ortho[3]   ? 
_reflns.pdbx_aniso_diffraction_limit_1                 ? 
_reflns.pdbx_aniso_diffraction_limit_2                 ? 
_reflns.pdbx_aniso_diffraction_limit_3                 ? 
_reflns.pdbx_aniso_B_tensor_eigenvector_1_ortho[1]     ? 
_reflns.pdbx_aniso_B_tensor_eigenvector_1_ortho[2]     ? 
_reflns.pdbx_aniso_B_tensor_eigenvector_1_ortho[3]     ? 
_reflns.pdbx_aniso_B_tensor_eigenvector_2_ortho[1]     ? 
_reflns.pdbx_aniso_B_tensor_eigenvector_2_ortho[2]     ? 
_reflns.pdbx_aniso_B_tensor_eigenvector_2_ortho[3]     ? 
_reflns.pdbx_aniso_B_tensor_eigenvector_3_ortho[1]     ? 
_reflns.pdbx_aniso_B_tensor_eigenvector_3_ortho[2]     ? 
_reflns.pdbx_aniso_B_tensor_eigenvector_3_ortho[3]     ? 
_reflns.pdbx_aniso_B_tensor_eigenvalue_1               ? 
_reflns.pdbx_aniso_B_tensor_eigenvalue_2               ? 
_reflns.pdbx_aniso_B_tensor_eigenvalue_3               ? 
_reflns.pdbx_orthogonalization_convention              ? 
_reflns.pdbx_percent_possible_ellipsoidal              ? 
_reflns.pdbx_percent_possible_spherical                ? 
_reflns.pdbx_percent_possible_ellipsoidal_anomalous    ? 
_reflns.pdbx_percent_possible_spherical_anomalous      ? 
_reflns.pdbx_redundancy_anomalous                      ? 
_reflns.pdbx_CC_half_anomalous                         ? 
_reflns.pdbx_absDiff_over_sigma_anomalous              ? 
_reflns.pdbx_percent_possible_anomalous                ? 
_reflns.pdbx_observed_signal_threshold                 ? 
_reflns.pdbx_signal_type                               ? 
_reflns.pdbx_signal_details                            ? 
_reflns.pdbx_signal_software_id                        ? 
# 
loop_
_reflns_shell.d_res_high 
_reflns_shell.d_res_low 
_reflns_shell.meanI_over_sigI_all 
_reflns_shell.meanI_over_sigI_obs 
_reflns_shell.number_measured_all 
_reflns_shell.number_measured_obs 
_reflns_shell.number_possible 
_reflns_shell.number_unique_all 
_reflns_shell.number_unique_obs 
_reflns_shell.percent_possible_obs 
_reflns_shell.Rmerge_F_all 
_reflns_shell.Rmerge_F_obs 
_reflns_shell.meanI_over_sigI_gt 
_reflns_shell.meanI_over_uI_all 
_reflns_shell.meanI_over_uI_gt 
_reflns_shell.number_measured_gt 
_reflns_shell.number_unique_gt 
_reflns_shell.percent_possible_gt 
_reflns_shell.Rmerge_F_gt 
_reflns_shell.Rmerge_I_gt 
_reflns_shell.pdbx_redundancy 
_reflns_shell.pdbx_chi_squared 
_reflns_shell.pdbx_netI_over_sigmaI_all 
_reflns_shell.pdbx_netI_over_sigmaI_obs 
_reflns_shell.pdbx_Rrim_I_all 
_reflns_shell.pdbx_Rpim_I_all 
_reflns_shell.pdbx_rejects 
_reflns_shell.pdbx_ordinal 
_reflns_shell.pdbx_diffrn_id 
_reflns_shell.pdbx_CC_half 
_reflns_shell.pdbx_CC_star 
_reflns_shell.pdbx_R_split 
_reflns_shell.percent_possible_all 
_reflns_shell.Rmerge_I_all 
_reflns_shell.Rmerge_I_obs 
_reflns_shell.pdbx_Rsym_value 
_reflns_shell.pdbx_percent_possible_ellipsoidal 
_reflns_shell.pdbx_percent_possible_spherical 
_reflns_shell.pdbx_percent_possible_ellipsoidal_anomalous 
_reflns_shell.pdbx_percent_possible_spherical_anomalous 
_reflns_shell.pdbx_redundancy_anomalous 
_reflns_shell.pdbx_CC_half_anomalous 
_reflns_shell.pdbx_absDiff_over_sigma_anomalous 
_reflns_shell.pdbx_percent_possible_anomalous 
4.584 5.149  ? ? ? ? ? ? 210 ? ? ? ? ? ? ? ? ? ? ? ? ? ? ? ? ? ? 1 1 .349 ? ? ? ? ? ? ? ? ? ? ? ? ? ? 
9.406 39.682 ? ? ? ? ? ? 208 ? ? ? ? ? ? ? ? ? ? ? ? ? ? ? ? ? ? 2 1 .997 ? ? ? ? ? ? ? ? ? ? ? ? ? ? 
# 
_refine.aniso_B[1][1]                            ? 
_refine.aniso_B[1][2]                            ? 
_refine.aniso_B[1][3]                            ? 
_refine.aniso_B[2][2]                            ? 
_refine.aniso_B[2][3]                            ? 
_refine.aniso_B[3][3]                            ? 
_refine.B_iso_max                                ? 
_refine.B_iso_mean                               459.10 
_refine.B_iso_min                                ? 
_refine.correlation_coeff_Fo_to_Fc               ? 
_refine.correlation_coeff_Fo_to_Fc_free          ? 
_refine.details                                  ? 
_refine.diff_density_max                         ? 
_refine.diff_density_max_esd                     ? 
_refine.diff_density_min                         ? 
_refine.diff_density_min_esd                     ? 
_refine.diff_density_rms                         ? 
_refine.diff_density_rms_esd                     ? 
_refine.entry_id                                 9NJX 
_refine.pdbx_refine_id                           'X-RAY DIFFRACTION' 
_refine.ls_abs_structure_details                 ? 
_refine.ls_abs_structure_Flack                   ? 
_refine.ls_abs_structure_Flack_esd               ? 
_refine.ls_abs_structure_Rogers                  ? 
_refine.ls_abs_structure_Rogers_esd              ? 
_refine.ls_d_res_high                            4.58 
_refine.ls_d_res_low                             39.68 
_refine.ls_extinction_coef                       ? 
_refine.ls_extinction_coef_esd                   ? 
_refine.ls_extinction_expression                 ? 
_refine.ls_extinction_method                     ? 
_refine.ls_goodness_of_fit_all                   ? 
_refine.ls_goodness_of_fit_all_esd               ? 
_refine.ls_goodness_of_fit_obs                   ? 
_refine.ls_goodness_of_fit_obs_esd               ? 
_refine.ls_hydrogen_treatment                    ? 
_refine.ls_matrix_type                           ? 
_refine.ls_number_constraints                    ? 
_refine.ls_number_parameters                     ? 
_refine.ls_number_reflns_all                     ? 
_refine.ls_number_reflns_obs                     1449 
_refine.ls_number_reflns_R_free                  55 
_refine.ls_number_reflns_R_work                  1394 
_refine.ls_number_restraints                     ? 
_refine.ls_percent_reflns_obs                    80.01 
_refine.ls_percent_reflns_R_free                 3.80 
_refine.ls_R_factor_all                          ? 
_refine.ls_R_factor_obs                          0.1545 
_refine.ls_R_factor_R_free                       0.1739 
_refine.ls_R_factor_R_free_error                 ? 
_refine.ls_R_factor_R_free_error_details         ? 
_refine.ls_R_factor_R_work                       0.1525 
_refine.ls_R_Fsqd_factor_obs                     ? 
_refine.ls_R_I_factor_obs                        ? 
_refine.ls_redundancy_reflns_all                 ? 
_refine.ls_redundancy_reflns_obs                 ? 
_refine.ls_restrained_S_all                      ? 
_refine.ls_restrained_S_obs                      ? 
_refine.ls_shift_over_esd_max                    ? 
_refine.ls_shift_over_esd_mean                   ? 
_refine.ls_structure_factor_coef                 ? 
_refine.ls_weighting_details                     ? 
_refine.ls_weighting_scheme                      ? 
_refine.ls_wR_factor_all                         ? 
_refine.ls_wR_factor_obs                         ? 
_refine.ls_wR_factor_R_free                      ? 
_refine.ls_wR_factor_R_work                      ? 
_refine.occupancy_max                            ? 
_refine.occupancy_min                            ? 
_refine.solvent_model_details                    'FLAT BULK SOLVENT MODEL' 
_refine.solvent_model_param_bsol                 ? 
_refine.solvent_model_param_ksol                 ? 
_refine.correlation_coeff_I_to_Fcsqd_work        ? 
_refine.correlation_coeff_I_to_Fcsqd_free        ? 
_refine.pdbx_R_complete                          ? 
_refine.ls_R_factor_gt                           ? 
_refine.ls_goodness_of_fit_gt                    ? 
_refine.ls_goodness_of_fit_ref                   ? 
_refine.ls_shift_over_su_max                     ? 
_refine.ls_shift_over_su_max_lt                  ? 
_refine.ls_shift_over_su_mean                    ? 
_refine.ls_shift_over_su_mean_lt                 ? 
_refine.pdbx_ls_sigma_I                          ? 
_refine.pdbx_ls_sigma_F                          1.97 
_refine.pdbx_ls_sigma_Fsqd                       ? 
_refine.pdbx_data_cutoff_high_absF               ? 
_refine.pdbx_data_cutoff_high_rms_absF           ? 
_refine.pdbx_data_cutoff_low_absF                ? 
_refine.pdbx_isotropic_thermal_model             ? 
_refine.pdbx_ls_cross_valid_method               'FREE R-VALUE' 
_refine.pdbx_method_to_determine_struct          'MOLECULAR REPLACEMENT' 
_refine.pdbx_starting_model                      ? 
_refine.pdbx_stereochemistry_target_values       'GeoStd + Monomer Library + CDL v1.2' 
_refine.pdbx_R_Free_selection_details            ? 
_refine.pdbx_stereochem_target_val_spec_case     ? 
_refine.pdbx_overall_ESU_R                       ? 
_refine.pdbx_overall_ESU_R_Free                  ? 
_refine.pdbx_solvent_vdw_probe_radii             1.1000 
_refine.pdbx_solvent_ion_probe_radii             ? 
_refine.pdbx_solvent_shrinkage_radii             0.9000 
_refine.pdbx_real_space_R                        ? 
_refine.pdbx_density_correlation                 ? 
_refine.pdbx_pd_number_of_powder_patterns        ? 
_refine.pdbx_pd_number_of_points                 ? 
_refine.pdbx_pd_meas_number_of_points            ? 
_refine.pdbx_pd_proc_ls_prof_R_factor            ? 
_refine.pdbx_pd_proc_ls_prof_wR_factor           ? 
_refine.pdbx_pd_Marquardt_correlation_coeff      ? 
_refine.pdbx_pd_Fsqrd_R_factor                   ? 
_refine.pdbx_pd_ls_matrix_band_width             ? 
_refine.pdbx_overall_phase_error                 32.8423 
_refine.pdbx_overall_SU_R_free_Cruickshank_DPI   ? 
_refine.pdbx_overall_SU_R_free_Blow_DPI          ? 
_refine.pdbx_overall_SU_R_Blow_DPI               ? 
_refine.pdbx_TLS_residual_ADP_flag               ? 
_refine.pdbx_diffrn_id                           1 
_refine.overall_SU_B                             ? 
_refine.overall_SU_ML                            0.6129 
_refine.overall_SU_R_Cruickshank_DPI             ? 
_refine.overall_SU_R_free                        ? 
_refine.overall_FOM_free_R_set                   ? 
_refine.overall_FOM_work_R_set                   ? 
_refine.pdbx_average_fsc_overall                 ? 
_refine.pdbx_average_fsc_work                    ? 
_refine.pdbx_average_fsc_free                    ? 
# 
_refine_hist.pdbx_refine_id                   'X-RAY DIFFRACTION' 
_refine_hist.cycle_id                         LAST 
_refine_hist.details                          ? 
_refine_hist.d_res_high                       4.58 
_refine_hist.d_res_low                        39.68 
_refine_hist.number_atoms_solvent             0 
_refine_hist.number_atoms_total               855 
_refine_hist.number_reflns_all                ? 
_refine_hist.number_reflns_obs                ? 
_refine_hist.number_reflns_R_free             ? 
_refine_hist.number_reflns_R_work             ? 
_refine_hist.R_factor_all                     ? 
_refine_hist.R_factor_obs                     ? 
_refine_hist.R_factor_R_free                  ? 
_refine_hist.R_factor_R_work                  ? 
_refine_hist.pdbx_number_residues_total       ? 
_refine_hist.pdbx_B_iso_mean_ligand           ? 
_refine_hist.pdbx_B_iso_mean_solvent          ? 
_refine_hist.pdbx_number_atoms_protein        0 
_refine_hist.pdbx_number_atoms_nucleic_acid   855 
_refine_hist.pdbx_number_atoms_ligand         0 
_refine_hist.pdbx_number_atoms_lipid          ? 
_refine_hist.pdbx_number_atoms_carb           ? 
_refine_hist.pdbx_pseudo_atom_details         ? 
# 
loop_
_refine_ls_restr.pdbx_refine_id 
_refine_ls_restr.criterion 
_refine_ls_restr.dev_ideal 
_refine_ls_restr.dev_ideal_target 
_refine_ls_restr.number 
_refine_ls_restr.rejects 
_refine_ls_restr.type 
_refine_ls_restr.weight 
_refine_ls_restr.pdbx_restraint_function 
'X-RAY DIFFRACTION' ? 0.0042  ? 956  ? f_bond_d           ? ? 
'X-RAY DIFFRACTION' ? 0.6776  ? 1467 ? f_angle_d          ? ? 
'X-RAY DIFFRACTION' ? 0.0318  ? 166  ? f_chiral_restr     ? ? 
'X-RAY DIFFRACTION' ? 0.0038  ? 42   ? f_plane_restr      ? ? 
'X-RAY DIFFRACTION' ? 35.2406 ? 406  ? f_dihedral_angle_d ? ? 
# 
_refine_ls_shell.pdbx_refine_id                      'X-RAY DIFFRACTION' 
_refine_ls_shell.d_res_high                          4.58 
_refine_ls_shell.d_res_low                           39.68 
_refine_ls_shell.number_reflns_all                   ? 
_refine_ls_shell.number_reflns_obs                   ? 
_refine_ls_shell.number_reflns_R_free                55 
_refine_ls_shell.number_reflns_R_work                1394 
_refine_ls_shell.percent_reflns_obs                  80.01 
_refine_ls_shell.percent_reflns_R_free               ? 
_refine_ls_shell.R_factor_all                        ? 
_refine_ls_shell.R_factor_obs                        ? 
_refine_ls_shell.R_factor_R_free_error               ? 
_refine_ls_shell.R_factor_R_work                     0.1525 
_refine_ls_shell.redundancy_reflns_all               ? 
_refine_ls_shell.redundancy_reflns_obs               ? 
_refine_ls_shell.wR_factor_all                       ? 
_refine_ls_shell.wR_factor_obs                       ? 
_refine_ls_shell.wR_factor_R_free                    ? 
_refine_ls_shell.wR_factor_R_work                    ? 
_refine_ls_shell.pdbx_R_complete                     ? 
_refine_ls_shell.correlation_coeff_Fo_to_Fc          ? 
_refine_ls_shell.correlation_coeff_Fo_to_Fc_free     ? 
_refine_ls_shell.correlation_coeff_I_to_Fcsqd_work   ? 
_refine_ls_shell.correlation_coeff_I_to_Fcsqd_free   ? 
_refine_ls_shell.pdbx_total_number_of_bins_used      ? 
_refine_ls_shell.pdbx_phase_error                    ? 
_refine_ls_shell.pdbx_fsc_work                       ? 
_refine_ls_shell.pdbx_fsc_free                       ? 
_refine_ls_shell.R_factor_R_free                     0.1739 
# 
_struct.entry_id                     9NJX 
_struct.title                        
;[0,7,12-->14] Shifted tensegrity triangle with an (arm,center,arm) distribution of (0,7,12) base pairs and 2 nt sticky ends containing a semi-junction that becomes left-handed
;
_struct.pdbx_model_details           ? 
_struct.pdbx_formula_weight          ? 
_struct.pdbx_formula_weight_method   ? 
_struct.pdbx_model_type_details      ? 
_struct.pdbx_CASP_flag               N 
# 
_struct_keywords.entry_id        9NJX 
_struct_keywords.text            'tensegrity triangle, DNA' 
_struct_keywords.pdbx_keywords   DNA 
# 
loop_
_struct_asym.id 
_struct_asym.pdbx_blank_PDB_chainid_flag 
_struct_asym.pdbx_modified 
_struct_asym.entity_id 
_struct_asym.details 
A N N 1 ? 
B N N 2 ? 
C N N 3 ? 
D N N 4 ? 
# 
loop_
_struct_ref.id 
_struct_ref.db_name 
_struct_ref.db_code 
_struct_ref.pdbx_db_accession 
_struct_ref.pdbx_db_isoform 
_struct_ref.entity_id 
_struct_ref.pdbx_seq_one_letter_code 
_struct_ref.pdbx_align_begin 
1 PDB 9NJX 9NJX ? 1 ? 1 
2 PDB 9NJX 9NJX ? 2 ? 1 
3 PDB 9NJX 9NJX ? 3 ? 1 
4 PDB 9NJX 9NJX ? 4 ? 1 
# 
loop_
_struct_ref_seq.align_id 
_struct_ref_seq.ref_id 
_struct_ref_seq.pdbx_PDB_id_code 
_struct_ref_seq.pdbx_strand_id 
_struct_ref_seq.seq_align_beg 
_struct_ref_seq.pdbx_seq_align_beg_ins_code 
_struct_ref_seq.seq_align_end 
_struct_ref_seq.pdbx_seq_align_end_ins_code 
_struct_ref_seq.pdbx_db_accession 
_struct_ref_seq.db_align_beg 
_struct_ref_seq.pdbx_db_align_beg_ins_code 
_struct_ref_seq.db_align_end 
_struct_ref_seq.pdbx_db_align_end_ins_code 
_struct_ref_seq.pdbx_auth_seq_align_beg 
_struct_ref_seq.pdbx_auth_seq_align_end 
1 1 9NJX A 1 ? 14 ? 9NJX 1  ? 14 ? 1  14 
2 2 9NJX B 1 ? 15 ? 9NJX 7  ? 21 ? 7  21 
3 3 9NJX C 1 ? 7  ? 9NJX 19 ? 25 ? 19 25 
4 4 9NJX F 1 ? 6  ? 9NJX 1  ? 6  ? 1  6  
# 
_pdbx_struct_assembly.id                   1 
_pdbx_struct_assembly.details              author_defined_assembly 
_pdbx_struct_assembly.method_details       ? 
_pdbx_struct_assembly.oligomeric_details   dodecameric 
_pdbx_struct_assembly.oligomeric_count     12 
# 
loop_
_pdbx_struct_assembly_gen.assembly_id 
_pdbx_struct_assembly_gen.oper_expression 
_pdbx_struct_assembly_gen.asym_id_list 
1 1 A,B,C,D 
1 2 A,B,C,D 
1 3 A,B,C,D 
# 
_pdbx_struct_assembly_auth_evidence.id                     1 
_pdbx_struct_assembly_auth_evidence.assembly_id            1 
_pdbx_struct_assembly_auth_evidence.experimental_support   'native gel electrophoresis' 
_pdbx_struct_assembly_auth_evidence.details                ? 
# 
loop_
_pdbx_struct_oper_list.id 
_pdbx_struct_oper_list.type 
_pdbx_struct_oper_list.name 
_pdbx_struct_oper_list.symmetry_operation 
_pdbx_struct_oper_list.matrix[1][1] 
_pdbx_struct_oper_list.matrix[1][2] 
_pdbx_struct_oper_list.matrix[1][3] 
_pdbx_struct_oper_list.vector[1] 
_pdbx_struct_oper_list.matrix[2][1] 
_pdbx_struct_oper_list.matrix[2][2] 
_pdbx_struct_oper_list.matrix[2][3] 
_pdbx_struct_oper_list.vector[2] 
_pdbx_struct_oper_list.matrix[3][1] 
_pdbx_struct_oper_list.matrix[3][2] 
_pdbx_struct_oper_list.matrix[3][3] 
_pdbx_struct_oper_list.vector[3] 
1 'identity operation'         1_555 x,y,z     1.0000000000 0.0000000000 0.0000000000  0.0000000000  0.0000000000 1.0000000000 0.0000000000  0.0000000000   0.0000000000  0.0000000000  1.0000000000  0.0000000000   
2 'crystal symmetry operation' 2_555 -y,x-y,z  0.1117631443 0.7389517135 0.6644240849  29.0241200722 0.7353434935 0.3882303460 -0.5554702017 -24.1207153403 -0.6684152498 0.5506610241  -0.4999934904 -12.3475489659 
3 'crystal symmetry operation' 3_555 -x+y,-x,z 0.1117631443 0.7353434935 -0.6684152498 6.2398941372  0.7389517135 0.3882303460 0.5506610241  -5.2837156388  0.6644240849  -0.5554702017 -0.4999934904 -38.8563571397 
# 
loop_
_struct_conn.id 
_struct_conn.conn_type_id 
_struct_conn.pdbx_leaving_atom_flag 
_struct_conn.pdbx_PDB_id 
_struct_conn.ptnr1_label_asym_id 
_struct_conn.ptnr1_label_comp_id 
_struct_conn.ptnr1_label_seq_id 
_struct_conn.ptnr1_label_atom_id 
_struct_conn.pdbx_ptnr1_label_alt_id 
_struct_conn.pdbx_ptnr1_PDB_ins_code 
_struct_conn.pdbx_ptnr1_standard_comp_id 
_struct_conn.ptnr1_symmetry 
_struct_conn.ptnr2_label_asym_id 
_struct_conn.ptnr2_label_comp_id 
_struct_conn.ptnr2_label_seq_id 
_struct_conn.ptnr2_label_atom_id 
_struct_conn.pdbx_ptnr2_label_alt_id 
_struct_conn.pdbx_ptnr2_PDB_ins_code 
_struct_conn.ptnr1_auth_asym_id 
_struct_conn.ptnr1_auth_comp_id 
_struct_conn.ptnr1_auth_seq_id 
_struct_conn.ptnr2_auth_asym_id 
_struct_conn.ptnr2_auth_comp_id 
_struct_conn.ptnr2_auth_seq_id 
_struct_conn.ptnr2_symmetry 
_struct_conn.pdbx_ptnr3_label_atom_id 
_struct_conn.pdbx_ptnr3_label_seq_id 
_struct_conn.pdbx_ptnr3_label_comp_id 
_struct_conn.pdbx_ptnr3_label_asym_id 
_struct_conn.pdbx_ptnr3_label_alt_id 
_struct_conn.pdbx_ptnr3_PDB_ins_code 
_struct_conn.details 
_struct_conn.pdbx_dist_value 
_struct_conn.pdbx_value_order 
_struct_conn.pdbx_role 
hydrog1  hydrog ? ? A DA 3  N1 ? ? ? 1_555 B DA 14 N6 ? ? A DA 3  B DA 20 1_555 ? ? ? ? ? ? 'DA-DA MISPAIR' ? ? ? 
hydrog2  hydrog ? ? A DA 3  N1 ? ? ? 1_555 B DT 15 N3 ? ? A DA 3  B DT 21 1_555 ? ? ? ? ? ? 'DA-DT PAIR'    ? ? ? 
hydrog3  hydrog ? ? A DT 4  N3 ? ? ? 1_555 B DA 14 N1 ? ? A DT 4  B DA 20 1_555 ? ? ? ? ? ? WATSON-CRICK    ? ? ? 
hydrog4  hydrog ? ? A DT 4  O4 ? ? ? 1_555 B DA 14 N6 ? ? A DT 4  B DA 20 1_555 ? ? ? ? ? ? WATSON-CRICK    ? ? ? 
hydrog5  hydrog ? ? A DG 5  N1 ? ? ? 1_555 B DC 13 N3 ? ? A DG 5  B DC 19 1_555 ? ? ? ? ? ? WATSON-CRICK    ? ? ? 
hydrog6  hydrog ? ? A DG 5  N2 ? ? ? 1_555 B DC 13 O2 ? ? A DG 5  B DC 19 1_555 ? ? ? ? ? ? WATSON-CRICK    ? ? ? 
hydrog7  hydrog ? ? A DG 5  O6 ? ? ? 1_555 B DC 13 N4 ? ? A DG 5  B DC 19 1_555 ? ? ? ? ? ? WATSON-CRICK    ? ? ? 
hydrog8  hydrog ? ? A DC 6  N3 ? ? ? 1_555 B DG 12 N1 ? ? A DC 6  B DG 18 1_555 ? ? ? ? ? ? WATSON-CRICK    ? ? ? 
hydrog9  hydrog ? ? A DC 6  N4 ? ? ? 1_555 B DG 12 O6 ? ? A DC 6  B DG 18 1_555 ? ? ? ? ? ? WATSON-CRICK    ? ? ? 
hydrog10 hydrog ? ? A DC 6  O2 ? ? ? 1_555 B DG 12 N2 ? ? A DC 6  B DG 18 1_555 ? ? ? ? ? ? WATSON-CRICK    ? ? ? 
hydrog11 hydrog ? ? A DG 7  N1 ? ? ? 1_555 B DC 11 N3 ? ? A DG 7  B DC 17 1_555 ? ? ? ? ? ? WATSON-CRICK    ? ? ? 
hydrog12 hydrog ? ? A DG 7  N2 ? ? ? 1_555 B DC 11 O2 ? ? A DG 7  B DC 17 1_555 ? ? ? ? ? ? WATSON-CRICK    ? ? ? 
hydrog13 hydrog ? ? A DG 7  O6 ? ? ? 1_555 B DC 11 N4 ? ? A DG 7  B DC 17 1_555 ? ? ? ? ? ? WATSON-CRICK    ? ? ? 
hydrog14 hydrog ? ? A DT 8  N3 ? ? ? 1_555 B DA 10 N1 ? ? A DT 8  B DA 16 1_555 ? ? ? ? ? ? WATSON-CRICK    ? ? ? 
hydrog15 hydrog ? ? A DT 8  O4 ? ? ? 1_555 B DA 10 N6 ? ? A DT 8  B DA 16 1_555 ? ? ? ? ? ? WATSON-CRICK    ? ? ? 
hydrog16 hydrog ? ? A DA 9  N1 ? ? ? 1_555 B DT 9  N3 ? ? A DA 9  B DT 15 1_555 ? ? ? ? ? ? WATSON-CRICK    ? ? ? 
hydrog17 hydrog ? ? A DA 9  N6 ? ? ? 1_555 B DT 9  O4 ? ? A DA 9  B DT 15 1_555 ? ? ? ? ? ? WATSON-CRICK    ? ? ? 
hydrog18 hydrog ? ? A DG 10 N1 ? ? ? 1_555 B DC 8  N3 ? ? A DG 10 B DC 14 1_555 ? ? ? ? ? ? WATSON-CRICK    ? ? ? 
hydrog19 hydrog ? ? A DG 10 N2 ? ? ? 1_555 B DC 8  O2 ? ? A DG 10 B DC 14 1_555 ? ? ? ? ? ? WATSON-CRICK    ? ? ? 
hydrog20 hydrog ? ? A DG 10 O6 ? ? ? 1_555 B DC 8  N4 ? ? A DG 10 B DC 14 1_555 ? ? ? ? ? ? WATSON-CRICK    ? ? ? 
hydrog21 hydrog ? ? A DC 11 N3 ? ? ? 1_555 B DG 7  N1 ? ? A DC 11 B DG 13 1_555 ? ? ? ? ? ? WATSON-CRICK    ? ? ? 
hydrog22 hydrog ? ? A DC 11 N4 ? ? ? 1_555 B DG 7  O6 ? ? A DC 11 B DG 13 1_555 ? ? ? ? ? ? WATSON-CRICK    ? ? ? 
hydrog23 hydrog ? ? A DC 11 O2 ? ? ? 1_555 B DG 7  N2 ? ? A DC 11 B DG 13 1_555 ? ? ? ? ? ? WATSON-CRICK    ? ? ? 
hydrog24 hydrog ? ? A DT 12 O2 ? ? ? 1_555 B DG 7  N2 ? ? A DT 12 B DG 13 1_555 ? ? ? ? ? ? 'DT-DG MISPAIR' ? ? ? 
hydrog25 hydrog ? ? A DG 13 N1 ? ? ? 1_555 B DC 5  N3 ? ? A DG 13 B DC 11 1_555 ? ? ? ? ? ? WATSON-CRICK    ? ? ? 
hydrog26 hydrog ? ? A DG 13 N2 ? ? ? 1_555 B DC 5  O2 ? ? A DG 13 B DC 11 1_555 ? ? ? ? ? ? WATSON-CRICK    ? ? ? 
hydrog27 hydrog ? ? A DG 13 O6 ? ? ? 1_555 B DC 5  N4 ? ? A DG 13 B DC 11 1_555 ? ? ? ? ? ? WATSON-CRICK    ? ? ? 
hydrog28 hydrog ? ? A DT 14 N3 ? ? ? 1_555 B DA 4  N1 ? ? A DT 14 B DA 10 1_555 ? ? ? ? ? ? WATSON-CRICK    ? ? ? 
hydrog29 hydrog ? ? A DT 14 O4 ? ? ? 1_555 B DA 4  N6 ? ? A DT 14 B DA 10 1_555 ? ? ? ? ? ? WATSON-CRICK    ? ? ? 
hydrog30 hydrog ? ? B DC 1  N3 ? ? ? 1_555 C DG 6  N1 ? ? B DC 7  C DG 24 1_555 ? ? ? ? ? ? WATSON-CRICK    ? ? ? 
hydrog31 hydrog ? ? B DC 1  N4 ? ? ? 1_555 C DG 6  O6 ? ? B DC 7  C DG 24 1_555 ? ? ? ? ? ? WATSON-CRICK    ? ? ? 
hydrog32 hydrog ? ? B DC 1  O2 ? ? ? 1_555 C DG 6  N2 ? ? B DC 7  C DG 24 1_555 ? ? ? ? ? ? WATSON-CRICK    ? ? ? 
hydrog33 hydrog ? ? B DG 2  N1 ? ? ? 1_555 C DC 5  N3 ? ? B DG 8  C DC 23 1_555 ? ? ? ? ? ? WATSON-CRICK    ? ? ? 
hydrog34 hydrog ? ? B DG 2  N2 ? ? ? 1_555 C DC 5  O2 ? ? B DG 8  C DC 23 1_555 ? ? ? ? ? ? WATSON-CRICK    ? ? ? 
hydrog35 hydrog ? ? B DG 2  O6 ? ? ? 1_555 C DC 5  N4 ? ? B DG 8  C DC 23 1_555 ? ? ? ? ? ? WATSON-CRICK    ? ? ? 
hydrog36 hydrog ? ? B DG 3  N1 ? ? ? 1_555 C DC 4  N3 ? ? B DG 9  C DC 22 1_555 ? ? ? ? ? ? WATSON-CRICK    ? ? ? 
hydrog37 hydrog ? ? B DG 3  N2 ? ? ? 1_555 C DC 4  O2 ? ? B DG 9  C DC 22 1_555 ? ? ? ? ? ? WATSON-CRICK    ? ? ? 
hydrog38 hydrog ? ? B DG 3  O6 ? ? ? 1_555 C DC 4  N4 ? ? B DG 9  C DC 22 1_555 ? ? ? ? ? ? WATSON-CRICK    ? ? ? 
hydrog39 hydrog ? ? B DA 4  N1 ? ? ? 1_555 C DC 4  N4 ? ? B DA 10 C DC 22 1_555 ? ? ? ? ? ? 'DA-DC MISPAIR' ? ? ? 
hydrog40 hydrog ? ? C DA 1  N1 ? ? ? 1_555 D DT 5  N3 ? ? C DA 19 F DT 5  1_555 ? ? ? ? ? ? WATSON-CRICK    ? ? ? 
hydrog41 hydrog ? ? C DA 1  N6 ? ? ? 1_555 D DT 5  O4 ? ? C DA 19 F DT 5  1_555 ? ? ? ? ? ? WATSON-CRICK    ? ? ? 
hydrog42 hydrog ? ? C DC 2  N3 ? ? ? 1_555 D DG 4  N1 ? ? C DC 20 F DG 4  1_555 ? ? ? ? ? ? WATSON-CRICK    ? ? ? 
hydrog43 hydrog ? ? C DC 2  N4 ? ? ? 1_555 D DG 4  O6 ? ? C DC 20 F DG 4  1_555 ? ? ? ? ? ? WATSON-CRICK    ? ? ? 
hydrog44 hydrog ? ? C DC 2  O2 ? ? ? 1_555 D DG 4  N2 ? ? C DC 20 F DG 4  1_555 ? ? ? ? ? ? WATSON-CRICK    ? ? ? 
hydrog45 hydrog ? ? C DA 3  N1 ? ? ? 1_555 D DT 3  N3 ? ? C DA 21 F DT 3  1_555 ? ? ? ? ? ? WATSON-CRICK    ? ? ? 
hydrog46 hydrog ? ? C DA 3  N6 ? ? ? 1_555 D DT 3  O4 ? ? C DA 21 F DT 3  1_555 ? ? ? ? ? ? WATSON-CRICK    ? ? ? 
# 
_struct_conn_type.id          hydrog 
_struct_conn_type.criteria    ? 
_struct_conn_type.reference   ? 
# 
_pdbx_entry_details.entry_id                   9NJX 
_pdbx_entry_details.compound_details           ? 
_pdbx_entry_details.source_details             ? 
_pdbx_entry_details.nonpolymer_details         ? 
_pdbx_entry_details.sequence_details           ? 
_pdbx_entry_details.has_ligand_of_interest     ? 
_pdbx_entry_details.has_protein_modification   N 
# 
loop_
_space_group_symop.id 
_space_group_symop.operation_xyz 
1 x,y,z                 
2 -y,x-y,z              
3 -x+y,-x,z             
4 x+1/3,y+2/3,z+2/3     
5 -y+1/3,x-y+2/3,z+2/3  
6 -x+y+1/3,-x+2/3,z+2/3 
7 x+2/3,y+1/3,z+1/3     
8 -y+2/3,x-y+1/3,z+1/3  
9 -x+y+2/3,-x+1/3,z+1/3 
# 
loop_
_pdbx_refine_tls.id 
_pdbx_refine_tls.pdbx_refine_id 
_pdbx_refine_tls.details 
_pdbx_refine_tls.method 
_pdbx_refine_tls.origin_x 
_pdbx_refine_tls.origin_y 
_pdbx_refine_tls.origin_z 
_pdbx_refine_tls.T[1][1] 
_pdbx_refine_tls.T[1][1]_esd 
_pdbx_refine_tls.T[1][2] 
_pdbx_refine_tls.T[1][2]_esd 
_pdbx_refine_tls.T[1][3] 
_pdbx_refine_tls.T[1][3]_esd 
_pdbx_refine_tls.T[2][2] 
_pdbx_refine_tls.T[2][2]_esd 
_pdbx_refine_tls.T[2][3] 
_pdbx_refine_tls.T[2][3]_esd 
_pdbx_refine_tls.T[3][3] 
_pdbx_refine_tls.T[3][3]_esd 
_pdbx_refine_tls.L[1][1] 
_pdbx_refine_tls.L[1][1]_esd 
_pdbx_refine_tls.L[1][2] 
_pdbx_refine_tls.L[1][2]_esd 
_pdbx_refine_tls.L[1][3] 
_pdbx_refine_tls.L[1][3]_esd 
_pdbx_refine_tls.L[2][2] 
_pdbx_refine_tls.L[2][2]_esd 
_pdbx_refine_tls.L[2][3] 
_pdbx_refine_tls.L[2][3]_esd 
_pdbx_refine_tls.L[3][3] 
_pdbx_refine_tls.L[3][3]_esd 
_pdbx_refine_tls.S[1][1] 
_pdbx_refine_tls.S[1][1]_esd 
_pdbx_refine_tls.S[1][2] 
_pdbx_refine_tls.S[1][2]_esd 
_pdbx_refine_tls.S[1][3] 
_pdbx_refine_tls.S[1][3]_esd 
_pdbx_refine_tls.S[2][1] 
_pdbx_refine_tls.S[2][1]_esd 
_pdbx_refine_tls.S[2][2] 
_pdbx_refine_tls.S[2][2]_esd 
_pdbx_refine_tls.S[2][3] 
_pdbx_refine_tls.S[2][3]_esd 
_pdbx_refine_tls.S[3][1] 
_pdbx_refine_tls.S[3][1]_esd 
_pdbx_refine_tls.S[3][2] 
_pdbx_refine_tls.S[3][2]_esd 
_pdbx_refine_tls.S[3][3] 
_pdbx_refine_tls.S[3][3]_esd 
1 'X-RAY DIFFRACTION' ? refined 8.63717112031  -7.7291904165  3.915398709025 6.74725860556 ? 1.96572568059  ? -2.74306414369 ? 1.12701593337 ? 1.217748640510  ? 10.92530965448 ? 0.03045256376 ? -0.56713378398  ? 0.15809128182   ? 2.694880431471 ? -1.23710859930 ? 0.20989902556 ? -1.93136919861 ? -3.17126912154 ? -1.51895269919  ? 6.153635826446 ? 1.94073022640  ? 1.88032139309  ? -1.69917270290  ? -2.83539484109 ? -0.75020992005  ? 
2 'X-RAY DIFFRACTION' ? refined 5.5526348099   -0.0877754144  3.44909607644  6.14062019962 ? 2.32034351403  ? -0.92305554371 ? 3.18329185875 ? 2.21281800894   ? 7.75091813841  ? 1.10347822724 ? -1.157680775826 ? 1.07401799640   ? 11.59492636257 ? 2.26137211852  ? 1.03997039617 ? -1.62931536662 ? -1.23358362747 ? -2.965694145828 ? -3.07432556777 ? -0.98976665461 ? 4.4049559057   ? 3.21041326633   ? 1.324107583    ? 2.71176947136   ? 
3 'X-RAY DIFFRACTION' ? refined -12.7308030657 14.31506234734 -5.85603217458 3.75874172845 ? 0.961365637967 ? 0.023488493171 ? 4.53048797114 ? 1.233530728798  ? 3.49392168960  ? 1.14925072291 ? -1.45293360432  ? -0.64681697888  ? 7.45269243033  ? 4.41851441476  ? 3.51645409305 ? 0.42405313167  ? 3.76152344308  ? -0.34751146262  ? -0.29972085575 ? -3.59981310742 ? 2.053075358224 ? -4.476316126995 ? 3.21956610800  ? -0.369254254288 ? 
4 'X-RAY DIFFRACTION' ? refined -20.3319769677 2.22224856753  -11.4702575420 2.99283216209 ? 1.327963001590 ? 0.265688602496 ? 4.81431748660 ? -0.341112331205 ? 3.34682040804  ? 2.5439192030  ? 1.48718287642   ? -2.150017535903 ? 2.82308588564  ? 0.26205302423  ? 2.84607785117 ? -0.48466471956 ? 3.25293850095  ? -4.53443288165  ? 1.12021965706  ? 3.58105601918  ? -1.61754364903 ? 10.11202940849  ? 2.29471333893  ? -2.95324109740  ? 
# 
loop_
_pdbx_refine_tls_group.id 
_pdbx_refine_tls_group.pdbx_refine_id 
_pdbx_refine_tls_group.refine_tls_id 
_pdbx_refine_tls_group.beg_label_asym_id 
_pdbx_refine_tls_group.beg_label_seq_id 
_pdbx_refine_tls_group.beg_auth_asym_id 
_pdbx_refine_tls_group.beg_auth_seq_id 
_pdbx_refine_tls_group.beg_PDB_ins_code 
_pdbx_refine_tls_group.end_label_asym_id 
_pdbx_refine_tls_group.end_label_seq_id 
_pdbx_refine_tls_group.end_auth_asym_id 
_pdbx_refine_tls_group.end_auth_seq_id 
_pdbx_refine_tls_group.end_PDB_ins_code 
_pdbx_refine_tls_group.selection 
_pdbx_refine_tls_group.selection_details 
1 'X-RAY DIFFRACTION' 1 A ? A 1  ? A ? A 14 ? ? 
;chain 'A' and (resid 1 through 14 )
;
2 'X-RAY DIFFRACTION' 2 B ? B 7  ? B ? B 21 ? ? 
;chain 'B' and (resid 7 through 21 )
;
3 'X-RAY DIFFRACTION' 3 C ? C 19 ? C ? C 25 ? ? 
;chain 'C' and (resid 19 through 25 )
;
4 'X-RAY DIFFRACTION' 4 D ? F 1  ? D ? F 6  ? ? 
;chain 'F' and (resid 1 through 6 )
;
# 
loop_
_chem_comp_atom.comp_id 
_chem_comp_atom.atom_id 
_chem_comp_atom.type_symbol 
_chem_comp_atom.pdbx_aromatic_flag 
_chem_comp_atom.pdbx_stereo_config 
_chem_comp_atom.pdbx_ordinal 
DA OP3    O N N 1   
DA P      P N N 2   
DA OP1    O N N 3   
DA OP2    O N N 4   
DA "O5'"  O N N 5   
DA "C5'"  C N N 6   
DA "C4'"  C N R 7   
DA "O4'"  O N N 8   
DA "C3'"  C N S 9   
DA "O3'"  O N N 10  
DA "C2'"  C N N 11  
DA "C1'"  C N R 12  
DA N9     N Y N 13  
DA C8     C Y N 14  
DA N7     N Y N 15  
DA C5     C Y N 16  
DA C6     C Y N 17  
DA N6     N N N 18  
DA N1     N Y N 19  
DA C2     C Y N 20  
DA N3     N Y N 21  
DA C4     C Y N 22  
DA HOP3   H N N 23  
DA HOP2   H N N 24  
DA "H5'"  H N N 25  
DA "H5''" H N N 26  
DA "H4'"  H N N 27  
DA "H3'"  H N N 28  
DA "HO3'" H N N 29  
DA "H2'"  H N N 30  
DA "H2''" H N N 31  
DA "H1'"  H N N 32  
DA H8     H N N 33  
DA H61    H N N 34  
DA H62    H N N 35  
DA H2     H N N 36  
DC OP3    O N N 37  
DC P      P N N 38  
DC OP1    O N N 39  
DC OP2    O N N 40  
DC "O5'"  O N N 41  
DC "C5'"  C N N 42  
DC "C4'"  C N R 43  
DC "O4'"  O N N 44  
DC "C3'"  C N S 45  
DC "O3'"  O N N 46  
DC "C2'"  C N N 47  
DC "C1'"  C N R 48  
DC N1     N N N 49  
DC C2     C N N 50  
DC O2     O N N 51  
DC N3     N N N 52  
DC C4     C N N 53  
DC N4     N N N 54  
DC C5     C N N 55  
DC C6     C N N 56  
DC HOP3   H N N 57  
DC HOP2   H N N 58  
DC "H5'"  H N N 59  
DC "H5''" H N N 60  
DC "H4'"  H N N 61  
DC "H3'"  H N N 62  
DC "HO3'" H N N 63  
DC "H2'"  H N N 64  
DC "H2''" H N N 65  
DC "H1'"  H N N 66  
DC H41    H N N 67  
DC H42    H N N 68  
DC H5     H N N 69  
DC H6     H N N 70  
DG OP3    O N N 71  
DG P      P N N 72  
DG OP1    O N N 73  
DG OP2    O N N 74  
DG "O5'"  O N N 75  
DG "C5'"  C N N 76  
DG "C4'"  C N R 77  
DG "O4'"  O N N 78  
DG "C3'"  C N S 79  
DG "O3'"  O N N 80  
DG "C2'"  C N N 81  
DG "C1'"  C N R 82  
DG N9     N Y N 83  
DG C8     C Y N 84  
DG N7     N Y N 85  
DG C5     C Y N 86  
DG C6     C N N 87  
DG O6     O N N 88  
DG N1     N N N 89  
DG C2     C N N 90  
DG N2     N N N 91  
DG N3     N N N 92  
DG C4     C Y N 93  
DG HOP3   H N N 94  
DG HOP2   H N N 95  
DG "H5'"  H N N 96  
DG "H5''" H N N 97  
DG "H4'"  H N N 98  
DG "H3'"  H N N 99  
DG "HO3'" H N N 100 
DG "H2'"  H N N 101 
DG "H2''" H N N 102 
DG "H1'"  H N N 103 
DG H8     H N N 104 
DG H1     H N N 105 
DG H21    H N N 106 
DG H22    H N N 107 
DT OP3    O N N 108 
DT P      P N N 109 
DT OP1    O N N 110 
DT OP2    O N N 111 
DT "O5'"  O N N 112 
DT "C5'"  C N N 113 
DT "C4'"  C N R 114 
DT "O4'"  O N N 115 
DT "C3'"  C N S 116 
DT "O3'"  O N N 117 
DT "C2'"  C N N 118 
DT "C1'"  C N R 119 
DT N1     N N N 120 
DT C2     C N N 121 
DT O2     O N N 122 
DT N3     N N N 123 
DT C4     C N N 124 
DT O4     O N N 125 
DT C5     C N N 126 
DT C7     C N N 127 
DT C6     C N N 128 
DT HOP3   H N N 129 
DT HOP2   H N N 130 
DT "H5'"  H N N 131 
DT "H5''" H N N 132 
DT "H4'"  H N N 133 
DT "H3'"  H N N 134 
DT "HO3'" H N N 135 
DT "H2'"  H N N 136 
DT "H2''" H N N 137 
DT "H1'"  H N N 138 
DT H3     H N N 139 
DT H71    H N N 140 
DT H72    H N N 141 
DT H73    H N N 142 
DT H6     H N N 143 
# 
loop_
_chem_comp_bond.comp_id 
_chem_comp_bond.atom_id_1 
_chem_comp_bond.atom_id_2 
_chem_comp_bond.value_order 
_chem_comp_bond.pdbx_aromatic_flag 
_chem_comp_bond.pdbx_stereo_config 
_chem_comp_bond.pdbx_ordinal 
DA OP3   P      sing N N 1   
DA OP3   HOP3   sing N N 2   
DA P     OP1    doub N N 3   
DA P     OP2    sing N N 4   
DA P     "O5'"  sing N N 5   
DA OP2   HOP2   sing N N 6   
DA "O5'" "C5'"  sing N N 7   
DA "C5'" "C4'"  sing N N 8   
DA "C5'" "H5'"  sing N N 9   
DA "C5'" "H5''" sing N N 10  
DA "C4'" "O4'"  sing N N 11  
DA "C4'" "C3'"  sing N N 12  
DA "C4'" "H4'"  sing N N 13  
DA "O4'" "C1'"  sing N N 14  
DA "C3'" "O3'"  sing N N 15  
DA "C3'" "C2'"  sing N N 16  
DA "C3'" "H3'"  sing N N 17  
DA "O3'" "HO3'" sing N N 18  
DA "C2'" "C1'"  sing N N 19  
DA "C2'" "H2'"  sing N N 20  
DA "C2'" "H2''" sing N N 21  
DA "C1'" N9     sing N N 22  
DA "C1'" "H1'"  sing N N 23  
DA N9    C8     sing Y N 24  
DA N9    C4     sing Y N 25  
DA C8    N7     doub Y N 26  
DA C8    H8     sing N N 27  
DA N7    C5     sing Y N 28  
DA C5    C6     sing Y N 29  
DA C5    C4     doub Y N 30  
DA C6    N6     sing N N 31  
DA C6    N1     doub Y N 32  
DA N6    H61    sing N N 33  
DA N6    H62    sing N N 34  
DA N1    C2     sing Y N 35  
DA C2    N3     doub Y N 36  
DA C2    H2     sing N N 37  
DA N3    C4     sing Y N 38  
DC OP3   P      sing N N 39  
DC OP3   HOP3   sing N N 40  
DC P     OP1    doub N N 41  
DC P     OP2    sing N N 42  
DC P     "O5'"  sing N N 43  
DC OP2   HOP2   sing N N 44  
DC "O5'" "C5'"  sing N N 45  
DC "C5'" "C4'"  sing N N 46  
DC "C5'" "H5'"  sing N N 47  
DC "C5'" "H5''" sing N N 48  
DC "C4'" "O4'"  sing N N 49  
DC "C4'" "C3'"  sing N N 50  
DC "C4'" "H4'"  sing N N 51  
DC "O4'" "C1'"  sing N N 52  
DC "C3'" "O3'"  sing N N 53  
DC "C3'" "C2'"  sing N N 54  
DC "C3'" "H3'"  sing N N 55  
DC "O3'" "HO3'" sing N N 56  
DC "C2'" "C1'"  sing N N 57  
DC "C2'" "H2'"  sing N N 58  
DC "C2'" "H2''" sing N N 59  
DC "C1'" N1     sing N N 60  
DC "C1'" "H1'"  sing N N 61  
DC N1    C2     sing N N 62  
DC N1    C6     sing N N 63  
DC C2    O2     doub N N 64  
DC C2    N3     sing N N 65  
DC N3    C4     doub N N 66  
DC C4    N4     sing N N 67  
DC C4    C5     sing N N 68  
DC N4    H41    sing N N 69  
DC N4    H42    sing N N 70  
DC C5    C6     doub N N 71  
DC C5    H5     sing N N 72  
DC C6    H6     sing N N 73  
DG OP3   P      sing N N 74  
DG OP3   HOP3   sing N N 75  
DG P     OP1    doub N N 76  
DG P     OP2    sing N N 77  
DG P     "O5'"  sing N N 78  
DG OP2   HOP2   sing N N 79  
DG "O5'" "C5'"  sing N N 80  
DG "C5'" "C4'"  sing N N 81  
DG "C5'" "H5'"  sing N N 82  
DG "C5'" "H5''" sing N N 83  
DG "C4'" "O4'"  sing N N 84  
DG "C4'" "C3'"  sing N N 85  
DG "C4'" "H4'"  sing N N 86  
DG "O4'" "C1'"  sing N N 87  
DG "C3'" "O3'"  sing N N 88  
DG "C3'" "C2'"  sing N N 89  
DG "C3'" "H3'"  sing N N 90  
DG "O3'" "HO3'" sing N N 91  
DG "C2'" "C1'"  sing N N 92  
DG "C2'" "H2'"  sing N N 93  
DG "C2'" "H2''" sing N N 94  
DG "C1'" N9     sing N N 95  
DG "C1'" "H1'"  sing N N 96  
DG N9    C8     sing Y N 97  
DG N9    C4     sing Y N 98  
DG C8    N7     doub Y N 99  
DG C8    H8     sing N N 100 
DG N7    C5     sing Y N 101 
DG C5    C6     sing N N 102 
DG C5    C4     doub Y N 103 
DG C6    O6     doub N N 104 
DG C6    N1     sing N N 105 
DG N1    C2     sing N N 106 
DG N1    H1     sing N N 107 
DG C2    N2     sing N N 108 
DG C2    N3     doub N N 109 
DG N2    H21    sing N N 110 
DG N2    H22    sing N N 111 
DG N3    C4     sing N N 112 
DT OP3   P      sing N N 113 
DT OP3   HOP3   sing N N 114 
DT P     OP1    doub N N 115 
DT P     OP2    sing N N 116 
DT P     "O5'"  sing N N 117 
DT OP2   HOP2   sing N N 118 
DT "O5'" "C5'"  sing N N 119 
DT "C5'" "C4'"  sing N N 120 
DT "C5'" "H5'"  sing N N 121 
DT "C5'" "H5''" sing N N 122 
DT "C4'" "O4'"  sing N N 123 
DT "C4'" "C3'"  sing N N 124 
DT "C4'" "H4'"  sing N N 125 
DT "O4'" "C1'"  sing N N 126 
DT "C3'" "O3'"  sing N N 127 
DT "C3'" "C2'"  sing N N 128 
DT "C3'" "H3'"  sing N N 129 
DT "O3'" "HO3'" sing N N 130 
DT "C2'" "C1'"  sing N N 131 
DT "C2'" "H2'"  sing N N 132 
DT "C2'" "H2''" sing N N 133 
DT "C1'" N1     sing N N 134 
DT "C1'" "H1'"  sing N N 135 
DT N1    C2     sing N N 136 
DT N1    C6     sing N N 137 
DT C2    O2     doub N N 138 
DT C2    N3     sing N N 139 
DT N3    C4     sing N N 140 
DT N3    H3     sing N N 141 
DT C4    O4     doub N N 142 
DT C4    C5     sing N N 143 
DT C5    C7     sing N N 144 
DT C5    C6     doub N N 145 
DT C7    H71    sing N N 146 
DT C7    H72    sing N N 147 
DT C7    H73    sing N N 148 
DT C6    H6     sing N N 149 
# 
loop_
_ndb_struct_conf_na.entry_id 
_ndb_struct_conf_na.feature 
9NJX 'double helix'        
9NJX 'a-form double helix' 
9NJX 'b-form double helix' 
# 
loop_
_ndb_struct_na_base_pair.model_number 
_ndb_struct_na_base_pair.i_label_asym_id 
_ndb_struct_na_base_pair.i_label_comp_id 
_ndb_struct_na_base_pair.i_label_seq_id 
_ndb_struct_na_base_pair.i_symmetry 
_ndb_struct_na_base_pair.j_label_asym_id 
_ndb_struct_na_base_pair.j_label_comp_id 
_ndb_struct_na_base_pair.j_label_seq_id 
_ndb_struct_na_base_pair.j_symmetry 
_ndb_struct_na_base_pair.shear 
_ndb_struct_na_base_pair.stretch 
_ndb_struct_na_base_pair.stagger 
_ndb_struct_na_base_pair.buckle 
_ndb_struct_na_base_pair.propeller 
_ndb_struct_na_base_pair.opening 
_ndb_struct_na_base_pair.pair_number 
_ndb_struct_na_base_pair.pair_name 
_ndb_struct_na_base_pair.i_auth_asym_id 
_ndb_struct_na_base_pair.i_auth_seq_id 
_ndb_struct_na_base_pair.i_PDB_ins_code 
_ndb_struct_na_base_pair.j_auth_asym_id 
_ndb_struct_na_base_pair.j_auth_seq_id 
_ndb_struct_na_base_pair.j_PDB_ins_code 
_ndb_struct_na_base_pair.hbond_type_28 
_ndb_struct_na_base_pair.hbond_type_12 
1 A DA 3  1_555 B DT 15 1_555 -0.415 0.420  1.165  7.489   -1.433 13.649 1  A_DA3:DT21_B  A 3  ? B 21 ? ?  1 
1 A DT 4  1_555 B DA 14 1_555 -0.135 -0.195 0.877  3.234   -4.965 -1.452 2  A_DT4:DA20_B  A 4  ? B 20 ? 20 1 
1 A DG 5  1_555 B DC 13 1_555 -0.205 -0.129 -0.124 3.300   -0.577 -0.554 3  A_DG5:DC19_B  A 5  ? B 19 ? 19 1 
1 A DC 6  1_555 B DG 12 1_555 0.185  -0.237 -0.558 -0.795  3.835  -0.961 4  A_DC6:DG18_B  A 6  ? B 18 ? 19 1 
1 A DG 7  1_555 B DC 11 1_555 -0.187 -0.181 -0.751 -7.316  4.615  -3.091 5  A_DG7:DC17_B  A 7  ? B 17 ? 19 1 
1 A DT 8  1_555 B DA 10 1_555 -0.139 -0.122 -0.219 -1.099  7.147  -0.197 6  A_DT8:DA16_B  A 8  ? B 16 ? 20 1 
1 A DA 9  1_555 B DT 9  1_555 0.178  -0.161 -1.060 -11.902 -7.760 -4.306 7  A_DA9:DT15_B  A 9  ? B 15 ? 20 1 
1 A DG 10 1_555 B DC 8  1_555 -0.157 -0.411 -1.492 -7.991  -2.802 1.432  8  A_DG10:DC14_B A 10 ? B 14 ? 19 1 
1 A DC 11 1_555 B DG 7  1_555 0.161  -0.371 -1.372 6.520   -5.020 1.289  9  A_DC11:DG13_B A 11 ? B 13 ? 19 1 
1 A DG 13 1_555 B DC 5  1_555 -0.140 -0.279 -1.149 -8.388  -1.168 -0.853 10 A_DG13:DC11_B A 13 ? B 11 ? 19 1 
1 A DT 14 1_555 B DA 4  1_555 -0.173 -0.409 -1.340 3.093   2.783  -7.349 11 A_DT14:DA10_B A 14 ? B 10 ? 20 1 
1 C DC 4  1_555 B DG 3  1_555 0.012  -0.358 -1.375 12.703  6.541  -2.504 12 C_DC22:DG9_B  C 22 ? B 9  ? 19 1 
1 C DC 5  1_555 B DG 2  1_555 0.181  -0.192 -0.317 -4.134  -2.956 -1.083 13 C_DC23:DG8_B  C 23 ? B 8  ? 19 1 
1 C DG 6  1_555 B DC 1  1_555 -0.178 -0.203 0.726  2.449   -1.509 -0.452 14 C_DG24:DC7_B  C 24 ? B 7  ? 19 1 
1 C DA 1  1_555 D DT 5  1_555 0.062  -0.045 -0.047 -7.570  -1.599 -0.127 15 C_DA19:DT5_F  C 19 ? F 5  ? 20 1 
1 C DC 2  1_555 D DG 4  1_555 0.169  -0.195 0.831  -3.377  2.990  1.291  16 C_DC20:DG4_F  C 20 ? F 4  ? 19 1 
1 C DA 3  1_555 D DT 3  1_555 0.162  -0.049 0.008  -10.082 -8.985 -5.377 17 C_DA21:DT3_F  C 21 ? F 3  ? 20 1 
# 
loop_
_ndb_struct_na_base_pair_step.model_number 
_ndb_struct_na_base_pair_step.i_label_asym_id_1 
_ndb_struct_na_base_pair_step.i_label_comp_id_1 
_ndb_struct_na_base_pair_step.i_label_seq_id_1 
_ndb_struct_na_base_pair_step.i_symmetry_1 
_ndb_struct_na_base_pair_step.j_label_asym_id_1 
_ndb_struct_na_base_pair_step.j_label_comp_id_1 
_ndb_struct_na_base_pair_step.j_label_seq_id_1 
_ndb_struct_na_base_pair_step.j_symmetry_1 
_ndb_struct_na_base_pair_step.i_label_asym_id_2 
_ndb_struct_na_base_pair_step.i_label_comp_id_2 
_ndb_struct_na_base_pair_step.i_label_seq_id_2 
_ndb_struct_na_base_pair_step.i_symmetry_2 
_ndb_struct_na_base_pair_step.j_label_asym_id_2 
_ndb_struct_na_base_pair_step.j_label_comp_id_2 
_ndb_struct_na_base_pair_step.j_label_seq_id_2 
_ndb_struct_na_base_pair_step.j_symmetry_2 
_ndb_struct_na_base_pair_step.shift 
_ndb_struct_na_base_pair_step.slide 
_ndb_struct_na_base_pair_step.rise 
_ndb_struct_na_base_pair_step.tilt 
_ndb_struct_na_base_pair_step.roll 
_ndb_struct_na_base_pair_step.twist 
_ndb_struct_na_base_pair_step.x_displacement 
_ndb_struct_na_base_pair_step.y_displacement 
_ndb_struct_na_base_pair_step.helical_rise 
_ndb_struct_na_base_pair_step.inclination 
_ndb_struct_na_base_pair_step.tip 
_ndb_struct_na_base_pair_step.helical_twist 
_ndb_struct_na_base_pair_step.step_number 
_ndb_struct_na_base_pair_step.step_name 
_ndb_struct_na_base_pair_step.i_auth_asym_id_1 
_ndb_struct_na_base_pair_step.i_auth_seq_id_1 
_ndb_struct_na_base_pair_step.i_PDB_ins_code_1 
_ndb_struct_na_base_pair_step.j_auth_asym_id_1 
_ndb_struct_na_base_pair_step.j_auth_seq_id_1 
_ndb_struct_na_base_pair_step.j_PDB_ins_code_1 
_ndb_struct_na_base_pair_step.i_auth_asym_id_2 
_ndb_struct_na_base_pair_step.i_auth_seq_id_2 
_ndb_struct_na_base_pair_step.i_PDB_ins_code_2 
_ndb_struct_na_base_pair_step.j_auth_asym_id_2 
_ndb_struct_na_base_pair_step.j_auth_seq_id_2 
_ndb_struct_na_base_pair_step.j_PDB_ins_code_2 
1 A DA 3  1_555 B DT 15 1_555 A DT 4  1_555 B DA 14 1_555 -1.087 -0.682 3.428 0.280  -0.255 28.859 -1.309 2.246  3.424 -0.513 
-0.562  28.862 1  AA_DA3DT4:DA20DT21_BB   A 3  ? B 21 ? A 4  ? B 20 ? 
1 A DT 4  1_555 B DA 14 1_555 A DG 5  1_555 B DC 13 1_555 -0.136 -1.071 2.866 5.386  5.023  41.584 -1.929 0.662  2.687 7.009  
-7.516  42.203 2  AA_DT4DG5:DC19DA20_BB   A 4  ? B 20 ? A 5  ? B 19 ? 
1 A DG 5  1_555 B DC 13 1_555 A DC 6  1_555 B DG 12 1_555 -0.259 -1.635 3.291 3.184  0.655  30.168 -3.255 1.134  3.212 1.253  
-6.095  30.338 3  AA_DG5DC6:DG18DC19_BB   A 5  ? B 19 ? A 6  ? B 18 ? 
1 A DC 6  1_555 B DG 12 1_555 A DG 7  1_555 B DC 11 1_555 0.338  -0.499 3.506 7.762  8.078  39.790 -1.637 0.414  3.353 11.592 
-11.139 41.275 4  AA_DC6DG7:DC17DG18_BB   A 6  ? B 18 ? A 7  ? B 17 ? 
1 A DG 7  1_555 B DC 11 1_555 A DT 8  1_555 B DA 10 1_555 0.318  -0.417 3.315 -1.428 2.310  26.796 -1.490 -1.051 3.247 4.969  
3.072   26.931 5  AA_DG7DT8:DA16DC17_BB   A 7  ? B 17 ? A 8  ? B 16 ? 
1 A DT 8  1_555 B DA 10 1_555 A DA 9  1_555 B DT 9  1_555 -0.411 -0.706 3.547 4.372  14.469 33.845 -3.140 1.260  2.941 23.456 
-7.088  36.976 6  AA_DT8DA9:DT15DA16_BB   A 8  ? B 16 ? A 9  ? B 15 ? 
1 A DA 9  1_555 B DT 9  1_555 A DG 10 1_555 B DC 8  1_555 0.015  -0.327 3.576 -5.372 0.644  34.148 -0.659 -0.931 3.527 1.089  
9.078   34.561 7  AA_DA9DG10:DC14DT15_BB  A 9  ? B 15 ? A 10 ? B 14 ? 
1 A DG 10 1_555 B DC 8  1_555 A DC 11 1_555 B DG 7  1_555 0.377  0.058  2.774 -1.304 1.603  36.894 -0.091 -0.743 2.759 2.530  
2.059   36.950 8  AA_DG10DC11:DG13DC14_BB A 10 ? B 14 ? A 11 ? B 13 ? 
1 A DC 11 1_555 B DG 7  1_555 A DG 13 1_555 B DC 5  1_555 -0.146 2.103  7.133 -3.109 12.227 73.751 0.890  -0.094 7.358 10.116 
2.572   74.671 9  AA_DC11DG13:DC11DG13_BB A 11 ? B 13 ? A 13 ? B 11 ? 
1 A DG 13 1_555 B DC 5  1_555 A DT 14 1_555 B DA 4  1_555 -0.850 -0.454 2.925 0.889  2.093  27.893 -1.377 1.944  2.856 4.333  
-1.840  27.984 10 AA_DG13DT14:DA10DC11_BB A 13 ? B 11 ? A 14 ? B 10 ? 
1 A DT 14 1_555 B DA 4  1_555 C DC 4  1_555 B DG 3  1_555 0.000  0.252  2.999 1.991  11.799 46.708 -0.550 0.144  2.974 14.603 
-2.464  48.133 11 AC_DT14DC22:DG9DA10_BB  A 14 ? B 10 ? C 22 ? B 9  ? 
1 C DC 4  1_555 B DG 3  1_555 C DC 5  1_555 B DG 2  1_555 -0.660 -0.490 3.933 -5.486 -3.187 34.267 -0.225 0.080  4.016 -5.352 
9.212   34.832 12 CC_DC22DC23:DG8DG9_BB   C 22 ? B 9  ? C 23 ? B 8  ? 
1 C DC 5  1_555 B DG 2  1_555 C DG 6  1_555 B DC 1  1_555 0.953  0.194  3.722 -2.120 -1.319 29.516 0.694  -2.370 3.634 -2.583 
4.153   29.619 13 CC_DC23DG24:DC7DG8_BB   C 23 ? B 8  ? C 24 ? B 7  ? 
1 C DA 1  1_555 D DT 5  1_555 C DC 2  1_555 D DG 4  1_555 -0.193 -0.147 3.373 -3.644 -0.107 31.325 -0.250 -0.346 3.374 -0.198 
6.720   31.531 14 CC_DA19DC20:DG4DT5_FF   C 19 ? F 5  ? C 20 ? F 4  ? 
1 C DC 2  1_555 D DG 4  1_555 C DA 3  1_555 D DT 3  1_555 -0.469 -0.924 3.509 3.598  14.651 31.948 -3.725 1.314  2.769 24.954 
-6.129  35.247 15 CC_DC20DA21:DT3DG4_FF   C 20 ? F 4  ? C 21 ? F 3  ? 
# 
loop_
_pdbx_audit_support.funding_organization 
_pdbx_audit_support.country 
_pdbx_audit_support.grant_number 
_pdbx_audit_support.ordinal 
'Office of Naval Research (ONR)'                   'United States' N000141912596 1 
'Department of Energy (DOE, United States)'        'United States' DE-SC0007991  2 
'National Science Foundation (NSF, United States)' 'United States' CCF-2106790   3 
'National Science Foundation (NSF, United States)' 'United States' GCR-2317843   4 
# 
_pdbx_initial_refinement_model.id               1 
_pdbx_initial_refinement_model.entity_id_list   ? 
_pdbx_initial_refinement_model.type             'experimental model' 
_pdbx_initial_refinement_model.source_name      PDB 
_pdbx_initial_refinement_model.accession_code   8D93 
_pdbx_initial_refinement_model.details          'tensegrity triangle' 
# 
_space_group.name_H-M_alt     'H 3' 
_space_group.name_Hall        'H 3' 
_space_group.IT_number        146 
_space_group.crystal_system   trigonal 
_space_group.id               1 
# 
_atom_sites.entry_id                    9NJX 
_atom_sites.Cartn_transf_matrix[1][1]   ? 
_atom_sites.Cartn_transf_matrix[1][2]   ? 
_atom_sites.Cartn_transf_matrix[1][3]   ? 
_atom_sites.Cartn_transf_matrix[2][1]   ? 
_atom_sites.Cartn_transf_matrix[2][2]   ? 
_atom_sites.Cartn_transf_matrix[2][3]   ? 
_atom_sites.Cartn_transf_matrix[3][1]   ? 
_atom_sites.Cartn_transf_matrix[3][2]   ? 
_atom_sites.Cartn_transf_matrix[3][3]   ? 
_atom_sites.Cartn_transf_vector[1]      ? 
_atom_sites.Cartn_transf_vector[2]      ? 
_atom_sites.Cartn_transf_vector[3]      ? 
_atom_sites.Cartn_transform_axes        ? 
_atom_sites.fract_transf_matrix[1][1]   0.00580216 
_atom_sites.fract_transf_matrix[1][2]   -0.00483396 
_atom_sites.fract_transf_matrix[1][3]   -0.00691344 
_atom_sites.fract_transf_matrix[2][1]   -0.00171520 
_atom_sites.fract_transf_matrix[2][2]   0.00139639 
_atom_sites.fract_transf_matrix[2][3]   -0.00999726 
_atom_sites.fract_transf_matrix[3][1]   0.00937949 
_atom_sites.fract_transf_matrix[3][2]   0.01130187 
_atom_sites.fract_transf_matrix[3][3]   -0.00003060 
_atom_sites.fract_transf_vector[1]      -0.233581 
_atom_sites.fract_transf_vector[2]      -0.136785 
_atom_sites.fract_transf_vector[3]      -0.005874 
_atom_sites.solution_primary            ? 
_atom_sites.solution_secondary          ? 
_atom_sites.solution_hydrogens          ? 
_atom_sites.special_details             ? 
# 
loop_
_atom_type.symbol 
_atom_type.scat_dispersion_real 
_atom_type.scat_dispersion_imag 
_atom_type.scat_Cromer_Mann_a1 
_atom_type.scat_Cromer_Mann_a2 
_atom_type.scat_Cromer_Mann_a3 
_atom_type.scat_Cromer_Mann_a4 
_atom_type.scat_Cromer_Mann_b1 
_atom_type.scat_Cromer_Mann_b2 
_atom_type.scat_Cromer_Mann_b3 
_atom_type.scat_Cromer_Mann_b4 
_atom_type.scat_Cromer_Mann_c 
_atom_type.scat_source 
_atom_type.scat_dispersion_source 
C ? ? 5.96793  ? ? ? 14.89577 ? ? ? 0.0 
;1-Gaussian fit: Grosse-Kunstleve RW, Sauter NK, Adams PD: Newsletter of the IUCr Commission on Crystallographic Computing 2004, 3, 22-31.
;
? 
N ? ? 6.96715  ? ? ? 11.43723 ? ? ? 0.0 
;1-Gaussian fit: Grosse-Kunstleve RW, Sauter NK, Adams PD: Newsletter of the IUCr Commission on Crystallographic Computing 2004, 3, 22-31.
;
? 
O ? ? 7.96527  ? ? ? 9.05267  ? ? ? 0.0 
;1-Gaussian fit: Grosse-Kunstleve RW, Sauter NK, Adams PD: Newsletter of the IUCr Commission on Crystallographic Computing 2004, 3, 22-31.
;
? 
P ? ? 14.90797 ? ? ? 11.91318 ? ? ? 0.0 
;1-Gaussian fit: Grosse-Kunstleve RW, Sauter NK, Adams PD: Newsletter of the IUCr Commission on Crystallographic Computing 2004, 3, 22-31.
;
? 
# 
loop_
_atom_site.group_PDB 
_atom_site.id 
_atom_site.type_symbol 
_atom_site.label_atom_id 
_atom_site.label_alt_id 
_atom_site.label_comp_id 
_atom_site.label_asym_id 
_atom_site.label_entity_id 
_atom_site.label_seq_id 
_atom_site.pdbx_PDB_ins_code 
_atom_site.Cartn_x 
_atom_site.Cartn_y 
_atom_site.Cartn_z 
_atom_site.occupancy 
_atom_site.B_iso_or_equiv 
_atom_site.pdbx_formal_charge 
_atom_site.auth_seq_id 
_atom_site.auth_comp_id 
_atom_site.auth_asym_id 
_atom_site.auth_atom_id 
_atom_site.pdbx_PDB_model_num 
ATOM 1   O "O5'" . DG A 1 1  ? 25.76808  -21.28983 5.25609   1.000 497.37980 ? 1  DG A "O5'" 1 
ATOM 2   C "C5'" . DG A 1 1  ? 26.03181  -21.69488 3.91472   1.000 459.99446 ? 1  DG A "C5'" 1 
ATOM 3   C "C4'" . DG A 1 1  ? 24.76641  -22.19192 3.25025   1.000 462.23823 ? 1  DG A "C4'" 1 
ATOM 4   O "O4'" . DG A 1 1  ? 24.13941  -23.18821 4.10350   1.000 435.27774 ? 1  DG A "O4'" 1 
ATOM 5   C "C3'" . DG A 1 1  ? 23.71755  -21.10371 3.00297   1.000 465.25170 ? 1  DG A "C3'" 1 
ATOM 6   O "O3'" . DG A 1 1  ? 23.21947  -21.17310 1.67158   1.000 471.10471 ? 1  DG A "O3'" 1 
ATOM 7   C "C2'" . DG A 1 1  ? 22.63087  -21.40559 4.02429   1.000 445.29293 ? 1  DG A "C2'" 1 
ATOM 8   C "C1'" . DG A 1 1  ? 22.76931  -22.90592 4.22053   1.000 443.24238 ? 1  DG A "C1'" 1 
ATOM 9   N N9    . DG A 1 1  ? 22.30421  -23.32471 5.53190   1.000 449.52061 ? 1  DG A N9    1 
ATOM 10  C C8    . DG A 1 1  ? 22.75390  -22.87589 6.74879   1.000 455.38084 ? 1  DG A C8    1 
ATOM 11  N N7    . DG A 1 1  ? 22.12435  -23.40202 7.75833   1.000 463.09962 ? 1  DG A N7    1 
ATOM 12  C C5    . DG A 1 1  ? 21.18863  -24.24341 7.17282   1.000 462.24309 ? 1  DG A C5    1 
ATOM 13  C C6    . DG A 1 1  ? 20.21872  -25.07867 7.76580   1.000 468.38799 ? 1  DG A C6    1 
ATOM 14  O O6    . DG A 1 1  ? 19.98809  -25.24993 8.97026   1.000 476.32013 ? 1  DG A O6    1 
ATOM 15  N N1    . DG A 1 1  ? 19.47572  -25.76433 6.80954   1.000 464.42528 ? 1  DG A N1    1 
ATOM 16  C C2    . DG A 1 1  ? 19.64876  -25.65221 5.45001   1.000 455.73128 ? 1  DG A C2    1 
ATOM 17  N N2    . DG A 1 1  ? 18.83495  -26.39003 4.68433   1.000 452.88420 ? 1  DG A N2    1 
ATOM 18  N N3    . DG A 1 1  ? 20.55285  -24.87105 4.88240   1.000 450.16906 ? 1  DG A N3    1 
ATOM 19  C C4    . DG A 1 1  ? 21.28568  -24.20044 5.80093   1.000 453.81380 ? 1  DG A C4    1 
ATOM 20  P P     . DA A 1 2  ? 22.11493  -20.11471 1.17150   1.000 500.90852 ? 2  DA A P     1 
ATOM 21  O OP1   . DA A 1 2  ? 22.32988  -19.87950 -0.27432  1.000 516.05135 ? 2  DA A OP1   1 
ATOM 22  O OP2   . DA A 1 2  ? 22.15097  -18.96260 2.10033   1.000 458.28287 ? 2  DA A OP2   1 
ATOM 23  O "O5'" . DA A 1 2  ? 20.72324  -20.88560 1.37739   1.000 473.76368 ? 2  DA A "O5'" 1 
ATOM 24  C "C5'" . DA A 1 2  ? 20.46123  -22.08118 0.64653   1.000 469.13731 ? 2  DA A "C5'" 1 
ATOM 25  C "C4'" . DA A 1 2  ? 19.34205  -22.89450 1.28356   1.000 458.23374 ? 2  DA A "C4'" 1 
ATOM 26  O "O4'" . DA A 1 2  ? 19.58970  -23.05787 2.70375   1.000 441.88127 ? 2  DA A "O4'" 1 
ATOM 27  C "C3'" . DA A 1 2  ? 17.93007  -22.29765 1.15975   1.000 483.38613 ? 2  DA A "C3'" 1 
ATOM 28  O "O3'" . DA A 1 2  ? 17.03175  -23.29129 0.65631   1.000 508.49924 ? 2  DA A "O3'" 1 
ATOM 29  C "C2'" . DA A 1 2  ? 17.58203  -21.90172 2.59572   1.000 455.90417 ? 2  DA A "C2'" 1 
ATOM 30  C "C1'" . DA A 1 2  ? 18.36753  -22.93187 3.38464   1.000 449.90908 ? 2  DA A "C1'" 1 
ATOM 31  N N9    . DA A 1 2  ? 18.63297  -22.53643 4.76278   1.000 457.80028 ? 2  DA A N9    1 
ATOM 32  C C8    . DA A 1 2  ? 19.56958  -21.64390 5.20130   1.000 458.14789 ? 2  DA A C8    1 
ATOM 33  N N7    . DA A 1 2  ? 19.58312  -21.48725 6.50393   1.000 466.05164 ? 2  DA A N7    1 
ATOM 34  C C5    . DA A 1 2  ? 18.57740  -22.32970 6.94826   1.000 478.32606 ? 2  DA A C5    1 
ATOM 35  C C6    . DA A 1 2  ? 18.08170  -22.62189 8.23376   1.000 487.25349 ? 2  DA A C6    1 
ATOM 36  N N6    . DA A 1 2  ? 18.56071  -22.06538 9.35157   1.000 486.45022 ? 2  DA A N6    1 
ATOM 37  N N1    . DA A 1 2  ? 17.07037  -23.51180 8.32576   1.000 483.99731 ? 2  DA A N1    1 
ATOM 38  C C2    . DA A 1 2  ? 16.59340  -24.06528 7.20429   1.000 477.97430 ? 2  DA A C2    1 
ATOM 39  N N3    . DA A 1 2  ? 16.97835  -23.87110 5.94563   1.000 469.07294 ? 2  DA A N3    1 
ATOM 40  C C4    . DA A 1 2  ? 17.98218  -22.98288 5.88664   1.000 469.78746 ? 2  DA A C4    1 
ATOM 41  P P     . DA A 1 3  ? 15.45521  -22.99335 0.52343   1.000 524.97899 ? 3  DA A P     1 
ATOM 42  O OP1   . DA A 1 3  ? 14.94920  -23.81158 -0.60262  1.000 529.20751 ? 3  DA A OP1   1 
ATOM 43  O OP2   . DA A 1 3  ? 15.25443  -21.52451 0.51755   1.000 457.66106 ? 3  DA A OP2   1 
ATOM 44  O "O5'" . DA A 1 3  ? 14.83632  -23.57899 1.87972   1.000 483.08730 ? 3  DA A "O5'" 1 
ATOM 45  C "C5'" . DA A 1 3  ? 13.85172  -24.61305 1.83127   1.000 457.48390 ? 3  DA A "C5'" 1 
ATOM 46  C "C4'" . DA A 1 3  ? 12.63243  -24.24131 2.65952   1.000 469.40006 ? 3  DA A "C4'" 1 
ATOM 47  O "O4'" . DA A 1 3  ? 13.06639  -23.60880 3.89426   1.000 471.16769 ? 3  DA A "O4'" 1 
ATOM 48  C "C3'" . DA A 1 3  ? 11.67823  -23.24539 1.99892   1.000 491.09358 ? 3  DA A "C3'" 1 
ATOM 49  O "O3'" . DA A 1 3  ? 10.33543  -23.50567 2.40792   1.000 502.47600 ? 3  DA A "O3'" 1 
ATOM 50  C "C2'" . DA A 1 3  ? 12.17163  -21.91412 2.54449   1.000 476.32071 ? 3  DA A "C2'" 1 
ATOM 51  C "C1'" . DA A 1 3  ? 12.53067  -22.30340 3.96891   1.000 487.31864 ? 3  DA A "C1'" 1 
ATOM 52  N N9    . DA A 1 3  ? 13.51684  -21.41731 4.57691   1.000 483.26461 ? 3  DA A N9    1 
ATOM 53  C C8    . DA A 1 3  ? 14.50506  -20.71974 3.93826   1.000 470.24538 ? 3  DA A C8    1 
ATOM 54  N N7    . DA A 1 3  ? 15.23853  -19.98645 4.74267   1.000 484.91869 ? 3  DA A N7    1 
ATOM 55  C C5    . DA A 1 3  ? 14.69326  -20.22142 5.99519   1.000 500.78365 ? 3  DA A C5    1 
ATOM 56  C C6    . DA A 1 3  ? 15.02034  -19.74271 7.28054   1.000 523.93674 ? 3  DA A C6    1 
ATOM 57  N N6    . DA A 1 3  ? 16.02292  -18.88986 7.51751   1.000 535.05542 ? 3  DA A N6    1 
ATOM 58  N N1    . DA A 1 3  ? 14.27303  -20.17723 8.31729   1.000 541.42028 ? 3  DA A N1    1 
ATOM 59  C C2    . DA A 1 3  ? 13.27041  -21.03109 8.07858   1.000 532.39596 ? 3  DA A C2    1 
ATOM 60  N N3    . DA A 1 3  ? 12.86972  -21.54886 6.91945   1.000 518.83302 ? 3  DA A N3    1 
ATOM 61  C C4    . DA A 1 3  ? 13.62977  -21.09965 5.90855   1.000 500.24009 ? 3  DA A C4    1 
ATOM 62  P P     . DT A 1 4  ? 9.09707   -22.89006 1.58410   1.000 558.59471 ? 4  DT A P     1 
ATOM 63  O OP1   . DT A 1 4  ? 8.86938   -23.76498 0.41252   1.000 575.81422 ? 4  DT A OP1   1 
ATOM 64  O OP2   . DT A 1 4  ? 9.32901   -21.43932 1.38665   1.000 505.88642 ? 4  DT A OP2   1 
ATOM 65  O "O5'" . DT A 1 4  ? 7.85502   -23.05144 2.58060   1.000 564.71655 ? 4  DT A "O5'" 1 
ATOM 66  C "C5'" . DT A 1 4  ? 7.15929   -21.89722 3.05093   1.000 571.09813 ? 4  DT A "C5'" 1 
ATOM 67  C "C4'" . DT A 1 4  ? 7.28804   -21.76671 4.55902   1.000 567.65248 ? 4  DT A "C4'" 1 
ATOM 68  O "O4'" . DT A 1 4  ? 8.64601   -21.43658 4.89683   1.000 536.94886 ? 4  DT A "O4'" 1 
ATOM 69  C "C3'" . DT A 1 4  ? 6.46279   -20.65031 5.18357   1.000 568.41286 ? 4  DT A "C3'" 1 
ATOM 70  O "O3'" . DT A 1 4  ? 5.17424   -21.13616 5.55960   1.000 594.06232 ? 4  DT A "O3'" 1 
ATOM 71  C "C2'" . DT A 1 4  ? 7.28088   -20.24142 6.41768   1.000 552.18393 ? 4  DT A "C2'" 1 
ATOM 72  C "C1'" . DT A 1 4  ? 8.65684   -20.87938 6.18972   1.000 538.83854 ? 4  DT A "C1'" 1 
ATOM 73  N N1    . DT A 1 4  ? 9.79012   -19.90768 6.29405   1.000 519.49740 ? 4  DT A N1    1 
ATOM 74  C C2    . DT A 1 4  ? 10.12977  -19.39861 7.52920   1.000 523.22067 ? 4  DT A C2    1 
ATOM 75  O O2    . DT A 1 4  ? 9.54498   -19.69028 8.55643   1.000 535.92658 ? 4  DT A O2    1 
ATOM 76  N N3    . DT A 1 4  ? 11.17705  -18.51592 7.51935   1.000 517.39023 ? 4  DT A N3    1 
ATOM 77  C C4    . DT A 1 4  ? 11.90981  -18.10580 6.42173   1.000 537.80326 ? 4  DT A C4    1 
ATOM 78  O O4    . DT A 1 4  ? 12.83948  -17.31010 6.51641   1.000 563.89721 ? 4  DT A O4    1 
ATOM 79  C C5    . DT A 1 4  ? 11.50612  -18.68213 5.15729   1.000 530.92168 ? 4  DT A C5    1 
ATOM 80  C C7    . DT A 1 4  ? 12.22560  -18.31229 3.89473   1.000 559.91866 ? 4  DT A C7    1 
ATOM 81  C C6    . DT A 1 4  ? 10.47819  -19.54473 5.15591   1.000 506.88514 ? 4  DT A C6    1 
ATOM 82  P P     . DG A 1 5  ? 3.99544   -20.10501 5.93143   1.000 603.81017 ? 5  DG A P     1 
ATOM 83  O OP1   . DG A 1 5  ? 2.73949   -20.88287 6.01937   1.000 568.86955 ? 5  DG A OP1   1 
ATOM 84  O OP2   . DG A 1 5  ? 4.08733   -18.96445 4.99392   1.000 551.48790 ? 5  DG A OP2   1 
ATOM 85  O "O5'" . DG A 1 5  ? 4.37951   -19.57324 7.39638   1.000 572.91760 ? 5  DG A "O5'" 1 
ATOM 86  C "C5'" . DG A 1 5  ? 3.86700   -18.32189 7.86448   1.000 547.41073 ? 5  DG A "C5'" 1 
ATOM 87  C "C4'" . DG A 1 5  ? 4.18203   -18.11527 9.34004   1.000 559.09773 ? 5  DG A "C4'" 1 
ATOM 88  O "O4'" . DG A 1 5  ? 5.51387   -18.60991 9.62389   1.000 555.18520 ? 5  DG A "O4'" 1 
ATOM 89  C "C3'" . DG A 1 5  ? 4.14465   -16.66153 9.80399   1.000 563.98621 ? 5  DG A "C3'" 1 
ATOM 90  O "O3'" . DG A 1 5  ? 2.89192   -16.39355 10.44126  1.000 575.41718 ? 5  DG A "O3'" 1 
ATOM 91  C "C2'" . DG A 1 5  ? 5.30137   -16.55930 10.79950  1.000 567.31525 ? 5  DG A "C2'" 1 
ATOM 92  C "C1'" . DG A 1 5  ? 6.26153   -17.65800 10.35107  1.000 558.77891 ? 5  DG A "C1'" 1 
ATOM 93  N N9    . DG A 1 5  ? 7.36179   -17.19551 9.50547   1.000 546.60409 ? 5  DG A N9    1 
ATOM 94  C C8    . DG A 1 5  ? 7.50640   -17.41647 8.15821   1.000 534.32817 ? 5  DG A C8    1 
ATOM 95  N N7    . DG A 1 5  ? 8.59152   -16.90051 7.65852   1.000 525.32289 ? 5  DG A N7    1 
ATOM 96  C C5    . DG A 1 5  ? 9.21782   -16.30764 8.74408   1.000 532.00097 ? 5  DG A C5    1 
ATOM 97  C C6    . DG A 1 5  ? 10.43426  -15.59356 8.80914   1.000 527.42487 ? 5  DG A C6    1 
ATOM 98  O O6    . DG A 1 5  ? 11.22071  -15.34170 7.88759   1.000 521.43553 ? 5  DG A O6    1 
ATOM 99  N N1    . DG A 1 5  ? 10.70421  -15.15058 10.09995  1.000 537.54237 ? 5  DG A N1    1 
ATOM 100 C C2    . DG A 1 5  ? 9.89902   -15.37029 11.19343  1.000 550.49594 ? 5  DG A C2    1 
ATOM 101 N N2    . DG A 1 5  ? 10.32549  -14.86785 12.36071  1.000 558.58598 ? 5  DG A N2    1 
ATOM 102 N N3    . DG A 1 5  ? 8.75209   -16.04114 11.14593  1.000 554.92684 ? 5  DG A N3    1 
ATOM 103 C C4    . DG A 1 5  ? 8.47641   -16.48118 9.89262   1.000 545.14492 ? 5  DG A C4    1 
ATOM 104 P P     . DC A 1 6  ? 2.23093   -14.92835 10.37380  1.000 609.14028 ? 6  DC A P     1 
ATOM 105 O OP1   . DC A 1 6  ? 0.96387   -14.98292 11.13847  1.000 598.96772 ? 6  DC A OP1   1 
ATOM 106 O OP2   . DC A 1 6  ? 2.21078   -14.50101 8.95796   1.000 570.19987 ? 6  DC A OP2   1 
ATOM 107 O "O5'" . DC A 1 6  ? 3.26597   -13.99689 11.16560  1.000 584.31832 ? 6  DC A "O5'" 1 
ATOM 108 C "C5'" . DC A 1 6  ? 3.36765   -14.09594 12.58297  1.000 592.50662 ? 6  DC A "C5'" 1 
ATOM 109 C "C4'" . DC A 1 6  ? 4.59312   -13.35983 13.10333  1.000 591.64628 ? 6  DC A "C4'" 1 
ATOM 110 O "O4'" . DC A 1 6  ? 5.78686   -13.91014 12.51146  1.000 580.79718 ? 6  DC A "O4'" 1 
ATOM 111 C "C3'" . DC A 1 6  ? 4.66553   -11.88869 12.75392  1.000 588.63883 ? 6  DC A "C3'" 1 
ATOM 112 O "O3'" . DC A 1 6  ? 3.89292   -11.12617 13.66760  1.000 600.55326 ? 6  DC A "O3'" 1 
ATOM 113 C "C2'" . DC A 1 6  ? 6.15587   -11.59782 12.91742  1.000 583.40935 ? 6  DC A "C2'" 1 
ATOM 114 C "C1'" . DC A 1 6  ? 6.81128   -12.93173 12.55484  1.000 576.84249 ? 6  DC A "C1'" 1 
ATOM 115 N N1    . DC A 1 6  ? 7.51792   -12.90761 11.24760  1.000 562.16651 ? 6  DC A N1    1 
ATOM 116 C C2    . DC A 1 6  ? 8.74985   -12.25475 11.14312  1.000 555.99215 ? 6  DC A C2    1 
ATOM 117 O O2    . DC A 1 6  ? 9.22641   -11.70828 12.14558  1.000 562.91576 ? 6  DC A O2    1 
ATOM 118 N N3    . DC A 1 6  ? 9.38549   -12.24527 9.94749   1.000 542.73639 ? 6  DC A N3    1 
ATOM 119 C C4    . DC A 1 6  ? 8.83360   -12.84796 8.89314   1.000 535.80597 ? 6  DC A C4    1 
ATOM 120 N N4    . DC A 1 6  ? 9.49602   -12.81439 7.73352   1.000 522.88411 ? 6  DC A N4    1 
ATOM 121 C C5    . DC A 1 6  ? 7.57790   -13.51461 8.98205   1.000 541.96108 ? 6  DC A C5    1 
ATOM 122 C C6    . DC A 1 6  ? 6.96199   -13.52111 10.16658  1.000 555.01704 ? 6  DC A C6    1 
ATOM 123 P P     . DG A 1 7  ? 3.52731   -9.59754  13.32880  1.000 668.94768 ? 7  DG A P     1 
ATOM 124 O OP1   . DG A 1 7  ? 2.47616   -9.15887  14.27329  1.000 676.11831 ? 7  DG A OP1   1 
ATOM 125 O OP2   . DG A 1 7  ? 3.28671   -9.51678  11.87110  1.000 641.24617 ? 7  DG A OP2   1 
ATOM 126 O "O5'" . DG A 1 7  ? 4.87779   -8.78906  13.63127  1.000 639.02563 ? 7  DG A "O5'" 1 
ATOM 127 C "C5'" . DG A 1 7  ? 5.46647   -8.82673  14.92831  1.000 622.30612 ? 7  DG A "C5'" 1 
ATOM 128 C "C4'" . DG A 1 7  ? 6.66526   -7.89510  15.00284  1.000 601.77506 ? 7  DG A "C4'" 1 
ATOM 129 O "O4'" . DG A 1 7  ? 7.68310   -8.32756  14.06285  1.000 587.93211 ? 7  DG A "O4'" 1 
ATOM 130 C "C3'" . DG A 1 7  ? 6.35864   -6.43956  14.68049  1.000 600.05994 ? 7  DG A "C3'" 1 
ATOM 131 O "O3'" . DG A 1 7  ? 7.01623   -5.57745  15.59332  1.000 605.77136 ? 7  DG A "O3'" 1 
ATOM 132 C "C2'" . DG A 1 7  ? 6.86424   -6.25043  13.25159  1.000 584.96662 ? 7  DG A "C2'" 1 
ATOM 133 C "C1'" . DG A 1 7  ? 7.92582   -7.33660  13.08267  1.000 578.40024 ? 7  DG A "C1'" 1 
ATOM 134 N N9    . DG A 1 7  ? 7.86906   -7.97765  11.76865  1.000 566.68909 ? 7  DG A N9    1 
ATOM 135 C C8    . DG A 1 7  ? 6.85754   -8.77500  11.29587  1.000 566.71251 ? 7  DG A C8    1 
ATOM 136 N N7    . DG A 1 7  ? 7.05750   -9.21489  10.08847  1.000 555.02585 ? 7  DG A N7    1 
ATOM 137 C C5    . DG A 1 7  ? 8.27983   -8.67237  9.72568   1.000 546.59492 ? 7  DG A C5    1 
ATOM 138 C C6    . DG A 1 7  ? 9.00322   -8.80550  8.52050   1.000 532.83493 ? 7  DG A C6    1 
ATOM 139 O O6    . DG A 1 7  ? 8.69185   -9.45155  7.51042   1.000 525.22515 ? 7  DG A O6    1 
ATOM 140 N N1    . DG A 1 7  ? 10.19912  -8.09752  8.55509   1.000 528.17481 ? 7  DG A N1    1 
ATOM 141 C C2    . DG A 1 7  ? 10.64190  -7.34885  9.62309   1.000 535.88653 ? 7  DG A C2    1 
ATOM 142 N N2    . DG A 1 7  ? 11.82574  -6.73518  9.46697   1.000 529.70074 ? 7  DG A N2    1 
ATOM 143 N N3    . DG A 1 7  ? 9.97032   -7.21457  10.76734  1.000 548.91505 ? 7  DG A N3    1 
ATOM 144 C C4    . DG A 1 7  ? 8.79910   -7.90286  10.74630  1.000 553.56787 ? 7  DG A C4    1 
ATOM 145 P P     . DT A 1 8  ? 6.44803   -4.09515  15.83893  1.000 611.11479 ? 8  DT A P     1 
ATOM 146 O OP1   . DT A 1 8  ? 6.91464   -3.64908  17.17053  1.000 621.37591 ? 8  DT A OP1   1 
ATOM 147 O OP2   . DT A 1 8  ? 5.00034   -4.11607  15.52823  1.000 614.72433 ? 8  DT A OP2   1 
ATOM 148 O "O5'" . DT A 1 8  ? 7.18259   -3.22044  14.72083  1.000 597.98798 ? 8  DT A "O5'" 1 
ATOM 149 C "C5'" . DT A 1 8  ? 8.60111   -3.22980  14.64594  1.000 592.57713 ? 8  DT A "C5'" 1 
ATOM 150 C "C4'" . DT A 1 8  ? 9.08170   -2.69962  13.30816  1.000 576.25561 ? 8  DT A "C4'" 1 
ATOM 151 O "O4'" . DT A 1 8  ? 8.91780   -3.70534  12.29257  1.000 569.66799 ? 8  DT A "O4'" 1 
ATOM 152 C "C3'" . DT A 1 8  ? 8.33430   -1.47140  12.79260  1.000 576.07401 ? 8  DT A "C3'" 1 
ATOM 153 O "O3'" . DT A 1 8  ? 9.13918   -0.31595  12.97128  1.000 572.48544 ? 8  DT A "O3'" 1 
ATOM 154 C "C2'" . DT A 1 8  ? 8.08140   -1.76818  11.30080  1.000 563.57057 ? 8  DT A "C2'" 1 
ATOM 155 C "C1'" . DT A 1 8  ? 8.85954   -3.05625  11.05374  1.000 557.57226 ? 8  DT A "C1'" 1 
ATOM 156 N N1    . DT A 1 8  ? 8.20617   -3.96530  10.07086  1.000 551.31962 ? 8  DT A N1    1 
ATOM 157 C C2    . DT A 1 8  ? 8.80665   -4.18786  8.85369   1.000 543.54311 ? 8  DT A C2    1 
ATOM 158 O O2    . DT A 1 8  ? 9.86229   -3.67515  8.52627   1.000 553.21903 ? 8  DT A O2    1 
ATOM 159 N N3    . DT A 1 8  ? 8.11984   -5.03892  8.02581   1.000 533.28665 ? 8  DT A N3    1 
ATOM 160 C C4    . DT A 1 8  ? 6.92064   -5.67380  8.28889   1.000 540.68917 ? 8  DT A C4    1 
ATOM 161 O O4    . DT A 1 8  ? 6.38142   -6.42173  7.48017   1.000 535.79869 ? 8  DT A O4    1 
ATOM 162 C C5    . DT A 1 8  ? 6.34749   -5.39569  9.58246   1.000 554.72106 ? 8  DT A C5    1 
ATOM 163 C C7    . DT A 1 8  ? 5.04744   -6.02692  9.98211   1.000 563.90595 ? 8  DT A C7    1 
ATOM 164 C C6    . DT A 1 8  ? 7.00854   -4.56220  10.39784  1.000 559.28582 ? 8  DT A C6    1 
ATOM 165 P P     . DA A 1 9  ? 8.70101   1.09418   12.33663  1.000 626.01363 ? 9  DA A P     1 
ATOM 166 O OP1   . DA A 1 9  ? 9.33950   2.15245   13.15060  1.000 652.61273 ? 9  DA A OP1   1 
ATOM 167 O OP2   . DA A 1 9  ? 7.23062   1.10106   12.15785  1.000 641.49106 ? 9  DA A OP2   1 
ATOM 168 O "O5'" . DA A 1 9  ? 9.38117   1.08498   10.88857  1.000 588.35569 ? 9  DA A "O5'" 1 
ATOM 169 C "C5'" . DA A 1 9  ? 10.75146  0.72821   10.75414  1.000 546.17733 ? 9  DA A "C5'" 1 
ATOM 170 C "C4'" . DA A 1 9  ? 11.21849  0.86175   9.31311   1.000 533.05470 ? 9  DA A "C4'" 1 
ATOM 171 O "O4'" . DA A 1 9  ? 10.73098  -0.25513  8.52471   1.000 527.91407 ? 9  DA A "O4'" 1 
ATOM 172 C "C3'" . DA A 1 9  ? 10.75668  2.11879   8.58354   1.000 555.26900 ? 9  DA A "C3'" 1 
ATOM 173 O "O3'" . DA A 1 9  ? 11.79908  2.56054   7.72596   1.000 560.03242 ? 9  DA A "O3'" 1 
ATOM 174 C "C2'" . DA A 1 9  ? 9.54733   1.61945   7.78979   1.000 527.06543 ? 9  DA A "C2'" 1 
ATOM 175 C "C1'" . DA A 1 9  ? 10.01484  0.22659   7.40491   1.000 521.09846 ? 9  DA A "C1'" 1 
ATOM 176 N N9    . DA A 1 9  ? 8.93675   -0.71664  7.13127   1.000 522.98511 ? 9  DA A N9    1 
ATOM 177 C C8    . DA A 1 9  ? 7.94001   -1.09042  7.98640   1.000 534.73997 ? 9  DA A C8    1 
ATOM 178 N N7    . DA A 1 9  ? 7.11897   -1.98080  7.48652   1.000 539.04430 ? 9  DA A N7    1 
ATOM 179 C C5    . DA A 1 9  ? 7.61767   -2.21794  6.21635   1.000 537.95039 ? 9  DA A C5    1 
ATOM 180 C C6    . DA A 1 9  ? 7.19124   -3.06558  5.17609   1.000 535.54610 ? 9  DA A C6    1 
ATOM 181 N N6    . DA A 1 9  ? 6.12348   -3.85937  5.27501   1.000 539.03658 ? 9  DA A N6    1 
ATOM 182 N N1    . DA A 1 9  ? 7.90856   -3.06797  4.03049   1.000 522.97284 ? 9  DA A N1    1 
ATOM 183 C C2    . DA A 1 9  ? 8.98142   -2.26835  3.94234   1.000 523.29802 ? 9  DA A C2    1 
ATOM 184 N N3    . DA A 1 9  ? 9.47887   -1.42792  4.85515   1.000 525.74552 ? 9  DA A N3    1 
ATOM 185 C C4    . DA A 1 9  ? 8.74211   -1.45170  5.98020   1.000 526.21470 ? 9  DA A C4    1 
ATOM 186 P P     . DG A 1 10 ? 11.75487  4.02142   7.06205   1.000 603.92190 ? 10 DG A P     1 
ATOM 187 O OP1   . DG A 1 10 ? 13.01036  4.70902   7.43838   1.000 576.80238 ? 10 DG A OP1   1 
ATOM 188 O OP2   . DG A 1 10 ? 10.45085  4.63799   7.39862   1.000 578.95762 ? 10 DG A OP2   1 
ATOM 189 O "O5'" . DG A 1 10 ? 11.79324  3.71465   5.49027   1.000 585.06147 ? 10 DG A "O5'" 1 
ATOM 190 C "C5'" . DG A 1 10 ? 11.79178  2.35972   5.03698   1.000 538.94831 ? 10 DG A "C5'" 1 
ATOM 191 C "C4'" . DG A 1 10 ? 11.83123  2.27967   3.52101   1.000 519.19579 ? 10 DG A "C4'" 1 
ATOM 192 O "O4'" . DG A 1 10 ? 10.87177  1.29203   3.06623   1.000 500.25287 ? 10 DG A "O4'" 1 
ATOM 193 C "C3'" . DG A 1 10 ? 11.44202  3.54920   2.79018   1.000 544.27018 ? 10 DG A "C3'" 1 
ATOM 194 O "O3'" . DG A 1 10 ? 11.98387  3.50087   1.47109   1.000 538.64268 ? 10 DG A "O3'" 1 
ATOM 195 C "C2'" . DG A 1 10 ? 9.91856   3.43480   2.78302   1.000 528.65893 ? 10 DG A "C2'" 1 
ATOM 196 C "C1'" . DG A 1 10 ? 9.73529   1.94407   2.51525   1.000 495.37253 ? 10 DG A "C1'" 1 
ATOM 197 N N9    . DG A 1 10 ? 8.54185   1.35919   3.12459   1.000 498.61979 ? 10 DG A N9    1 
ATOM 198 C C8    . DG A 1 10 ? 8.06808   1.56482   4.40021   1.000 509.68731 ? 10 DG A C8    1 
ATOM 199 N N7    . DG A 1 10 ? 6.98732   0.88234   4.66899   1.000 518.22171 ? 10 DG A N7    1 
ATOM 200 C C5    . DG A 1 10 ? 6.73683   0.16910   3.50191   1.000 509.88285 ? 10 DG A C5    1 
ATOM 201 C C6    . DG A 1 10 ? 5.70141   -0.74679  3.19101   1.000 521.88606 ? 10 DG A C6    1 
ATOM 202 O O6    . DG A 1 10 ? 4.76105   -1.11813  3.90687   1.000 531.91106 ? 10 DG A O6    1 
ATOM 203 N N1    . DG A 1 10 ? 5.81830   -1.23819  1.89159   1.000 522.53481 ? 10 DG A N1    1 
ATOM 204 C C2    . DG A 1 10 ? 6.81741   -0.89529  1.00759   1.000 522.28574 ? 10 DG A C2    1 
ATOM 205 N N2    . DG A 1 10 ? 6.76249   -1.46920  -0.20456  1.000 516.13857 ? 10 DG A N2    1 
ATOM 206 N N3    . DG A 1 10 ? 7.79066   -0.03971  1.28634   1.000 519.99491 ? 10 DG A N3    1 
ATOM 207 C C4    . DG A 1 10 ? 7.68831   0.45122   2.54530   1.000 508.53430 ? 10 DG A C4    1 
ATOM 208 P P     . DC A 1 11 ? 11.93597  4.77618   0.49300   1.000 514.80081 ? 11 DC A P     1 
ATOM 209 O OP1   . DC A 1 11 ? 13.33006  5.23327   0.30184   1.000 461.53483 ? 11 DC A OP1   1 
ATOM 210 O OP2   . DC A 1 11 ? 10.92094  5.73964   0.97653   1.000 474.55853 ? 11 DC A OP2   1 
ATOM 211 O "O5'" . DC A 1 11 ? 11.41412  4.14800   -0.88025  1.000 499.41483 ? 11 DC A "O5'" 1 
ATOM 212 C "C5'" . DC A 1 11 ? 10.85933  2.83360   -0.88604  1.000 478.78098 ? 11 DC A "C5'" 1 
ATOM 213 C "C4'" . DC A 1 11 ? 9.77144   2.71523   -1.93453  1.000 453.26047 ? 11 DC A "C4'" 1 
ATOM 214 O "O4'" . DC A 1 11 ? 8.59183   2.09631   -1.34852  1.000 459.98207 ? 11 DC A "O4'" 1 
ATOM 215 C "C3'" . DC A 1 11 ? 9.29811   4.03989   -2.51566  1.000 471.51286 ? 11 DC A "C3'" 1 
ATOM 216 O "O3'" . DC A 1 11 ? 8.93561   3.85415   -3.86589  1.000 476.04886 ? 11 DC A "O3'" 1 
ATOM 217 C "C2'" . DC A 1 11 ? 8.08270   4.36470   -1.65010  1.000 491.38569 ? 11 DC A "C2'" 1 
ATOM 218 C "C1'" . DC A 1 11 ? 7.48820   2.97991   -1.43713  1.000 475.77108 ? 11 DC A "C1'" 1 
ATOM 219 N N1    . DC A 1 11 ? 6.67785   2.85652   -0.17748  1.000 492.11418 ? 11 DC A N1    1 
ATOM 220 C C2    . DC A 1 11 ? 5.65540   1.89959   -0.09170  1.000 493.37516 ? 11 DC A C2    1 
ATOM 221 O O2    . DC A 1 11 ? 5.40161   1.18221   -1.06372  1.000 501.60192 ? 11 DC A O2    1 
ATOM 222 N N3    . DC A 1 11 ? 4.92993   1.81019   1.05050   1.000 494.71208 ? 11 DC A N3    1 
ATOM 223 C C4    . DC A 1 11 ? 5.20670   2.60687   2.08359   1.000 495.50516 ? 11 DC A C4    1 
ATOM 224 N N4    . DC A 1 11 ? 4.47019   2.46928   3.19179   1.000 508.40342 ? 11 DC A N4    1 
ATOM 225 C C5    . DC A 1 11 ? 6.24714   3.58079   2.02279   1.000 499.09526 ? 11 DC A C5    1 
ATOM 226 C C6    . DC A 1 11 ? 6.94902   3.67143   0.88478   1.000 497.89400 ? 11 DC A C6    1 
ATOM 227 P P     . DT A 1 12 ? 9.26686   4.97035   -4.97117  1.000 505.09717 ? 12 DT A P     1 
ATOM 228 O OP1   . DT A 1 12 ? 10.71455  4.89999   -5.27366  1.000 472.55209 ? 12 DT A OP1   1 
ATOM 229 O OP2   . DT A 1 12 ? 8.66467   6.25400   -4.54030  1.000 449.13744 ? 12 DT A OP2   1 
ATOM 230 O "O5'" . DT A 1 12 ? 8.45209   4.44579   -6.23702  1.000 487.09914 ? 12 DT A "O5'" 1 
ATOM 231 C "C5'" . DT A 1 12 ? 8.06733   3.07038   -6.29531  1.000 443.27909 ? 12 DT A "C5'" 1 
ATOM 232 C "C4'" . DT A 1 12 ? 6.55525   2.93055   -6.35975  1.000 456.05087 ? 12 DT A "C4'" 1 
ATOM 233 O "O4'" . DT A 1 12 ? 5.98502   2.92997   -5.01947  1.000 458.28983 ? 12 DT A "O4'" 1 
ATOM 234 C "C3'" . DT A 1 12 ? 5.83523   4.04532   -7.12407  1.000 455.99539 ? 12 DT A "C3'" 1 
ATOM 235 O "O3'" . DT A 1 12 ? 4.89272   3.47550   -8.01080  1.000 443.58459 ? 12 DT A "O3'" 1 
ATOM 236 C "C2'" . DT A 1 12 ? 5.14423   4.83860   -6.01580  1.000 446.13947 ? 12 DT A "C2'" 1 
ATOM 237 C "C1'" . DT A 1 12 ? 4.82645   3.72901   -5.03374  1.000 447.87617 ? 12 DT A "C1'" 1 
ATOM 238 N N1    . DT A 1 12 ? 4.53277   4.21064   -3.64751  1.000 472.28680 ? 12 DT A N1    1 
ATOM 239 C C2    . DT A 1 12 ? 3.66874   3.48985   -2.85488  1.000 463.63551 ? 12 DT A C2    1 
ATOM 240 O O2    . DT A 1 12 ? 3.13156   2.45935   -3.21897  1.000 462.23274 ? 12 DT A O2    1 
ATOM 241 N N3    . DT A 1 12 ? 3.46001   4.01728   -1.60761  1.000 474.69397 ? 12 DT A N3    1 
ATOM 242 C C4    . DT A 1 12 ? 4.01173   5.17345   -1.08576  1.000 475.69231 ? 12 DT A C4    1 
ATOM 243 O O4    . DT A 1 12 ? 3.76124   5.56636   0.04971   1.000 484.55814 ? 12 DT A O4    1 
ATOM 244 C C5    . DT A 1 12 ? 4.90348   5.88575   -1.97188  1.000 469.93290 ? 12 DT A C5    1 
ATOM 245 C C7    . DT A 1 12 ? 5.56340   7.15363   -1.51806  1.000 469.36141 ? 12 DT A C7    1 
ATOM 246 C C6    . DT A 1 12 ? 5.11458   5.37853   -3.19673  1.000 481.09640 ? 12 DT A C6    1 
ATOM 247 P P     . DG A 1 13 ? 4.42175   4.28009   -9.31727  1.000 503.29491 ? 13 DG A P     1 
ATOM 248 O OP1   . DG A 1 13 ? 4.98503   3.57946   -10.49172 1.000 534.70625 ? 13 DG A OP1   1 
ATOM 249 O OP2   . DG A 1 13 ? 4.72122   5.71479   -9.09919  1.000 473.56506 ? 13 DG A OP2   1 
ATOM 250 O "O5'" . DG A 1 13 ? 2.83355   4.09398   -9.32320  1.000 467.58161 ? 13 DG A "O5'" 1 
ATOM 251 C "C5'" . DG A 1 13 ? 2.26694   2.79618   -9.16340  1.000 424.94991 ? 13 DG A "C5'" 1 
ATOM 252 C "C4'" . DG A 1 13 ? 0.80744   2.88479   -8.74317  1.000 432.38557 ? 13 DG A "C4'" 1 
ATOM 253 O "O4'" . DG A 1 13 ? 0.71496   3.25100   -7.34207  1.000 474.09839 ? 13 DG A "O4'" 1 
ATOM 254 C "C3'" . DG A 1 13 ? -0.02967  3.91151   -9.49443  1.000 441.31391 ? 13 DG A "C3'" 1 
ATOM 255 O "O3'" . DG A 1 13 ? -1.35358  3.42599   -9.62469  1.000 433.00646 ? 13 DG A "O3'" 1 
ATOM 256 C "C2'" . DG A 1 13 ? 0.03464   5.13918   -8.58139  1.000 441.60836 ? 13 DG A "C2'" 1 
ATOM 257 C "C1'" . DG A 1 13 ? 0.05201   4.49949   -7.19935  1.000 473.20639 ? 13 DG A "C1'" 1 
ATOM 258 N N9    . DG A 1 13 ? 0.77894   5.27241   -6.19167  1.000 479.39652 ? 13 DG A N9    1 
ATOM 259 C C8    . DG A 1 13 ? 2.00168   5.88179   -6.34007  1.000 465.82522 ? 13 DG A C8    1 
ATOM 260 N N7    . DG A 1 13 ? 2.42180   6.47925   -5.25858  1.000 452.07494 ? 13 DG A N7    1 
ATOM 261 C C5    . DG A 1 13 ? 1.41953   6.24161   -4.32696  1.000 461.27080 ? 13 DG A C5    1 
ATOM 262 C C6    . DG A 1 13 ? 1.31942   6.64389   -2.97452  1.000 471.06561 ? 13 DG A C6    1 
ATOM 263 O O6    . DG A 1 13 ? 2.12467   7.30947   -2.31125  1.000 473.61160 ? 13 DG A O6    1 
ATOM 264 N N1    . DG A 1 13 ? 0.14103   6.18848   -2.38512  1.000 479.89362 ? 13 DG A N1    1 
ATOM 265 C C2    . DG A 1 13 ? -0.82399  5.44173   -3.02784  1.000 479.73292 ? 13 DG A C2    1 
ATOM 266 N N2    . DG A 1 13 ? -1.90057  5.09922   -2.29956  1.000 490.09020 ? 13 DG A N2    1 
ATOM 267 N N3    . DG A 1 13 ? -0.74127  5.06162   -4.29768  1.000 486.24654 ? 13 DG A N3    1 
ATOM 268 C C4    . DG A 1 13 ? 0.40328   5.49373   -4.88347  1.000 474.81789 ? 13 DG A C4    1 
ATOM 269 P P     . DT A 1 14 ? -2.35662  4.05973   -10.70791 1.000 436.90884 ? 14 DT A P     1 
ATOM 270 O OP1   . DT A 1 14 ? -2.39631  3.13257   -11.86187 1.000 454.36225 ? 14 DT A OP1   1 
ATOM 271 O OP2   . DT A 1 14 ? -2.00592  5.48524   -10.91229 1.000 427.21572 ? 14 DT A OP2   1 
ATOM 272 O "O5'" . DT A 1 14 ? -3.76681  4.00825   -9.96275  1.000 438.64885 ? 14 DT A "O5'" 1 
ATOM 273 C "C5'" . DT A 1 14 ? -3.80643  3.85419   -8.55184  1.000 448.08086 ? 14 DT A "C5'" 1 
ATOM 274 C "C4'" . DT A 1 14 ? -4.64863  4.94089   -7.92063  1.000 455.62144 ? 14 DT A "C4'" 1 
ATOM 275 O "O4'" . DT A 1 14 ? -4.16057  5.21309   -6.59049  1.000 464.37466 ? 14 DT A "O4'" 1 
ATOM 276 C "C3'" . DT A 1 14 ? -4.58303  6.28225   -8.62103  1.000 450.96131 ? 14 DT A "C3'" 1 
ATOM 277 O "O3'" . DT A 1 14 ? -5.49340  6.30950   -9.71241  1.000 446.72028 ? 14 DT A "O3'" 1 
ATOM 278 C "C2'" . DT A 1 14 ? -5.00922  7.23954   -7.51028  1.000 460.47838 ? 14 DT A "C2'" 1 
ATOM 279 C "C1'" . DT A 1 14 ? -4.48144  6.54853   -6.24265  1.000 468.69862 ? 14 DT A "C1'" 1 
ATOM 280 N N1    . DT A 1 14 ? -3.27181  7.21047   -5.66113  1.000 467.80395 ? 14 DT A N1    1 
ATOM 281 C C2    . DT A 1 14 ? -3.24196  7.50050   -4.31501  1.000 479.09675 ? 14 DT A C2    1 
ATOM 282 O O2    . DT A 1 14 ? -4.15356  7.23099   -3.55383  1.000 495.99621 ? 14 DT A O2    1 
ATOM 283 N N3    . DT A 1 14 ? -2.09734  8.11844   -3.88572  1.000 477.36947 ? 14 DT A N3    1 
ATOM 284 C C4    . DT A 1 14 ? -1.00184  8.46914   -4.65686  1.000 467.28600 ? 14 DT A C4    1 
ATOM 285 O O4    . DT A 1 14 ? -0.01696  9.02073   -4.18343  1.000 467.78924 ? 14 DT A O4    1 
ATOM 286 C C5    . DT A 1 14 ? -1.10222  8.14438   -6.05942  1.000 459.66328 ? 14 DT A C5    1 
ATOM 287 C C7    . DT A 1 14 ? 0.02087   8.48052   -6.99322  1.000 495.77956 ? 14 DT A C7    1 
ATOM 288 C C6    . DT A 1 14 ? -2.21816  7.53969   -6.48748  1.000 458.17424 ? 14 DT A C6    1 
ATOM 289 P P     . DC B 2 1  ? 1.70977   21.73335  -11.12778 1.000 427.47280 ? 7  DC B P     1 
ATOM 290 O OP1   . DC B 2 1  ? 2.35624   23.02560  -11.45619 1.000 435.51110 ? 7  DC B OP1   1 
ATOM 291 O OP2   . DC B 2 1  ? 2.49607   20.47556  -11.06528 1.000 404.46283 ? 7  DC B OP2   1 
ATOM 292 O "O5'" . DC B 2 1  ? 0.90739   21.88676  -9.75369  1.000 409.84916 ? 7  DC B "O5'" 1 
ATOM 293 C "C5'" . DC B 2 1  ? 1.44045   22.68918  -8.70823  1.000 452.09730 ? 7  DC B "C5'" 1 
ATOM 294 C "C4'" . DC B 2 1  ? 1.19562   22.04556  -7.35516  1.000 441.91780 ? 7  DC B "C4'" 1 
ATOM 295 O "O4'" . DC B 2 1  ? -0.19885  21.71834  -7.22879  1.000 445.10005 ? 7  DC B "O4'" 1 
ATOM 296 C "C3'" . DC B 2 1  ? 1.95977   20.74299  -7.10849  1.000 385.26423 ? 7  DC B "C3'" 1 
ATOM 297 O "O3'" . DC B 2 1  ? 3.02825   20.98919  -6.19121  1.000 376.94990 ? 7  DC B "O3'" 1 
ATOM 298 C "C2'" . DC B 2 1  ? 0.91120   19.76925  -6.53275  1.000 390.51988 ? 7  DC B "C2'" 1 
ATOM 299 C "C1'" . DC B 2 1  ? -0.33881  20.62609  -6.35949  1.000 409.31595 ? 7  DC B "C1'" 1 
ATOM 300 N N1    . DC B 2 1  ? -1.60549  19.91971  -6.71225  1.000 404.20170 ? 7  DC B N1    1 
ATOM 301 C C2    . DC B 2 1  ? -2.58433  19.71507  -5.73084  1.000 409.28970 ? 7  DC B C2    1 
ATOM 302 O O2    . DC B 2 1  ? -2.37154  20.10837  -4.57680  1.000 438.96751 ? 7  DC B O2    1 
ATOM 303 N N3    . DC B 2 1  ? -3.73562  19.08289  -6.07270  1.000 409.08386 ? 7  DC B N3    1 
ATOM 304 C C4    . DC B 2 1  ? -3.92111  18.67126  -7.32732  1.000 417.22551 ? 7  DC B C4    1 
ATOM 305 N N4    . DC B 2 1  ? -5.06770  18.05173  -7.61801  1.000 426.47104 ? 7  DC B N4    1 
ATOM 306 C C5    . DC B 2 1  ? -2.93835  18.87611  -8.34064  1.000 416.78847 ? 7  DC B C5    1 
ATOM 307 C C6    . DC B 2 1  ? -1.80969  19.50132  -7.99313  1.000 407.84417 ? 7  DC B C6    1 
ATOM 308 P P     . DG B 2 2  ? 3.93339   19.78543  -5.61945  1.000 413.00282 ? 8  DG B P     1 
ATOM 309 O OP1   . DG B 2 2  ? 5.31378   20.30627  -5.51056  1.000 392.91625 ? 8  DG B OP1   1 
ATOM 310 O OP2   . DG B 2 2  ? 3.69158   18.55499  -6.40556  1.000 449.90381 ? 8  DG B OP2   1 
ATOM 311 O "O5'" . DG B 2 2  ? 3.36092   19.55881  -4.14260  1.000 417.49229 ? 8  DG B "O5'" 1 
ATOM 312 C "C5'" . DG B 2 2  ? 3.12843   20.68203  -3.29610  1.000 394.31633 ? 8  DG B "C5'" 1 
ATOM 313 C "C4'" . DG B 2 2  ? 2.62165   20.25513  -1.92661  1.000 389.08167 ? 8  DG B "C4'" 1 
ATOM 314 O "O4'" . DG B 2 2  ? 1.23878   19.83312  -2.01603  1.000 385.58771 ? 8  DG B "O4'" 1 
ATOM 315 C "C3'" . DG B 2 2  ? 3.37969   19.10532  -1.27565  1.000 366.04831 ? 8  DG B "C3'" 1 
ATOM 316 O "O3'" . DG B 2 2  ? 3.47993   19.33632  0.11827   1.000 367.70190 ? 8  DG B "O3'" 1 
ATOM 317 C "C2'" . DG B 2 2  ? 2.51599   17.88498  -1.59044  1.000 375.60924 ? 8  DG B "C2'" 1 
ATOM 318 C "C1'" . DG B 2 2  ? 1.10940   18.47330  -1.64929  1.000 379.59742 ? 8  DG B "C1'" 1 
ATOM 319 N N9    . DG B 2 2  ? 0.26976   17.82811  -2.64494  1.000 390.10665 ? 8  DG B N9    1 
ATOM 320 C C8    . DG B 2 2  ? 0.61277   17.53775  -3.94216  1.000 401.68837 ? 8  DG B C8    1 
ATOM 321 N N7    . DG B 2 2  ? -0.34004  16.96276  -4.61503  1.000 411.23448 ? 8  DG B N7    1 
ATOM 322 C C5    . DG B 2 2  ? -1.38683  16.86927  -3.70916  1.000 402.06559 ? 8  DG B C5    1 
ATOM 323 C C6    . DG B 2 2  ? -2.68200  16.33519  -3.87302  1.000 409.67048 ? 8  DG B C6    1 
ATOM 324 O O6    . DG B 2 2  ? -3.17153  15.82538  -4.88698  1.000 418.00643 ? 8  DG B O6    1 
ATOM 325 N N1    . DG B 2 2  ? -3.43347  16.43606  -2.70851  1.000 408.19433 ? 8  DG B N1    1 
ATOM 326 C C2    . DG B 2 2  ? -2.98819  16.98498  -1.52742  1.000 420.76118 ? 8  DG B C2    1 
ATOM 327 N N2    . DG B 2 2  ? -3.85945  16.99377  -0.50889  1.000 443.73797 ? 8  DG B N2    1 
ATOM 328 N N3    . DG B 2 2  ? -1.77134  17.49225  -1.35955  1.000 404.07130 ? 8  DG B N3    1 
ATOM 329 C C4    . DG B 2 2  ? -1.02886  17.40147  -2.49039  1.000 394.66910 ? 8  DG B C4    1 
ATOM 330 P P     . DG B 2 3  ? 4.07391   18.20467  1.09028   1.000 456.71143 ? 9  DG B P     1 
ATOM 331 O OP1   . DG B 2 3  ? 4.61873   18.88931  2.28304   1.000 457.53850 ? 9  DG B OP1   1 
ATOM 332 O OP2   . DG B 2 3  ? 4.93656   17.31537  0.28022   1.000 437.29145 ? 9  DG B OP2   1 
ATOM 333 O "O5'" . DG B 2 3  ? 2.77952   17.38989  1.55166   1.000 433.80200 ? 9  DG B "O5'" 1 
ATOM 334 C "C5'" . DG B 2 3  ? 1.64463   18.09753  2.04095   1.000 419.15183 ? 9  DG B "C5'" 1 
ATOM 335 C "C4'" . DG B 2 3  ? 0.48303   17.15772  2.30592   1.000 415.19474 ? 9  DG B "C4'" 1 
ATOM 336 O "O4'" . DG B 2 3  ? -0.11777  16.74414  1.04857   1.000 382.16725 ? 9  DG B "O4'" 1 
ATOM 337 C "C3'" . DG B 2 3  ? 0.84195   15.86386  3.04994   1.000 428.06025 ? 9  DG B "C3'" 1 
ATOM 338 O "O3'" . DG B 2 3  ? -0.15832  15.58898  4.02504   1.000 435.70877 ? 9  DG B "O3'" 1 
ATOM 339 C "C2'" . DG B 2 3  ? 0.82744   14.82070  1.93250   1.000 431.12045 ? 9  DG B "C2'" 1 
ATOM 340 C "C1'" . DG B 2 3  ? -0.31144  15.35228  1.08606   1.000 389.93030 ? 9  DG B "C1'" 1 
ATOM 341 N N9    . DG B 2 3  ? -0.35852  14.84133  -0.27994  1.000 396.50674 ? 9  DG B N9    1 
ATOM 342 C C8    . DG B 2 3  ? 0.61223   14.93659  -1.25020  1.000 395.45544 ? 9  DG B C8    1 
ATOM 343 N N7    . DG B 2 3  ? 0.26137   14.39291  -2.38544  1.000 403.08577 ? 9  DG B N7    1 
ATOM 344 C C5    . DG B 2 3  ? -1.02374  13.91344  -2.14847  1.000 409.46632 ? 9  DG B C5    1 
ATOM 345 C C6    . DG B 2 3  ? -1.92526  13.23331  -3.00638  1.000 419.28381 ? 9  DG B C6    1 
ATOM 346 O O6    . DG B 2 3  ? -1.75762  12.88531  -4.18151  1.000 424.72665 ? 9  DG B O6    1 
ATOM 347 N N1    . DG B 2 3  ? -3.12239  12.92308  -2.35741  1.000 423.68219 ? 9  DG B N1    1 
ATOM 348 C C2    . DG B 2 3  ? -3.41615  13.24520  -1.05292  1.000 419.26646 ? 9  DG B C2    1 
ATOM 349 N N2    . DG B 2 3  ? -4.62385  12.87538  -0.59379  1.000 425.26386 ? 9  DG B N2    1 
ATOM 350 N N3    . DG B 2 3  ? -2.58340  13.88608  -0.24775  1.000 410.08062 ? 9  DG B N3    1 
ATOM 351 C C4    . DG B 2 3  ? -1.41326  14.18662  -0.85948  1.000 405.57491 ? 9  DG B C4    1 
ATOM 352 P P     . DA B 2 4  ? 0.15331   14.66642  5.30554   1.000 415.53519 ? 10 DA B P     1 
ATOM 353 O OP1   . DA B 2 4  ? 0.48284   15.57742  6.42424   1.000 374.64261 ? 10 DA B OP1   1 
ATOM 354 O OP2   . DA B 2 4  ? 1.12268   13.61721  4.91703   1.000 385.37585 ? 10 DA B OP2   1 
ATOM 355 O "O5'" . DA B 2 4  ? -1.25536  13.95933  5.59635   1.000 432.37127 ? 10 DA B "O5'" 1 
ATOM 356 C "C5'" . DA B 2 4  ? -2.20809  13.84522  4.54058   1.000 421.58778 ? 10 DA B "C5'" 1 
ATOM 357 C "C4'" . DA B 2 4  ? -3.23575  12.76638  4.83180   1.000 423.23027 ? 10 DA B "C4'" 1 
ATOM 358 O "O4'" . DA B 2 4  ? -3.62233  12.13042  3.59120   1.000 421.15091 ? 10 DA B "O4'" 1 
ATOM 359 C "C3'" . DA B 2 4  ? -2.74801  11.62581  5.70094   1.000 426.65282 ? 10 DA B "C3'" 1 
ATOM 360 O "O3'" . DA B 2 4  ? -3.86844  10.96516  6.28529   1.000 460.08618 ? 10 DA B "O3'" 1 
ATOM 361 C "C2'" . DA B 2 4  ? -2.03211  10.73805  4.68429   1.000 424.58379 ? 10 DA B "C2'" 1 
ATOM 362 C "C1'" . DA B 2 4  ? -2.87630  10.93589  3.41638   1.000 450.80181 ? 10 DA B "C1'" 1 
ATOM 363 N N9    . DA B 2 4  ? -2.07536  11.06600  2.20020   1.000 435.41300 ? 10 DA B N9    1 
ATOM 364 C C8    . DA B 2 4  ? -0.86946  11.69584  2.07928   1.000 420.18385 ? 10 DA B C8    1 
ATOM 365 N N7    . DA B 2 4  ? -0.37296  11.66276  0.86751   1.000 413.09947 ? 10 DA B N7    1 
ATOM 366 C C5    . DA B 2 4  ? -1.31671  10.96391  0.13837   1.000 419.24644 ? 10 DA B C5    1 
ATOM 367 C C6    . DA B 2 4  ? -1.37261  10.59180  -1.21453  1.000 425.19242 ? 10 DA B C6    1 
ATOM 368 N N6    . DA B 2 4  ? -0.41300  10.89319  -2.09118  1.000 422.56243 ? 10 DA B N6    1 
ATOM 369 N N1    . DA B 2 4  ? -2.45160  9.89924   -1.63289  1.000 434.46341 ? 10 DA B N1    1 
ATOM 370 C C2    . DA B 2 4  ? -3.40878  9.60248   -0.74240  1.000 437.61240 ? 10 DA B C2    1 
ATOM 371 N N3    . DA B 2 4  ? -3.46575  9.89821   0.55954   1.000 432.87103 ? 10 DA B N3    1 
ATOM 372 C C4    . DA B 2 4  ? -2.37619  10.58669  0.93994   1.000 423.53403 ? 10 DA B C4    1 
ATOM 373 P P     . DC B 2 5  ? -3.67808  9.63064   7.15985   1.000 501.26778 ? 11 DC B P     1 
ATOM 374 O OP1   . DC B 2 5  ? -4.82070  9.55391   8.09842   1.000 518.80563 ? 11 DC B OP1   1 
ATOM 375 O OP2   . DC B 2 5  ? -2.29485  9.60646   7.68642   1.000 436.90496 ? 11 DC B OP2   1 
ATOM 376 O "O5'" . DC B 2 5  ? -3.82678  8.45749   6.08560   1.000 476.08768 ? 11 DC B "O5'" 1 
ATOM 377 C "C5'" . DC B 2 5  ? -4.87602  8.51302   5.12343   1.000 474.49044 ? 11 DC B "C5'" 1 
ATOM 378 C "C4'" . DC B 2 5  ? -4.79689  7.33794   4.16681   1.000 445.69567 ? 11 DC B "C4'" 1 
ATOM 379 O "O4'" . DC B 2 5  ? -3.99023  7.68608   3.00582   1.000 473.73761 ? 11 DC B "O4'" 1 
ATOM 380 C "C3'" . DC B 2 5  ? -4.16416  6.07564   4.75027   1.000 448.92656 ? 11 DC B "C3'" 1 
ATOM 381 O "O3'" . DC B 2 5  ? -4.87664  4.94801   4.30294   1.000 459.44403 ? 11 DC B "O3'" 1 
ATOM 382 C "C2'" . DC B 2 5  ? -2.75876  6.10297   4.16195   1.000 443.27887 ? 11 DC B "C2'" 1 
ATOM 383 C "C1'" . DC B 2 5  ? -3.05461  6.65411   2.78274   1.000 454.42845 ? 11 DC B "C1'" 1 
ATOM 384 N N1    . DC B 2 5  ? -1.85807  7.21526   2.08300   1.000 468.19242 ? 11 DC B N1    1 
ATOM 385 C C2    . DC B 2 5  ? -1.73035  7.06399   0.69451   1.000 479.79130 ? 11 DC B C2    1 
ATOM 386 O O2    . DC B 2 5  ? -2.60947  6.46843   0.06189   1.000 493.89444 ? 11 DC B O2    1 
ATOM 387 N N3    . DC B 2 5  ? -0.63602  7.57081   0.07466   1.000 471.32182 ? 11 DC B N3    1 
ATOM 388 C C4    . DC B 2 5  ? 0.29625   8.20852   0.78353   1.000 458.75389 ? 11 DC B C4    1 
ATOM 389 N N4    . DC B 2 5  ? 1.35456   8.69366   0.12650   1.000 456.61093 ? 11 DC B N4    1 
ATOM 390 C C5    . DC B 2 5  ? 0.18718   8.37021   2.19783   1.000 447.27706 ? 11 DC B C5    1 
ATOM 391 C C6    . DC B 2 5  ? -0.89392  7.86073   2.80072   1.000 444.36813 ? 11 DC B C6    1 
ATOM 392 P P     . DA B 2 6  ? -5.76454  4.10015   5.33365   1.000 530.83936 ? 12 DA B P     1 
ATOM 393 O OP1   . DA B 2 6  ? -6.98470  4.89375   5.61055   1.000 468.69796 ? 12 DA B OP1   1 
ATOM 394 O OP2   . DA B 2 6  ? -4.87300  3.69623   6.44547   1.000 522.08584 ? 12 DA B OP2   1 
ATOM 395 O "O5'" . DA B 2 6  ? -6.15565  2.78289   4.50620   1.000 571.43759 ? 12 DA B "O5'" 1 
ATOM 396 C "C5'" . DA B 2 6  ? -6.89443  2.89565   3.28582   1.000 556.07311 ? 12 DA B "C5'" 1 
ATOM 397 C "C4'" . DA B 2 6  ? -6.28220  2.04156   2.17937   1.000 542.60005 ? 12 DA B "C4'" 1 
ATOM 398 O "O4'" . DA B 2 6  ? -5.00250  2.59521   1.77688   1.000 536.11924 ? 12 DA B "O4'" 1 
ATOM 399 C "C3'" . DA B 2 6  ? -6.01836  0.58047   2.53710   1.000 493.24426 ? 12 DA B "C3'" 1 
ATOM 400 O "O3'" . DA B 2 6  ? -6.27119  -0.23898  1.40480   1.000 501.36578 ? 12 DA B "O3'" 1 
ATOM 401 C "C2'" . DA B 2 6  ? -4.53737  0.57852   2.90976   1.000 485.22638 ? 12 DA B "C2'" 1 
ATOM 402 C "C1'" . DA B 2 6  ? -3.97382  1.64413   1.97803   1.000 486.38184 ? 12 DA B "C1'" 1 
ATOM 403 N N9    . DA B 2 6  ? -2.81508  2.34600   2.52392   1.000 485.87873 ? 12 DA B N9    1 
ATOM 404 C C8    . DA B 2 6  ? -2.56845  2.63105   3.83941   1.000 491.58214 ? 12 DA B C8    1 
ATOM 405 N N7    . DA B 2 6  ? -1.44633  3.28295   4.03710   1.000 491.62024 ? 12 DA B N7    1 
ATOM 406 C C5    . DA B 2 6  ? -0.92813  3.44867   2.76453   1.000 481.49190 ? 12 DA B C5    1 
ATOM 407 C C6    . DA B 2 6  ? 0.24599   4.06855   2.29016   1.000 474.22005 ? 12 DA B C6    1 
ATOM 408 N N6    . DA B 2 6  ? 1.14227   4.65710   3.08874   1.000 475.37951 ? 12 DA B N6    1 
ATOM 409 N N1    . DA B 2 6  ? 0.46657   4.05359   0.96078   1.000 469.50855 ? 12 DA B N1    1 
ATOM 410 C C2    . DA B 2 6  ? -0.43135  3.46137   0.16398   1.000 481.92947 ? 12 DA B C2    1 
ATOM 411 N N3    . DA B 2 6  ? -1.56860  2.84729   0.49118   1.000 486.43115 ? 12 DA B N3    1 
ATOM 412 C C4    . DA B 2 6  ? -1.75985  2.87691   1.81959   1.000 481.44347 ? 12 DA B C4    1 
ATOM 413 P P     . DG B 2 7  ? -6.37301  -1.83528  1.55235   1.000 512.74357 ? 13 DG B P     1 
ATOM 414 O OP1   . DG B 2 7  ? -7.66316  -2.24384  0.95232   1.000 529.96216 ? 13 DG B OP1   1 
ATOM 415 O OP2   . DG B 2 7  ? -6.05446  -2.19368  2.95303   1.000 514.36112 ? 13 DG B OP2   1 
ATOM 416 O "O5'" . DG B 2 7  ? -5.19791  -2.37552  0.61193   1.000 537.62518 ? 13 DG B "O5'" 1 
ATOM 417 C "C5'" . DG B 2 7  ? -5.15725  -1.97760  -0.75164  1.000 510.32134 ? 13 DG B "C5'" 1 
ATOM 418 C "C4'" . DG B 2 7  ? -3.82867  -2.33571  -1.40090  1.000 511.99937 ? 13 DG B "C4'" 1 
ATOM 419 O "O4'" . DG B 2 7  ? -2.79494  -1.40304  -0.98498  1.000 496.42456 ? 13 DG B "O4'" 1 
ATOM 420 C "C3'" . DG B 2 7  ? -3.28424  -3.72460  -1.07755  1.000 530.49064 ? 13 DG B "C3'" 1 
ATOM 421 O "O3'" . DG B 2 7  ? -2.63553  -4.23459  -2.22535  1.000 540.61198 ? 13 DG B "O3'" 1 
ATOM 422 C "C2'" . DG B 2 7  ? -2.27839  -3.43063  0.03282   1.000 505.63031 ? 13 DG B "C2'" 1 
ATOM 423 C "C1'" . DG B 2 7  ? -1.69272  -2.12687  -0.47436  1.000 494.55436 ? 13 DG B "C1'" 1 
ATOM 424 N N9    . DG B 2 7  ? -1.05493  -1.30938  0.55041   1.000 484.92224 ? 13 DG B N9    1 
ATOM 425 C C8    . DG B 2 7  ? -1.47476  -1.12189  1.84469   1.000 487.09255 ? 13 DG B C8    1 
ATOM 426 N N7    . DG B 2 7  ? -0.71209  -0.31097  2.52522   1.000 485.15255 ? 13 DG B N7    1 
ATOM 427 C C5    . DG B 2 7  ? 0.26910   0.07440   1.61944   1.000 486.93997 ? 13 DG B C5    1 
ATOM 428 C C6    . DG B 2 7  ? 1.37152   0.94789   1.78485   1.000 496.37341 ? 13 DG B C6    1 
ATOM 429 O O6    . DG B 2 7  ? 1.71553   1.56897   2.80064   1.000 495.00918 ? 13 DG B O6    1 
ATOM 430 N N1    . DG B 2 7  ? 2.12016   1.06050   0.61416   1.000 500.01914 ? 13 DG B N1    1 
ATOM 431 C C2    . DG B 2 7  ? 1.83320   0.41639   -0.57008  1.000 483.46457 ? 13 DG B C2    1 
ATOM 432 N N2    . DG B 2 7  ? 2.67532   0.64721   -1.59047  1.000 473.10612 ? 13 DG B N2    1 
ATOM 433 N N3    . DG B 2 7  ? 0.80362   -0.40550  -0.73532  1.000 475.41856 ? 13 DG B N3    1 
ATOM 434 C C4    . DG B 2 7  ? 0.06663   -0.52717  0.39698   1.000 478.22887 ? 13 DG B C4    1 
ATOM 435 P P     . DC B 2 8  ? -2.45566  -5.81508  -2.43276  1.000 548.76383 ? 14 DC B P     1 
ATOM 436 O OP1   . DC B 2 8  ? -3.56637  -6.28118  -3.29101  1.000 533.92548 ? 14 DC B OP1   1 
ATOM 437 O OP2   . DC B 2 8  ? -2.24700  -6.42352  -1.09994  1.000 530.44830 ? 14 DC B OP2   1 
ATOM 438 O "O5'" . DC B 2 8  ? -1.08169  -5.93114  -3.24625  1.000 555.45767 ? 14 DC B "O5'" 1 
ATOM 439 C "C5'" . DC B 2 8  ? 0.08715   -6.40783  -2.59165  1.000 551.16958 ? 14 DC B "C5'" 1 
ATOM 440 C "C4'" . DC B 2 8  ? 1.34913   -5.86377  -3.24254  1.000 526.03519 ? 14 DC B "C4'" 1 
ATOM 441 O "O4'" . DC B 2 8  ? 1.51193   -4.47391  -2.88158  1.000 501.36739 ? 14 DC B "O4'" 1 
ATOM 442 C "C3'" . DC B 2 8  ? 2.62766   -6.59380  -2.84105  1.000 529.55214 ? 14 DC B "C3'" 1 
ATOM 443 O "O3'" . DC B 2 8  ? 3.11543   -7.35232  -3.94918  1.000 544.21565 ? 14 DC B "O3'" 1 
ATOM 444 C "C2'" . DC B 2 8  ? 3.62187   -5.50164  -2.42245  1.000 498.74140 ? 14 DC B "C2'" 1 
ATOM 445 C "C1'" . DC B 2 8  ? 2.79549   -4.22187  -2.34920  1.000 494.01141 ? 14 DC B "C1'" 1 
ATOM 446 N N1    . DC B 2 8  ? 2.63429   -3.66356  -0.96946  1.000 487.88175 ? 14 DC B N1    1 
ATOM 447 C C2    . DC B 2 8  ? 3.43346   -2.59089  -0.56091  1.000 492.67758 ? 14 DC B C2    1 
ATOM 448 O O2    . DC B 2 8  ? 4.29977   -2.15309  -1.32013  1.000 502.48928 ? 14 DC B O2    1 
ATOM 449 N N3    . DC B 2 8  ? 3.28096   -2.09121  0.68706   1.000 497.54236 ? 14 DC B N3    1 
ATOM 450 C C4    . DC B 2 8  ? 2.34712   -2.59148  1.49517   1.000 501.61179 ? 14 DC B C4    1 
ATOM 451 N N4    . DC B 2 8  ? 2.22974   -2.05345  2.71350   1.000 501.93917 ? 14 DC B N4    1 
ATOM 452 C C5    . DC B 2 8  ? 1.50763   -3.67503  1.09492   1.000 513.02090 ? 14 DC B C5    1 
ATOM 453 C C6    . DC B 2 8  ? 1.68126   -4.17249  -0.13622  1.000 511.51915 ? 14 DC B C6    1 
ATOM 454 P P     . DT B 2 9  ? 4.44004   -8.24904  -3.79844  1.000 630.13319 ? 15 DT B P     1 
ATOM 455 O OP1   . DT B 2 9  ? 4.44000   -9.24575  -4.89184  1.000 643.06298 ? 15 DT B OP1   1 
ATOM 456 O OP2   . DT B 2 9  ? 4.52825   -8.69962  -2.39028  1.000 602.23957 ? 15 DT B OP2   1 
ATOM 457 O "O5'" . DT B 2 9  ? 5.62877   -7.21424  -4.06247  1.000 593.02249 ? 15 DT B "O5'" 1 
ATOM 458 C "C5'" . DT B 2 9  ? 6.97124   -7.60429  -3.83093  1.000 589.40695 ? 15 DT B "C5'" 1 
ATOM 459 C "C4'" . DT B 2 9  ? 7.87930   -6.39229  -3.76298  1.000 564.82311 ? 15 DT B "C4'" 1 
ATOM 460 O "O4'" . DT B 2 9  ? 7.33838   -5.43703  -2.80608  1.000 518.79536 ? 15 DT B "O4'" 1 
ATOM 461 C "C3'" . DT B 2 9  ? 9.28934   -6.69025  -3.27938  1.000 559.62099 ? 15 DT B "C3'" 1 
ATOM 462 O "O3'" . DT B 2 9  ? 10.20114  -5.73966  -3.81468  1.000 570.03816 ? 15 DT B "O3'" 1 
ATOM 463 C "C2'" . DT B 2 9  ? 9.13740   -6.53062  -1.77590  1.000 546.22230 ? 15 DT B "C2'" 1 
ATOM 464 C "C1'" . DT B 2 9  ? 8.22118   -5.31718  -1.70554  1.000 523.31939 ? 15 DT B "C1'" 1 
ATOM 465 N N1    . DT B 2 9  ? 7.42176   -5.26236  -0.45277  1.000 516.63047 ? 15 DT B N1    1 
ATOM 466 C C2    . DT B 2 9  ? 7.63548   -4.23895  0.44553   1.000 487.31228 ? 15 DT B C2    1 
ATOM 467 O O2    . DT B 2 9  ? 8.44350   -3.34629  0.26113   1.000 477.83347 ? 15 DT B O2    1 
ATOM 468 N N3    . DT B 2 9  ? 6.84543   -4.28793  1.56704   1.000 496.55192 ? 15 DT B N3    1 
ATOM 469 C C4    . DT B 2 9  ? 5.89603   -5.24910  1.87472   1.000 518.47124 ? 15 DT B C4    1 
ATOM 470 O O4    . DT B 2 9  ? 5.23354   -5.21578  2.90512   1.000 527.02457 ? 15 DT B O4    1 
ATOM 471 C C5    . DT B 2 9  ? 5.73569   -6.29649  0.89497   1.000 541.26521 ? 15 DT B C5    1 
ATOM 472 C C7    . DT B 2 9  ? 4.73640   -7.39211  1.12107   1.000 536.56349 ? 15 DT B C7    1 
ATOM 473 C C6    . DT B 2 9  ? 6.49866   -6.25425  -0.20486  1.000 546.75299 ? 15 DT B C6    1 
ATOM 474 P P     . DA B 2 10 ? 11.70530  -5.66125  -3.25459  1.000 583.77592 ? 16 DA B P     1 
ATOM 475 O OP1   . DA B 2 10 ? 12.52503  -4.96670  -4.26872  1.000 577.10864 ? 16 DA B OP1   1 
ATOM 476 O OP2   . DA B 2 10 ? 12.08604  -7.02485  -2.81756  1.000 503.64526 ? 16 DA B OP2   1 
ATOM 477 O "O5'" . DA B 2 10 ? 11.58380  -4.71748  -1.96504  1.000 537.18380 ? 16 DA B "O5'" 1 
ATOM 478 C "C5'" . DA B 2 10 ? 12.69086  -3.94073  -1.53492  1.000 514.89362 ? 16 DA B "C5'" 1 
ATOM 479 C "C4'" . DA B 2 10 ? 13.29539  -4.51900  -0.26727  1.000 488.98426 ? 16 DA B "C4'" 1 
ATOM 480 O "O4'" . DA B 2 10 ? 12.28497  -4.59463  0.77550   1.000 475.09495 ? 16 DA B "O4'" 1 
ATOM 481 C "C3'" . DA B 2 10 ? 13.87265  -5.93288  -0.40409  1.000 473.46739 ? 16 DA B "C3'" 1 
ATOM 482 O "O3'" . DA B 2 10 ? 15.13804  -5.97816  0.21462   1.000 479.26037 ? 16 DA B "O3'" 1 
ATOM 483 C "C2'" . DA B 2 10 ? 12.85689  -6.80199  0.33834   1.000 477.96268 ? 16 DA B "C2'" 1 
ATOM 484 C "C1'" . DA B 2 10 ? 12.38326  -5.84712  1.41334   1.000 470.98177 ? 16 DA B "C1'" 1 
ATOM 485 N N9    . DA B 2 10 ? 11.08018  -6.19501  1.96987   1.000 474.04585 ? 16 DA B N9    1 
ATOM 486 C C8    . DA B 2 10 ? 10.09653  -6.92678  1.36500   1.000 481.26651 ? 16 DA B C8    1 
ATOM 487 N N7    . DA B 2 10 ? 9.02238   -7.08065  2.10242   1.000 483.97573 ? 16 DA B N7    1 
ATOM 488 C C5    . DA B 2 10 ? 9.32438   -6.40448  3.27204   1.000 502.23199 ? 16 DA B C5    1 
ATOM 489 C C6    . DA B 2 10 ? 8.59874   -6.19296  4.46242   1.000 520.57321 ? 16 DA B C6    1 
ATOM 490 N N6    . DA B 2 10 ? 7.36616   -6.66669  4.66668   1.000 516.31184 ? 16 DA B N6    1 
ATOM 491 N N1    . DA B 2 10 ? 9.19369   -5.47325  5.43668   1.000 535.57474 ? 16 DA B N1    1 
ATOM 492 C C2    . DA B 2 10 ? 10.42815  -5.00064  5.22957   1.000 528.20699 ? 16 DA B C2    1 
ATOM 493 N N3    . DA B 2 10 ? 11.20681  -5.13247  4.15666   1.000 505.73456 ? 16 DA B N3    1 
ATOM 494 C C4    . DA B 2 10 ? 10.58955  -5.85167  3.20572   1.000 492.69937 ? 16 DA B C4    1 
ATOM 495 P P     . DC B 2 11 ? 16.11091  -7.24334  0.03251   1.000 547.19461 ? 17 DC B P     1 
ATOM 496 O OP1   . DC B 2 11 ? 17.17304  -6.82778  -0.90991  1.000 545.14895 ? 17 DC B OP1   1 
ATOM 497 O OP2   . DC B 2 11 ? 15.31740  -8.45945  -0.25712  1.000 522.89857 ? 17 DC B OP2   1 
ATOM 498 O "O5'" . DC B 2 11 ? 16.75397  -7.40028  1.48626   1.000 532.52076 ? 17 DC B "O5'" 1 
ATOM 499 C "C5'" . DC B 2 11 ? 17.20433  -6.23919  2.17065   1.000 526.87585 ? 17 DC B "C5'" 1 
ATOM 500 C "C4'" . DC B 2 11 ? 16.78518  -6.25563  3.63096   1.000 505.11019 ? 17 DC B "C4'" 1 
ATOM 501 O "O4'" . DC B 2 11 ? 15.34568  -6.39147  3.74552   1.000 508.96599 ? 17 DC B "O4'" 1 
ATOM 502 C "C3'" . DC B 2 11 ? 17.38514  -7.38970  4.47262   1.000 469.92554 ? 17 DC B "C3'" 1 
ATOM 503 O "O3'" . DC B 2 11 ? 18.15246  -6.84032  5.53586   1.000 464.30139 ? 17 DC B "O3'" 1 
ATOM 504 C "C2'" . DC B 2 11 ? 16.15880  -8.15106  4.99580   1.000 478.68942 ? 17 DC B "C2'" 1 
ATOM 505 C "C1'" . DC B 2 11 ? 15.08412  -7.08175  4.93734   1.000 498.06462 ? 17 DC B "C1'" 1 
ATOM 506 N N1    . DC B 2 11 ? 13.69026  -7.62531  4.90864   1.000 505.82252 ? 17 DC B N1    1 
ATOM 507 C C2    . DC B 2 11 ? 12.84376  -7.41864  6.00946   1.000 510.74390 ? 17 DC B C2    1 
ATOM 508 O O2    . DC B 2 11 ? 13.26587  -6.78220  6.98547   1.000 516.67323 ? 17 DC B O2    1 
ATOM 509 N N3    . DC B 2 11 ? 11.58647  -7.92474  5.97508   1.000 507.59395 ? 17 DC B N3    1 
ATOM 510 C C4    . DC B 2 11 ? 11.17177  -8.60642  4.90393   1.000 498.41979 ? 17 DC B C4    1 
ATOM 511 N N4    . DC B 2 11 ? 9.92456   -9.08310  4.91309   1.000 488.76333 ? 17 DC B N4    1 
ATOM 512 C C5    . DC B 2 11 ? 12.01910  -8.82976  3.77729   1.000 498.96369 ? 17 DC B C5    1 
ATOM 513 C C6    . DC B 2 11 ? 13.25800  -8.32852  3.82304   1.000 501.00827 ? 17 DC B C6    1 
ATOM 514 P P     . DG B 2 12 ? 19.13844  -7.77311  6.39590   1.000 531.69071 ? 18 DG B P     1 
ATOM 515 O OP1   . DG B 2 12 ? 20.47239  -7.13403  6.39047   1.000 540.18833 ? 18 DG B OP1   1 
ATOM 516 O OP2   . DG B 2 12 ? 18.99671  -9.16563  5.91668   1.000 523.71602 ? 18 DG B OP2   1 
ATOM 517 O "O5'" . DG B 2 12 ? 18.53506  -7.70140  7.87506   1.000 504.68143 ? 18 DG B "O5'" 1 
ATOM 518 C "C5'" . DG B 2 12 ? 18.38566  -6.44053  8.52513   1.000 487.85381 ? 18 DG B "C5'" 1 
ATOM 519 C "C4'" . DG B 2 12 ? 17.83819  -6.61683  9.93169   1.000 480.37178 ? 18 DG B "C4'" 1 
ATOM 520 O "O4'" . DG B 2 12 ? 16.40272  -6.81885  9.87196   1.000 461.92743 ? 18 DG B "O4'" 1 
ATOM 521 C "C3'" . DG B 2 12 ? 18.40944  -7.80673  10.69549  1.000 473.96802 ? 18 DG B "C3'" 1 
ATOM 522 O "O3'" . DG B 2 12 ? 18.57580  -7.48970  12.06806  1.000 503.11743 ? 18 DG B "O3'" 1 
ATOM 523 C "C2'" . DG B 2 12 ? 17.36094  -8.89161  10.49767  1.000 473.40400 ? 18 DG B "C2'" 1 
ATOM 524 C "C1'" . DG B 2 12 ? 16.06381  -8.09808  10.36270  1.000 469.75408 ? 18 DG B "C1'" 1 
ATOM 525 N N9    . DG B 2 12 ? 15.14883  -8.72531  9.42424   1.000 474.72575 ? 18 DG B N9    1 
ATOM 526 C C8    . DG B 2 12 ? 15.35129  -8.90887  8.08171   1.000 476.21781 ? 18 DG B C8    1 
ATOM 527 N N7    . DG B 2 12 ? 14.37499  -9.53154  7.48845   1.000 481.47497 ? 18 DG B N7    1 
ATOM 528 C C5    . DG B 2 12 ? 13.46876  -9.78338  8.50584   1.000 483.67757 ? 18 DG B C5    1 
ATOM 529 C C6    . DG B 2 12 ? 12.21986  -10.43615 8.46589   1.000 490.33269 ? 18 DG B C6    1 
ATOM 530 O O6    . DG B 2 12 ? 11.64457  -10.92837 7.48726   1.000 494.20651 ? 18 DG B O6    1 
ATOM 531 N N1    . DG B 2 12 ? 11.62457  -10.48319 9.72266   1.000 494.80828 ? 18 DG B N1    1 
ATOM 532 C C2    . DG B 2 12 ? 12.17354  -9.97014  10.87449  1.000 490.94997 ? 18 DG B C2    1 
ATOM 533 N N2    . DG B 2 12 ? 11.45228  -10.11028 11.99442  1.000 496.44632 ? 18 DG B N2    1 
ATOM 534 N N3    . DG B 2 12 ? 13.34656  -9.35574  10.92450  1.000 480.76307 ? 18 DG B N3    1 
ATOM 535 C C4    . DG B 2 12 ? 13.93310  -9.29579  9.70632   1.000 479.64742 ? 18 DG B C4    1 
ATOM 536 P P     . DC B 2 13 ? 19.26906  -8.55150  13.05735  1.000 559.18758 ? 19 DC B P     1 
ATOM 537 O OP1   . DC B 2 13 ? 19.81517  -7.81027  14.21645  1.000 581.92103 ? 19 DC B OP1   1 
ATOM 538 O OP2   . DC B 2 13 ? 20.16838  -9.40053  12.24527  1.000 514.96990 ? 19 DC B OP2   1 
ATOM 539 O "O5'" . DC B 2 13 ? 18.05193  -9.46752  13.54488  1.000 508.77209 ? 19 DC B "O5'" 1 
ATOM 540 C "C5'" . DC B 2 13 ? 16.84117  -8.86127  13.98147  1.000 503.14777 ? 19 DC B "C5'" 1 
ATOM 541 C "C4'" . DC B 2 13 ? 15.79421  -9.91176  14.30176  1.000 494.65756 ? 19 DC B "C4'" 1 
ATOM 542 O "O4'" . DC B 2 13 ? 15.05458  -10.26814 13.10244  1.000 484.53813 ? 19 DC B "O4'" 1 
ATOM 543 C "C3'" . DC B 2 13 ? 16.34539  -11.22870 14.87129  1.000 500.01347 ? 19 DC B "C3'" 1 
ATOM 544 O "O3'" . DC B 2 13 ? 15.71790  -11.51358 16.12047  1.000 522.79787 ? 19 DC B "O3'" 1 
ATOM 545 C "C2'" . DC B 2 13 ? 15.97594  -12.26386 13.80372  1.000 506.34949 ? 19 DC B "C2'" 1 
ATOM 546 C "C1'" . DC B 2 13 ? 14.74463  -11.63397 13.18242  1.000 493.48670 ? 19 DC B "C1'" 1 
ATOM 547 N N1    . DC B 2 13 ? 14.43763  -12.16202 11.82217  1.000 496.62600 ? 19 DC B N1    1 
ATOM 548 C C2    . DC B 2 13 ? 13.30036  -12.95998 11.62891  1.000 508.78199 ? 19 DC B C2    1 
ATOM 549 O O2    . DC B 2 13 ? 12.55855  -13.19165 12.59255  1.000 509.96861 ? 19 DC B O2    1 
ATOM 550 N N3    . DC B 2 13 ? 13.04363  -13.44659 10.38783  1.000 519.00300 ? 19 DC B N3    1 
ATOM 551 C C4    . DC B 2 13 ? 13.87381  -13.16843 9.37894   1.000 518.28759 ? 19 DC B C4    1 
ATOM 552 N N4    . DC B 2 13 ? 13.58596  -13.66491 8.17158   1.000 530.17305 ? 19 DC B N4    1 
ATOM 553 C C5    . DC B 2 13 ? 15.04069  -12.36947 9.56277   1.000 506.91345 ? 19 DC B C5    1 
ATOM 554 C C6    . DC B 2 13 ? 15.28418  -11.89813 10.78882  1.000 494.40221 ? 19 DC B C6    1 
ATOM 555 P P     . DA B 2 14 ? 16.19171  -12.75827 17.02491  1.000 560.88003 ? 20 DA B P     1 
ATOM 556 O OP1   . DA B 2 14 ? 16.58893  -12.20273 18.33690  1.000 551.64316 ? 20 DA B OP1   1 
ATOM 557 O OP2   . DA B 2 14 ? 17.15695  -13.58744 16.26833  1.000 542.99026 ? 20 DA B OP2   1 
ATOM 558 O "O5'" . DA B 2 14 ? 14.84995  -13.60965 17.22213  1.000 539.55738 ? 20 DA B "O5'" 1 
ATOM 559 C "C5'" . DA B 2 14 ? 13.89739  -13.68354 16.16476  1.000 534.47878 ? 20 DA B "C5'" 1 
ATOM 560 C "C4'" . DA B 2 14 ? 12.76328  -14.62441 16.51306  1.000 528.57508 ? 20 DA B "C4'" 1 
ATOM 561 O "O4'" . DA B 2 14 ? 12.14815  -15.09882 15.29176  1.000 541.23650 ? 20 DA B "O4'" 1 
ATOM 562 C "C3'" . DA B 2 14 ? 13.18724  -15.88277 17.23502  1.000 527.47481 ? 20 DA B "C3'" 1 
ATOM 563 O "O3'" . DA B 2 14 ? 12.07494  -16.43936 17.91747  1.000 534.43148 ? 20 DA B "O3'" 1 
ATOM 564 C "C2'" . DA B 2 14 ? 13.63865  -16.76728 16.07793  1.000 530.80466 ? 20 DA B "C2'" 1 
ATOM 565 C "C1'" . DA B 2 14 ? 12.64734  -16.38781 14.97407  1.000 531.52095 ? 20 DA B "C1'" 1 
ATOM 566 N N9    . DA B 2 14 ? 13.24812  -16.33441 13.64031  1.000 527.18811 ? 20 DA B N9    1 
ATOM 567 C C8    . DA B 2 14 ? 14.34003  -15.60658 13.25692  1.000 519.24479 ? 20 DA B C8    1 
ATOM 568 N N7    . DA B 2 14 ? 14.65621  -15.75073 11.99081  1.000 518.95577 ? 20 DA B N7    1 
ATOM 569 C C5    . DA B 2 14 ? 13.70265  -16.63092 11.50736  1.000 525.80485 ? 20 DA B C5    1 
ATOM 570 C C6    . DA B 2 14 ? 13.48337  -17.18816 10.22977  1.000 529.34358 ? 20 DA B C6    1 
ATOM 571 N N6    . DA B 2 14 ? 14.25106  -16.91955 9.16794   1.000 526.38264 ? 20 DA B N6    1 
ATOM 572 N N1    . DA B 2 14 ? 12.43834  -18.03327 10.08513  1.000 536.56071 ? 20 DA B N1    1 
ATOM 573 C C2    . DA B 2 14 ? 11.67608  -18.29923 11.15366  1.000 540.10880 ? 20 DA B C2    1 
ATOM 574 N N3    . DA B 2 14 ? 11.78313  -17.83629 12.39916  1.000 543.75124 ? 20 DA B N3    1 
ATOM 575 C C4    . DA B 2 14 ? 12.82579  -16.99986 12.51028  1.000 530.21254 ? 20 DA B C4    1 
ATOM 576 P P     . DT B 2 15 ? 12.28782  -17.63570 18.96745  1.000 583.95274 ? 21 DT B P     1 
ATOM 577 O OP1   . DT B 2 15 ? 11.09777  -17.68875 19.84742  1.000 618.76434 ? 21 DT B OP1   1 
ATOM 578 O OP2   . DT B 2 15 ? 13.63496  -17.47912 19.55992  1.000 553.31153 ? 21 DT B OP2   1 
ATOM 579 O "O5'" . DT B 2 15 ? 12.31020  -18.94125 18.04716  1.000 560.06345 ? 21 DT B "O5'" 1 
ATOM 580 C "C5'" . DT B 2 15 ? 11.21028  -19.22351 17.19138  1.000 558.48386 ? 21 DT B "C5'" 1 
ATOM 581 C "C4'" . DT B 2 15 ? 11.55304  -20.34815 16.23349  1.000 554.76779 ? 21 DT B "C4'" 1 
ATOM 582 O "O4'" . DT B 2 15 ? 12.14639  -19.80798 15.04269  1.000 553.61278 ? 21 DT B "O4'" 1 
ATOM 583 C "C3'" . DT B 2 15 ? 12.58267  -21.33596 16.75790  1.000 553.70302 ? 21 DT B "C3'" 1 
ATOM 584 O "O3'" . DT B 2 15 ? 11.93002  -22.41628 17.41408  1.000 576.22004 ? 21 DT B "O3'" 1 
ATOM 585 C "C2'" . DT B 2 15 ? 13.32529  -21.80564 15.49354  1.000 554.44770 ? 21 DT B "C2'" 1 
ATOM 586 C "C1'" . DT B 2 15 ? 12.84852  -20.84178 14.39869  1.000 555.00581 ? 21 DT B "C1'" 1 
ATOM 587 N N1    . DT B 2 15 ? 13.95821  -20.24338 13.59620  1.000 551.97082 ? 21 DT B N1    1 
ATOM 588 C C2    . DT B 2 15 ? 14.09034  -20.58897 12.27236  1.000 554.52965 ? 21 DT B C2    1 
ATOM 589 O O2    . DT B 2 15 ? 13.34417  -21.37062 11.70927  1.000 559.22617 ? 21 DT B O2    1 
ATOM 590 N N3    . DT B 2 15 ? 15.13725  -19.98674 11.62449  1.000 559.80589 ? 21 DT B N3    1 
ATOM 591 C C4    . DT B 2 15 ? 16.04564  -19.08995 12.15745  1.000 558.76770 ? 21 DT B C4    1 
ATOM 592 O O4    . DT B 2 15 ? 16.95507  -18.60133 11.49288  1.000 572.49481 ? 21 DT B O4    1 
ATOM 593 C C5    . DT B 2 15 ? 15.84989  -18.76932 13.55093  1.000 547.00153 ? 21 DT B C5    1 
ATOM 594 C C7    . DT B 2 15 ? 16.77343  -17.80911 14.24005  1.000 549.15125 ? 21 DT B C7    1 
ATOM 595 C C6    . DT B 2 15 ? 14.82849  -19.35618 14.19524  1.000 546.85781 ? 21 DT B C6    1 
ATOM 596 P P     . DA C 3 1  ? -25.45605 14.98822  -13.15181 1.000 353.63379 ? 19 DA C P     1 
ATOM 597 O OP1   . DA C 3 1  ? -25.64283 16.43604  -13.40404 1.000 352.75631 ? 19 DA C OP1   1 
ATOM 598 O OP2   . DA C 3 1  ? -25.56207 14.03404  -14.27995 1.000 361.52974 ? 19 DA C OP2   1 
ATOM 599 O "O5'" . DA C 3 1  ? -24.05954 14.73166  -12.40034 1.000 398.73363 ? 19 DA C "O5'" 1 
ATOM 600 C "C5'" . DA C 3 1  ? -23.33547 15.82679  -11.83217 1.000 401.64897 ? 19 DA C "C5'" 1 
ATOM 601 C "C4'" . DA C 3 1  ? -22.28077 15.34163  -10.84327 1.000 396.97536 ? 19 DA C "C4'" 1 
ATOM 602 O "O4'" . DA C 3 1  ? -22.65334 14.03137  -10.33035 1.000 356.69663 ? 19 DA C "O4'" 1 
ATOM 603 C "C3'" . DA C 3 1  ? -20.86999 15.19078  -11.41827 1.000 398.79499 ? 19 DA C "C3'" 1 
ATOM 604 O "O3'" . DA C 3 1  ? -19.89175 15.67117  -10.48577 1.000 418.26449 ? 19 DA C "O3'" 1 
ATOM 605 C "C2'" . DA C 3 1  ? -20.74673 13.68654  -11.64254 1.000 363.89347 ? 19 DA C "C2'" 1 
ATOM 606 C "C1'" . DA C 3 1  ? -21.58134 13.12831  -10.49974 1.000 343.93263 ? 19 DA C "C1'" 1 
ATOM 607 N N9    . DA C 3 1  ? -22.13039 11.80052  -10.77950 1.000 328.81111 ? 19 DA C N9    1 
ATOM 608 C C8    . DA C 3 1  ? -22.98976 11.46323  -11.78746 1.000 332.93482 ? 19 DA C C8    1 
ATOM 609 N N7    . DA C 3 1  ? -23.31624 10.19207  -11.80499 1.000 318.19579 ? 19 DA C N7    1 
ATOM 610 C C5    . DA C 3 1  ? -22.62222 9.65432   -10.73331 1.000 338.70725 ? 19 DA C C5    1 
ATOM 611 C C6    . DA C 3 1  ? -22.54351 8.34421   -10.21157 1.000 347.58520 ? 19 DA C C6    1 
ATOM 612 N N6    . DA C 3 1  ? -23.20392 7.30322   -10.73236 1.000 339.45061 ? 19 DA C N6    1 
ATOM 613 N N1    . DA C 3 1  ? -21.75735 8.14610   -9.12961  1.000 356.75029 ? 19 DA C N1    1 
ATOM 614 C C2    . DA C 3 1  ? -21.09839 9.19338   -8.61192  1.000 371.60830 ? 19 DA C C2    1 
ATOM 615 N N3    . DA C 3 1  ? -21.09474 10.46691  -9.01489  1.000 388.44257 ? 19 DA C N3    1 
ATOM 616 C C4    . DA C 3 1  ? -21.88377 10.63148  -10.08962 1.000 351.93994 ? 19 DA C C4    1 
ATOM 617 P P     . DC C 3 2  ? -18.84006 16.80675  -10.92925 1.000 460.22513 ? 20 DC C P     1 
ATOM 618 O OP1   . DC C 3 2  ? -19.08244 17.99238  -10.07874 1.000 450.21779 ? 20 DC C OP1   1 
ATOM 619 O OP2   . DC C 3 2  ? -18.90810 16.94391  -12.40185 1.000 438.15043 ? 20 DC C OP2   1 
ATOM 620 O "O5'" . DC C 3 2  ? -17.40979 16.19611  -10.54179 1.000 392.71134 ? 20 DC C "O5'" 1 
ATOM 621 C "C5'" . DC C 3 2  ? -17.07100 14.86496  -10.91801 1.000 365.69759 ? 20 DC C "C5'" 1 
ATOM 622 C "C4'" . DC C 3 2  ? -16.65710 14.05375  -9.70374  1.000 349.81699 ? 20 DC C "C4'" 1 
ATOM 623 O "O4'" . DC C 3 2  ? -17.50270 12.87901  -9.59399  1.000 364.36866 ? 20 DC C "O4'" 1 
ATOM 624 C "C3'" . DC C 3 2  ? -15.24976 13.49480  -9.75492  1.000 330.59207 ? 20 DC C "C3'" 1 
ATOM 625 O "O3'" . DC C 3 2  ? -14.83936 13.17051  -8.43258  1.000 329.67110 ? 20 DC C "O3'" 1 
ATOM 626 C "C2'" . DC C 3 2  ? -15.47550 12.23658  -10.58017 1.000 326.64454 ? 20 DC C "C2'" 1 
ATOM 627 C "C1'" . DC C 3 2  ? -16.74286 11.72219  -9.91355  1.000 335.02559 ? 20 DC C "C1'" 1 
ATOM 628 N N1    . DC C 3 2  ? -17.58241 10.83575  -10.76811 1.000 359.21384 ? 20 DC C N1    1 
ATOM 629 C C2    . DC C 3 2  ? -17.65909 9.46485   -10.48810 1.000 340.37637 ? 20 DC C C2    1 
ATOM 630 O O2    . DC C 3 2  ? -17.00474 8.99988   -9.54884  1.000 350.23341 ? 20 DC C O2    1 
ATOM 631 N N3    . DC C 3 2  ? -18.44713 8.67856   -11.26505 1.000 349.39241 ? 20 DC C N3    1 
ATOM 632 C C4    . DC C 3 2  ? -19.13941 9.21508   -12.27196 1.000 359.14126 ? 20 DC C C4    1 
ATOM 633 N N4    . DC C 3 2  ? -19.90200 8.40151   -13.01126 1.000 358.58292 ? 20 DC C N4    1 
ATOM 634 C C5    . DC C 3 2  ? -19.08016 10.60996  -12.56586 1.000 358.30543 ? 20 DC C C5    1 
ATOM 635 C C6    . DC C 3 2  ? -18.29853 11.37337  -11.79465 1.000 367.11581 ? 20 DC C C6    1 
ATOM 636 P P     . DA C 3 3  ? -13.28296 13.14138  -8.04416  1.000 325.73240 ? 21 DA C P     1 
ATOM 637 O OP1   . DA C 3 3  ? -13.09085 14.10430  -6.93480  1.000 324.44175 ? 21 DA C OP1   1 
ATOM 638 O OP2   . DA C 3 3  ? -12.50669 13.29474  -9.29565  1.000 319.92090 ? 21 DA C OP2   1 
ATOM 639 O "O5'" . DA C 3 3  ? -13.05580 11.65627  -7.48476  1.000 334.07603 ? 21 DA C "O5'" 1 
ATOM 640 C "C5'" . DA C 3 3  ? -13.82377 10.56674  -8.00545  1.000 322.95360 ? 21 DA C "C5'" 1 
ATOM 641 C "C4'" . DA C 3 3  ? -12.95825 9.33341   -8.20223  1.000 330.32516 ? 21 DA C "C4'" 1 
ATOM 642 O "O4'" . DA C 3 3  ? -13.69034 8.34160   -8.97418  1.000 340.44134 ? 21 DA C "O4'" 1 
ATOM 643 C "C3'" . DA C 3 3  ? -11.68661 9.56729   -8.99802  1.000 305.36670 ? 21 DA C "C3'" 1 
ATOM 644 O "O3'" . DA C 3 3  ? -10.75568 8.53955   -8.70807  1.000 301.63126 ? 21 DA C "O3'" 1 
ATOM 645 C "C2'" . DA C 3 3  ? -12.20719 9.42804   -10.41488 1.000 324.42595 ? 21 DA C "C2'" 1 
ATOM 646 C "C1'" . DA C 3 3  ? -13.07390 8.19543   -10.24566 1.000 317.93803 ? 21 DA C "C1'" 1 
ATOM 647 N N9    . DA C 3 3  ? -14.11853 8.06912   -11.25020 1.000 340.46417 ? 21 DA C N9    1 
ATOM 648 C C8    . DA C 3 3  ? -14.66964 9.07577   -11.99398 1.000 317.42402 ? 21 DA C C8    1 
ATOM 649 N N7    . DA C 3 3  ? -15.60455 8.66727   -12.81775 1.000 314.65406 ? 21 DA C N7    1 
ATOM 650 C C5    . DA C 3 3  ? -15.67071 7.30157   -12.59540 1.000 330.78472 ? 21 DA C C5    1 
ATOM 651 C C6    . DA C 3 3  ? -16.47116 6.28728   -13.15663 1.000 335.02836 ? 21 DA C C6    1 
ATOM 652 N N6    . DA C 3 3  ? -17.38895 6.52118   -14.09513 1.000 316.41896 ? 21 DA C N6    1 
ATOM 653 N N1    . DA C 3 3  ? -16.28901 5.02367   -12.71179 1.000 356.45730 ? 21 DA C N1    1 
ATOM 654 C C2    . DA C 3 3  ? -15.36338 4.79801   -11.76997 1.000 367.39775 ? 21 DA C C2    1 
ATOM 655 N N3    . DA C 3 3  ? -14.55008 5.67153   -11.17070 1.000 346.09625 ? 21 DA C N3    1 
ATOM 656 C C4    . DA C 3 3  ? -14.76005 6.91676   -11.63330 1.000 346.54481 ? 21 DA C C4    1 
ATOM 657 P P     . DC C 3 4  ? -9.70751  8.70914   -7.50410  1.000 321.68091 ? 22 DC C P     1 
ATOM 658 O OP1   . DC C 3 4  ? -9.17674  10.08898  -7.58252  1.000 353.69423 ? 22 DC C OP1   1 
ATOM 659 O OP2   . DC C 3 4  ? -8.77182  7.56335   -7.55028  1.000 360.26109 ? 22 DC C OP2   1 
ATOM 660 O "O5'" . DC C 3 4  ? -10.61413 8.58784   -6.19016  1.000 361.93878 ? 22 DC C "O5'" 1 
ATOM 661 C "C5'" . DC C 3 4  ? -10.11742 7.91668   -5.03817  1.000 372.12077 ? 22 DC C "C5'" 1 
ATOM 662 C "C4'" . DC C 3 4  ? -10.19205 8.81722   -3.81982  1.000 362.89891 ? 22 DC C "C4'" 1 
ATOM 663 O "O4'" . DC C 3 4  ? -8.85564  8.99375   -3.27693  1.000 345.16480 ? 22 DC C "O4'" 1 
ATOM 664 C "C3'" . DC C 3 4  ? -10.71601 10.22098  -4.10154  1.000 363.74489 ? 22 DC C "C3'" 1 
ATOM 665 O "O3'" . DC C 3 4  ? -11.40860 10.74061  -2.96599  1.000 364.20463 ? 22 DC C "O3'" 1 
ATOM 666 C "C2'" . DC C 3 4  ? -9.43690  10.99403  -4.37991  1.000 352.14376 ? 22 DC C "C2'" 1 
ATOM 667 C "C1'" . DC C 3 4  ? -8.45294  10.34035  -3.41393  1.000 333.45930 ? 22 DC C "C1'" 1 
ATOM 668 N N1    . DC C 3 4  ? -7.04304  10.37733  -3.90703  1.000 327.01204 ? 22 DC C N1    1 
ATOM 669 C C2    . DC C 3 4  ? -6.01766  10.80113  -3.05590  1.000 349.94415 ? 22 DC C C2    1 
ATOM 670 O O2    . DC C 3 4  ? -6.28474  11.12788  -1.89830  1.000 340.45786 ? 22 DC C O2    1 
ATOM 671 N N3    . DC C 3 4  ? -4.74998  10.84988  -3.52684  1.000 363.68541 ? 22 DC C N3    1 
ATOM 672 C C4    . DC C 3 4  ? -4.48911  10.49000  -4.78202  1.000 366.56589 ? 22 DC C C4    1 
ATOM 673 N N4    . DC C 3 4  ? -3.22141  10.56164  -5.19589  1.000 387.96641 ? 22 DC C N4    1 
ATOM 674 C C5    . DC C 3 4  ? -5.51931  10.06327  -5.66904  1.000 340.51758 ? 22 DC C C5    1 
ATOM 675 C C6    . DC C 3 4  ? -6.76966  10.02329  -5.19536  1.000 321.95549 ? 22 DC C C6    1 
ATOM 676 P P     . DC C 3 5  ? -12.48873 11.92199  -3.14407  1.000 396.97052 ? 23 DC C P     1 
ATOM 677 O OP1   . DC C 3 5  ? -13.82677 11.29752  -3.24833  1.000 410.79327 ? 23 DC C OP1   1 
ATOM 678 O OP2   . DC C 3 5  ? -12.01532 12.83199  -4.21282  1.000 381.76084 ? 23 DC C OP2   1 
ATOM 679 O "O5'" . DC C 3 5  ? -12.40607 12.72755  -1.76493  1.000 419.31253 ? 23 DC C "O5'" 1 
ATOM 680 C "C5'" . DC C 3 5  ? -11.61035 12.22946  -0.69773  1.000 414.53698 ? 23 DC C "C5'" 1 
ATOM 681 C "C4'" . DC C 3 5  ? -10.80490 13.34592  -0.05995  1.000 413.88716 ? 23 DC C "C4'" 1 
ATOM 682 O "O4'" . DC C 3 5  ? -9.39346  13.09933  -0.26176  1.000 393.31738 ? 23 DC C "O4'" 1 
ATOM 683 C "C3'" . DC C 3 5  ? -11.03778 14.72409  -0.64959  1.000 382.74586 ? 23 DC C "C3'" 1 
ATOM 684 O "O3'" . DC C 3 5  ? -12.17291 15.33812  -0.04246  1.000 376.02656 ? 23 DC C "O3'" 1 
ATOM 685 C "C2'" . DC C 3 5  ? -9.75148  15.44535  -0.27268  1.000 358.13738 ? 23 DC C "C2'" 1 
ATOM 686 C "C1'" . DC C 3 5  ? -8.70348  14.33614  -0.33615  1.000 372.73783 ? 23 DC C "C1'" 1 
ATOM 687 N N1    . DC C 3 5  ? -7.89784  14.36471  -1.58235  1.000 376.83565 ? 23 DC C N1    1 
ATOM 688 C C2    . DC C 3 5  ? -6.62412  14.94644  -1.57270  1.000 399.33147 ? 23 DC C C2    1 
ATOM 689 O O2    . DC C 3 5  ? -6.18323  15.42011  -0.51741  1.000 425.65883 ? 23 DC C O2    1 
ATOM 690 N N3    . DC C 3 5  ? -5.90454  14.96282  -2.72283  1.000 399.80388 ? 23 DC C N3    1 
ATOM 691 C C4    . DC C 3 5  ? -6.41747  14.43900  -3.83626  1.000 392.78241 ? 23 DC C C4    1 
ATOM 692 N N4    . DC C 3 5  ? -5.67907  14.47522  -4.94787  1.000 406.37651 ? 23 DC C N4    1 
ATOM 693 C C5    . DC C 3 5  ? -7.71328  13.85217  -3.86155  1.000 386.21878 ? 23 DC C C5    1 
ATOM 694 C C6    . DC C 3 5  ? -8.41131  13.83748  -2.72584  1.000 379.69596 ? 23 DC C C6    1 
ATOM 695 P P     . DG C 3 6  ? -12.80096 16.68006  -0.66903  1.000 392.30094 ? 24 DG C P     1 
ATOM 696 O OP1   . DG C 3 6  ? -14.14950 16.84975  -0.08512  1.000 410.47785 ? 24 DG C OP1   1 
ATOM 697 O OP2   . DG C 3 6  ? -12.63941 16.60859  -2.13967  1.000 371.21348 ? 24 DG C OP2   1 
ATOM 698 O "O5'" . DG C 3 6  ? -11.85200 17.84940  -0.12033  1.000 380.48403 ? 24 DG C "O5'" 1 
ATOM 699 C "C5'" . DG C 3 6  ? -11.74705 18.08865  1.28366   1.000 360.50246 ? 24 DG C "C5'" 1 
ATOM 700 C "C4'" . DG C 3 6  ? -10.38238 18.65741  1.63790   1.000 359.39784 ? 24 DG C "C4'" 1 
ATOM 701 O "O4'" . DG C 3 6  ? -9.39597  18.17539  0.68664   1.000 341.86187 ? 24 DG C "O4'" 1 
ATOM 702 C "C3'" . DG C 3 6  ? -10.27310 20.17752  1.59630   1.000 368.39275 ? 24 DG C "C3'" 1 
ATOM 703 O "O3'" . DG C 3 6  ? -9.28934  20.60096  2.52752   1.000 398.40711 ? 24 DG C "O3'" 1 
ATOM 704 C "C2'" . DG C 3 6  ? -9.81602  20.41976  0.16856   1.000 337.48777 ? 24 DG C "C2'" 1 
ATOM 705 C "C1'" . DG C 3 6  ? -8.85634  19.25853  -0.03815  1.000 352.83319 ? 24 DG C "C1'" 1 
ATOM 706 N N9    . DG C 3 6  ? -8.74190  18.89483  -1.44261  1.000 355.44964 ? 24 DG C N9    1 
ATOM 707 C C8    . DG C 3 6  ? -9.70720  18.31311  -2.22963  1.000 367.75719 ? 24 DG C C8    1 
ATOM 708 N N7    . DG C 3 6  ? -9.33583  18.14474  -3.46742  1.000 360.64468 ? 24 DG C N7    1 
ATOM 709 C C5    . DG C 3 6  ? -8.04590  18.66098  -3.50729  1.000 356.81233 ? 24 DG C C5    1 
ATOM 710 C C6    . DG C 3 6  ? -7.13347  18.75764  -4.58456  1.000 378.25020 ? 24 DG C C6    1 
ATOM 711 O O6    . DG C 3 6  ? -7.28764  18.39164  -5.75707  1.000 394.63613 ? 24 DG C O6    1 
ATOM 712 N N1    . DG C 3 6  ? -5.93652  19.35060  -4.19464  1.000 384.48612 ? 24 DG C N1    1 
ATOM 713 C C2    . DG C 3 6  ? -5.65535  19.79375  -2.92235  1.000 381.80343 ? 24 DG C C2    1 
ATOM 714 N N2    . DG C 3 6  ? -4.44576  20.33929  -2.73290  1.000 419.28466 ? 24 DG C N2    1 
ATOM 715 N N3    . DG C 3 6  ? -6.50261  19.71272  -1.90559  1.000 342.99407 ? 24 DG C N3    1 
ATOM 716 C C4    . DG C 3 6  ? -7.67356  19.13779  -2.27034  1.000 343.54053 ? 24 DG C C4    1 
ATOM 717 P P     . DT C 3 7  ? -8.98574  22.16183  2.77150   1.000 395.06197 ? 25 DT C P     1 
ATOM 718 O OP1   . DT C 3 7  ? -9.55368  22.48507  4.09822   1.000 431.56904 ? 25 DT C OP1   1 
ATOM 719 O OP2   . DT C 3 7  ? -9.38006  22.97356  1.59451   1.000 322.73969 ? 25 DT C OP2   1 
ATOM 720 O "O5'" . DT C 3 7  ? -7.39134  22.20714  2.88651   1.000 375.93471 ? 25 DT C "O5'" 1 
ATOM 721 C "C5'" . DT C 3 7  ? -6.58784  21.65363  1.85250   1.000 322.74299 ? 25 DT C "C5'" 1 
ATOM 722 C "C4'" . DT C 3 7  ? -5.79717  22.74539  1.17236   1.000 332.28299 ? 25 DT C "C4'" 1 
ATOM 723 O "O4'" . DT C 3 7  ? -5.67232  22.44374  -0.23894  1.000 371.07461 ? 25 DT C "O4'" 1 
ATOM 724 C "C3'" . DT C 3 7  ? -6.43977  24.13454  1.26166   1.000 335.08496 ? 25 DT C "C3'" 1 
ATOM 725 O "O3'" . DT C 3 7  ? -5.50752  25.07450  1.77398   1.000 339.70461 ? 25 DT C "O3'" 1 
ATOM 726 C "C2'" . DT C 3 7  ? -6.83927  24.45042  -0.18210  1.000 340.48770 ? 25 DT C "C2'" 1 
ATOM 727 C "C1'" . DT C 3 7  ? -5.82984  23.63249  -0.96918  1.000 378.49776 ? 25 DT C "C1'" 1 
ATOM 728 N N1    . DT C 3 7  ? -6.27671  23.29370  -2.36130  1.000 374.37042 ? 25 DT C N1    1 
ATOM 729 C C2    . DT C 3 7  ? -5.45152  23.58822  -3.42803  1.000 366.08557 ? 25 DT C C2    1 
ATOM 730 O O2    . DT C 3 7  ? -4.35843  24.11223  -3.30409  1.000 367.46594 ? 25 DT C O2    1 
ATOM 731 N N3    . DT C 3 7  ? -5.95309  23.24179  -4.65459  1.000 354.61558 ? 25 DT C N3    1 
ATOM 732 C C4    . DT C 3 7  ? -7.17055  22.64610  -4.92141  1.000 350.14938 ? 25 DT C C4    1 
ATOM 733 O O4    . DT C 3 7  ? -7.53037  22.37327  -6.06257  1.000 352.92318 ? 25 DT C O4    1 
ATOM 734 C C5    . DT C 3 7  ? -7.98868  22.36528  -3.76164  1.000 342.42557 ? 25 DT C C5    1 
ATOM 735 C C7    . DT C 3 7  ? -9.33350  21.72162  -3.92553  1.000 344.52921 ? 25 DT C C7    1 
ATOM 736 C C6    . DT C 3 7  ? -7.50806  22.70025  -2.55272  1.000 341.59348 ? 25 DT C C6    1 
ATOM 737 O "O5'" . DT D 4 1  ? -22.18120 3.95451   -24.38232 1.000 496.11962 ? 1  DT F "O5'" 1 
ATOM 738 C "C5'" . DT D 4 1  ? -22.39069 2.67795   -24.98077 1.000 497.68405 ? 1  DT F "C5'" 1 
ATOM 739 C "C4'" . DT D 4 1  ? -21.90004 1.56706   -24.06912 1.000 471.61422 ? 1  DT F "C4'" 1 
ATOM 740 O "O4'" . DT D 4 1  ? -20.48553 1.75649   -23.79659 1.000 472.96065 ? 1  DT F "O4'" 1 
ATOM 741 C "C3'" . DT D 4 1  ? -22.59423 1.49768   -22.70616 1.000 450.14949 ? 1  DT F "C3'" 1 
ATOM 742 O "O3'" . DT D 4 1  ? -22.86567 0.14452   -22.35726 1.000 449.23701 ? 1  DT F "O3'" 1 
ATOM 743 C "C2'" . DT D 4 1  ? -21.57419 2.12239   -21.76089 1.000 436.68083 ? 1  DT F "C2'" 1 
ATOM 744 C "C1'" . DT D 4 1  ? -20.26196 1.70894   -22.40682 1.000 454.88500 ? 1  DT F "C1'" 1 
ATOM 745 N N1    . DT D 4 1  ? -19.13843 2.62289   -22.07548 1.000 456.57995 ? 1  DT F N1    1 
ATOM 746 C C2    . DT D 4 1  ? -18.01105 2.11431   -21.47736 1.000 463.31241 ? 1  DT F C2    1 
ATOM 747 O O2    . DT D 4 1  ? -17.87221 0.93430   -21.20821 1.000 458.78833 ? 1  DT F O2    1 
ATOM 748 N N3    . DT D 4 1  ? -17.04062 3.04227   -21.20482 1.000 479.97029 ? 1  DT F N3    1 
ATOM 749 C C4    . DT D 4 1  ? -17.08780 4.40094   -21.46104 1.000 481.27094 ? 1  DT F C4    1 
ATOM 750 O O4    . DT D 4 1  ? -16.16087 5.15536   -21.18018 1.000 488.47119 ? 1  DT F O4    1 
ATOM 751 C C5    . DT D 4 1  ? -18.30067 4.86845   -22.08786 1.000 464.69103 ? 1  DT F C5    1 
ATOM 752 C C7    . DT D 4 1  ? -18.46774 6.32270   -22.41606 1.000 464.22946 ? 1  DT F C7    1 
ATOM 753 C C6    . DT D 4 1  ? -19.25836 3.96782   -22.35595 1.000 455.51484 ? 1  DT F C6    1 
ATOM 754 P P     . DC D 4 2  ? -24.27567 -0.25116  -21.69346 1.000 515.94911 ? 2  DC F P     1 
ATOM 755 O OP1   . DC D 4 2  ? -25.03652 -1.01750  -22.70703 1.000 474.34910 ? 2  DC F OP1   1 
ATOM 756 O OP2   . DC D 4 2  ? -24.85988 0.98044   -21.11616 1.000 519.30585 ? 2  DC F OP2   1 
ATOM 757 O "O5'" . DC D 4 2  ? -23.87961 -1.23072  -20.48592 1.000 497.41905 ? 2  DC F "O5'" 1 
ATOM 758 C "C5'" . DC D 4 2  ? -23.60171 -0.70425  -19.18164 1.000 461.92477 ? 2  DC F "C5'" 1 
ATOM 759 C "C4'" . DC D 4 2  ? -22.35708 -1.35180  -18.59368 1.000 442.54196 ? 2  DC F "C4'" 1 
ATOM 760 O "O4'" . DC D 4 2  ? -21.18609 -0.73220  -19.16542 1.000 422.75837 ? 2  DC F "O4'" 1 
ATOM 761 C "C3'" . DC D 4 2  ? -22.17408 -1.17366  -17.09488 1.000 432.74814 ? 2  DC F "C3'" 1 
ATOM 762 O "O3'" . DC D 4 2  ? -22.91996 -2.17737  -16.36134 1.000 456.08640 ? 2  DC F "O3'" 1 
ATOM 763 C "C2'" . DC D 4 2  ? -20.66446 -1.33124  -16.92427 1.000 416.03559 ? 2  DC F "C2'" 1 
ATOM 764 C "C1'" . DC D 4 2  ? -20.10185 -0.85797  -18.26329 1.000 414.71409 ? 2  DC F "C1'" 1 
ATOM 765 N N1    . DC D 4 2  ? -19.39501 0.44209   -18.15631 1.000 421.10408 ? 2  DC F N1    1 
ATOM 766 C C2    . DC D 4 2  ? -18.12974 0.48496   -17.56047 1.000 411.34454 ? 2  DC F C2    1 
ATOM 767 O O2    . DC D 4 2  ? -17.62082 -0.56519  -17.14774 1.000 401.80035 ? 2  DC F O2    1 
ATOM 768 N N3    . DC D 4 2  ? -17.49404 1.67558   -17.45676 1.000 415.38202 ? 2  DC F N3    1 
ATOM 769 C C4    . DC D 4 2  ? -18.07350 2.78519   -17.91390 1.000 435.10770 ? 2  DC F C4    1 
ATOM 770 N N4    . DC D 4 2  ? -17.40440 3.93507   -17.78935 1.000 437.85498 ? 2  DC F N4    1 
ATOM 771 C C5    . DC D 4 2  ? -19.36773 2.76328   -18.51725 1.000 434.13086 ? 2  DC F C5    1 
ATOM 772 C C6    . DC D 4 2  ? -19.98837 1.58171   -18.61412 1.000 422.73241 ? 2  DC F C6    1 
ATOM 773 P P     . DT D 4 3  ? -22.23115 -3.53253  -15.81565 1.000 413.30002 ? 3  DT F P     1 
ATOM 774 O OP1   . DT D 4 3  ? -21.48484 -4.18711  -16.91670 1.000 414.77868 ? 3  DT F OP1   1 
ATOM 775 O OP2   . DT D 4 3  ? -23.32119 -4.28893  -15.16182 1.000 385.30115 ? 3  DT F OP2   1 
ATOM 776 O "O5'" . DT D 4 3  ? -21.22782 -3.05579  -14.65006 1.000 374.63361 ? 3  DT F "O5'" 1 
ATOM 777 C "C5'" . DT D 4 3  ? -19.96631 -3.71332  -14.47868 1.000 382.49396 ? 3  DT F "C5'" 1 
ATOM 778 C "C4'" . DT D 4 3  ? -19.06642 -2.95994  -13.50420 1.000 373.25978 ? 3  DT F "C4'" 1 
ATOM 779 O "O4'" . DT D 4 3  ? -18.75441 -1.63395  -14.01218 1.000 357.09881 ? 3  DT F "O4'" 1 
ATOM 780 C "C3'" . DT D 4 3  ? -19.64550 -2.74683  -12.09671 1.000 370.95581 ? 3  DT F "C3'" 1 
ATOM 781 O "O3'" . DT D 4 3  ? -18.75644 -3.28704  -11.11714 1.000 418.26632 ? 3  DT F "O3'" 1 
ATOM 782 C "C2'" . DT D 4 3  ? -19.75033 -1.22221  -11.97450 1.000 343.55670 ? 3  DT F "C2'" 1 
ATOM 783 C "C1'" . DT D 4 3  ? -18.64660 -0.76970  -12.90919 1.000 343.32033 ? 3  DT F "C1'" 1 
ATOM 784 N N1    . DT D 4 3  ? -18.80065 0.64219   -13.36226 1.000 324.34636 ? 3  DT F N1    1 
ATOM 785 C C2    . DT D 4 3  ? -17.84828 1.57928   -13.01241 1.000 322.38070 ? 3  DT F C2    1 
ATOM 786 O O2    . DT D 4 3  ? -16.85829 1.31317   -12.35919 1.000 337.61859 ? 3  DT F O2    1 
ATOM 787 N N3    . DT D 4 3  ? -18.09893 2.84748   -13.47146 1.000 320.28110 ? 3  DT F N3    1 
ATOM 788 C C4    . DT D 4 3  ? -19.18379 3.26256   -14.21779 1.000 327.94134 ? 3  DT F C4    1 
ATOM 789 O O4    . DT D 4 3  ? -19.32543 4.42326   -14.58391 1.000 307.11969 ? 3  DT F O4    1 
ATOM 790 C C5    . DT D 4 3  ? -20.14471 2.23318   -14.53747 1.000 371.80393 ? 3  DT F C5    1 
ATOM 791 C C7    . DT D 4 3  ? -21.36549 2.56521   -15.34239 1.000 425.88437 ? 3  DT F C7    1 
ATOM 792 C C6    . DT D 4 3  ? -19.90977 0.99054   -14.09694 1.000 352.44514 ? 3  DT F C6    1 
ATOM 793 P P     . DG D 4 4  ? -19.25348 -3.52174  -9.60408  1.000 443.32709 ? 4  DG F P     1 
ATOM 794 O OP1   . DG D 4 4  ? -19.12830 -4.96919  -9.32190  1.000 445.17032 ? 4  DG F OP1   1 
ATOM 795 O OP2   . DG D 4 4  ? -20.56482 -2.85434  -9.43897  1.000 397.23586 ? 4  DG F OP2   1 
ATOM 796 O "O5'" . DG D 4 4  ? -18.18785 -2.72202  -8.71383  1.000 364.50146 ? 4  DG F "O5'" 1 
ATOM 797 C "C5'" . DG D 4 4  ? -17.76730 -1.42657  -9.11478  1.000 349.59038 ? 4  DG F "C5'" 1 
ATOM 798 C "C4'" . DG D 4 4  ? -17.72916 -0.47001  -7.93835  1.000 339.68950 ? 4  DG F "C4'" 1 
ATOM 799 O "O4'" . DG D 4 4  ? -17.80312 0.89482   -8.42982  1.000 330.98394 ? 4  DG F "O4'" 1 
ATOM 800 C "C3'" . DG D 4 4  ? -18.88455 -0.59845  -6.95293  1.000 333.32856 ? 4  DG F "C3'" 1 
ATOM 801 O "O3'" . DG D 4 4  ? -18.45371 -0.15542  -5.67384  1.000 357.52179 ? 4  DG F "O3'" 1 
ATOM 802 C "C2'" . DG D 4 4  ? -19.90767 0.35676   -7.54869  1.000 313.43098 ? 4  DG F "C2'" 1 
ATOM 803 C "C1'" . DG D 4 4  ? -19.00199 1.49842   -7.97766  1.000 302.05909 ? 4  DG F "C1'" 1 
ATOM 804 N N9    . DG D 4 4  ? -19.55341 2.30696   -9.05698  1.000 296.68175 ? 4  DG F N9    1 
ATOM 805 C C8    . DG D 4 4  ? -20.39228 1.89097   -10.06240 1.000 295.13194 ? 4  DG F C8    1 
ATOM 806 N N7    . DG D 4 4  ? -20.72232 2.84347   -10.89175 1.000 288.01481 ? 4  DG F N7    1 
ATOM 807 C C5    . DG D 4 4  ? -20.05733 3.96335   -10.40496 1.000 303.94141 ? 4  DG F C5    1 
ATOM 808 C C6    . DG D 4 4  ? -20.03169 5.29533   -10.88868 1.000 310.21022 ? 4  DG F C6    1 
ATOM 809 O O6    . DG D 4 4  ? -20.60969 5.76662   -11.87725 1.000 299.97866 ? 4  DG F O6    1 
ATOM 810 N N1    . DG D 4 4  ? -19.23034 6.11670   -10.09692 1.000 345.40436 ? 4  DG F N1    1 
ATOM 811 C C2    . DG D 4 4  ? -18.54250 5.70123   -8.97774  1.000 361.20563 ? 4  DG F C2    1 
ATOM 812 N N2    . DG D 4 4  ? -17.81766 6.63310   -8.33937  1.000 389.43709 ? 4  DG F N2    1 
ATOM 813 N N3    . DG D 4 4  ? -18.56086 4.45812   -8.51559  1.000 349.87289 ? 4  DG F N3    1 
ATOM 814 C C4    . DG D 4 4  ? -19.33517 3.64746   -9.27526  1.000 319.35327 ? 4  DG F C4    1 
ATOM 815 P P     . DT D 4 5  ? -19.33205 -0.44147  -4.35717  1.000 396.17093 ? 5  DT F P     1 
ATOM 816 O OP1   . DT D 4 5  ? -18.88659 -1.73716  -3.79856  1.000 340.95255 ? 5  DT F OP1   1 
ATOM 817 O OP2   . DT D 4 5  ? -20.76334 -0.21182  -4.66306  1.000 343.21921 ? 5  DT F OP2   1 
ATOM 818 O "O5'" . DT D 4 5  ? -18.86921 0.71215   -3.35883  1.000 360.33137 ? 5  DT F "O5'" 1 
ATOM 819 C "C5'" . DT D 4 5  ? -17.87274 1.63636   -3.77221  1.000 344.39114 ? 5  DT F "C5'" 1 
ATOM 820 C "C4'" . DT D 4 5  ? -18.37397 3.05980   -3.63494  1.000 324.02789 ? 5  DT F "C4'" 1 
ATOM 821 O "O4'" . DT D 4 5  ? -18.87587 3.54103   -4.90829  1.000 286.58123 ? 5  DT F "O4'" 1 
ATOM 822 C "C3'" . DT D 4 5  ? -19.51974 3.25036   -2.63098  1.000 328.69945 ? 5  DT F "C3'" 1 
ATOM 823 O "O3'" . DT D 4 5  ? -19.19658 4.30673   -1.75219  1.000 353.44351 ? 5  DT F "O3'" 1 
ATOM 824 C "C2'" . DT D 4 5  ? -20.71224 3.61471   -3.51723  1.000 287.65626 ? 5  DT F "C2'" 1 
ATOM 825 C "C1'" . DT D 4 5  ? -20.00895 4.32643   -4.65261  1.000 286.18072 ? 5  DT F "C1'" 1 
ATOM 826 N N1    . DT D 4 5  ? -20.81666 4.43333   -5.88550  1.000 265.13218 ? 5  DT F N1    1 
ATOM 827 C C2    . DT D 4 5  ? -20.82406 5.62214   -6.57395  1.000 268.27069 ? 5  DT F C2    1 
ATOM 828 O O2    . DT D 4 5  ? -20.18599 6.59574   -6.22157  1.000 266.54896 ? 5  DT F O2    1 
ATOM 829 N N3    . DT D 4 5  ? -21.60333 5.63037   -7.69719  1.000 275.00905 ? 5  DT F N3    1 
ATOM 830 C C4    . DT D 4 5  ? -22.36701 4.58853   -8.18699  1.000 288.00304 ? 5  DT F C4    1 
ATOM 831 O O4    . DT D 4 5  ? -23.03871 4.69220   -9.20751  1.000 298.34303 ? 5  DT F O4    1 
ATOM 832 C C5    . DT D 4 5  ? -22.31850 3.36809   -7.41005  1.000 279.41136 ? 5  DT F C5    1 
ATOM 833 C C7    . DT D 4 5  ? -23.10656 2.16762   -7.83984  1.000 314.51960 ? 5  DT F C7    1 
ATOM 834 C C6    . DT D 4 5  ? -21.55631 3.35236   -6.30900  1.000 264.90131 ? 5  DT F C6    1 
ATOM 835 P P     . DA D 4 6  ? -20.01642 4.51870   -0.38612  1.000 388.25138 ? 6  DA F P     1 
ATOM 836 O OP1   . DA D 4 6  ? -19.83881 3.29718   0.43142   1.000 376.94350 ? 6  DA F OP1   1 
ATOM 837 O OP2   . DA D 4 6  ? -21.38287 4.98629   -0.72049  1.000 289.67545 ? 6  DA F OP2   1 
ATOM 838 O "O5'" . DA D 4 6  ? -19.23679 5.72090   0.32832   1.000 368.85895 ? 6  DA F "O5'" 1 
ATOM 839 C "C5'" . DA D 4 6  ? -18.60578 6.73404   -0.45626  1.000 315.92104 ? 6  DA F "C5'" 1 
ATOM 840 C "C4'" . DA D 4 6  ? -19.56142 7.88000   -0.73760  1.000 282.12699 ? 6  DA F "C4'" 1 
ATOM 841 O "O4'" . DA D 4 6  ? -20.13701 7.71737   -2.04705  1.000 262.21165 ? 6  DA F "O4'" 1 
ATOM 842 C "C3'" . DA D 4 6  ? -20.74327 7.97901   0.22746   1.000 286.43143 ? 6  DA F "C3'" 1 
ATOM 843 O "O3'" . DA D 4 6  ? -20.55752 9.06334   1.12153   1.000 281.59396 ? 6  DA F "O3'" 1 
ATOM 844 C "C2'" . DA D 4 6  ? -21.97048 8.19047   -0.67511  1.000 278.56408 ? 6  DA F "C2'" 1 
ATOM 845 C "C1'" . DA D 4 6  ? -21.37276 8.37128   -2.06818  1.000 277.73959 ? 6  DA F "C1'" 1 
ATOM 846 N N9    . DA D 4 6  ? -22.19659 7.78137   -3.11821  1.000 270.80431 ? 6  DA F N9    1 
ATOM 847 C C8    . DA D 4 6  ? -22.58252 6.47468   -3.22548  1.000 262.50047 ? 6  DA F C8    1 
ATOM 848 N N7    . DA D 4 6  ? -23.33797 6.23020   -4.27010  1.000 250.43465 ? 6  DA F N7    1 
ATOM 849 C C5    . DA D 4 6  ? -23.46253 7.46442   -4.88536  1.000 265.88920 ? 6  DA F C5    1 
ATOM 850 C C6    . DA D 4 6  ? -24.14327 7.88281   -6.04383  1.000 280.97631 ? 6  DA F C6    1 
ATOM 851 N N6    . DA D 4 6  ? -24.85485 7.05538   -6.81562  1.000 292.15326 ? 6  DA F N6    1 
ATOM 852 N N1    . DA D 4 6  ? -24.06283 9.18881   -6.38000  1.000 300.78333 ? 6  DA F N1    1 
ATOM 853 C C2    . DA D 4 6  ? -23.34798 10.01139  -5.60261  1.000 313.93918 ? 6  DA F C2    1 
ATOM 854 N N3    . DA D 4 6  ? -22.66905 9.73320   -4.49153  1.000 312.47855 ? 6  DA F N3    1 
ATOM 855 C C4    . DA D 4 6  ? -22.76823 8.43164   -4.18469  1.000 282.79035 ? 6  DA F C4    1 
# 
loop_
_atom_site_anisotrop.id 
_atom_site_anisotrop.type_symbol 
_atom_site_anisotrop.pdbx_label_atom_id 
_atom_site_anisotrop.pdbx_label_alt_id 
_atom_site_anisotrop.pdbx_label_comp_id 
_atom_site_anisotrop.pdbx_label_asym_id 
_atom_site_anisotrop.pdbx_label_seq_id 
_atom_site_anisotrop.pdbx_PDB_ins_code 
_atom_site_anisotrop.U[1][1] 
_atom_site_anisotrop.U[2][2] 
_atom_site_anisotrop.U[3][3] 
_atom_site_anisotrop.U[1][2] 
_atom_site_anisotrop.U[1][3] 
_atom_site_anisotrop.U[2][3] 
_atom_site_anisotrop.pdbx_auth_seq_id 
_atom_site_anisotrop.pdbx_auth_comp_id 
_atom_site_anisotrop.pdbx_auth_asym_id 
_atom_site_anisotrop.pdbx_auth_atom_id 
1   O "O5'" . DG A 1  ? 6.30529 3.41843 9.17445  0.20441  -2.79722 0.41608  1  DG A "O5'" 
2   C "C5'" . DG A 1  ? 5.65540 3.01998 8.80231  0.10759  -2.88647 0.38505  1  DG A "C5'" 
3   C "C4'" . DG A 1  ? 5.58259 3.05142 8.92894  0.09217  -2.82341 0.43020  1  DG A "C4'" 
4   O "O4'" . DG A 1  ? 5.30250 2.65912 8.57695  0.13439  -2.71881 0.50335  1  DG A "O4'" 
5   C "C3'" . DG A 1  ? 5.63491 3.06672 8.97581  0.13569  -2.77226 0.43217  1  DG A "C3'" 
6   O "O3'" . DG A 1  ? 5.54246 3.19615 9.16122  0.06951  -2.80445 0.42107  1  DG A "O3'" 
7   C "C2'" . DG A 1  ? 5.49083 2.73999 8.68828  0.22397  -2.63295 0.50985  1  DG A "C2'" 
8   C "C1'" . DG A 1  ? 5.42689 2.71943 8.69487  0.19098  -2.61438 0.55240  1  DG A "C1'" 
9   N N9    . DG A 1  ? 5.64557 2.72952 8.70465  0.27933  -2.50467 0.61933  1  DG A N9    
10  C C8    . DG A 1  ? 5.88263 2.75433 8.66543  0.35762  -2.47641 0.62319  1  DG A C8    
11  N N7    . DG A 1  ? 6.07624 2.79744 8.72199  0.43482  -2.36862 0.69530  1  DG A N7    
12  C C5    . DG A 1  ? 5.96171 2.80016 8.80127  0.40434  -2.32326 0.74100  1  DG A C5    
13  C C6    . DG A 1  ? 6.07402 2.84070 8.88189  0.45815  -2.21076 0.82496  1  DG A C6    
14  O O6    . DG A 1  ? 6.30856 2.88615 8.90329  0.54973  -2.12669 0.87886  1  DG A O6    
15  N N1    . DG A 1  ? 5.88069 2.82712 8.93823  0.39684  -2.19878 0.84647  1  DG A N1    
16  C C2    . DG A 1  ? 5.61176 2.78172 8.92223  0.29829  -2.28314 0.79480  1  DG A C2    
17  N N2    . DG A 1  ? 5.44922 2.77660 8.98171  0.25183  -2.25122 0.82788  1  DG A N2    
18  N N3    . DG A 1  ? 5.50755 2.74663 8.85019  0.25130  -2.38973 0.71791  1  DG A N3    
19  C C4    . DG A 1  ? 5.69396 2.75752 8.79138  0.30748  -2.40450 0.69452  1  DG A C4    
20  P P     . DA A 2  ? 5.90053 3.56265 9.56906  0.09758  -2.76066 0.41975  2  DA A P     
21  O OP1   . DA A 2  ? 5.92360 3.83300 9.85099  0.01454  -2.85450 0.37134  2  DA A OP1   
22  O OP2   . DA A 2  ? 5.52304 2.96838 8.92124  0.18391  -2.72970 0.40748  2  DA A OP2   
23  O "O5'" . DA A 2  ? 5.54482 3.18267 9.27338  0.12924  -2.63373 0.50208  2  DA A "O5'" 
24  C "C5'" . DA A 2  ? 5.34398 3.16738 9.31372  0.06006  -2.63418 0.52936  2  DA A "C5'" 
25  C "C4'" . DA A 2  ? 5.24582 2.98207 9.18290  0.10942  -2.50498 0.61432  2  DA A "C4'" 
26  O "O4'" . DA A 2  ? 5.20814 2.71070 8.87062  0.18916  -2.45117 0.64665  2  DA A "O4'" 
27  C "C3'" . DA A 2  ? 5.56729 3.27378 9.52540  0.16021  -2.40974 0.65264  2  DA A "C3'" 
28  O "O3'" . DA A 2  ? 5.77623 3.61329 9.93115  0.12651  -2.34995 0.70564  2  DA A "O3'" 
29  C "C2'" . DA A 2  ? 5.41062 2.84583 9.06583  0.28069  -2.31798 0.69656  2  DA A "C2'" 
30  C "C1'" . DA A 2  ? 5.39272 2.75614 8.94563  0.27889  -2.32547 0.71445  2  DA A "C1'" 
31  N N9    . DA A 2  ? 5.67741 2.79254 8.92437  0.37825  -2.28093 0.73252  2  DA A N9    
32  C C8    . DA A 2  ? 5.77475 2.78605 8.84674  0.40188  -2.33925 0.67956  2  DA A C8    
33  N N7    . DA A 2  ? 6.03554 2.82747 8.84483  0.49948  -2.27255 0.71509  2  DA A N7    
34  C C5    . DA A 2  ? 6.20616 2.95259 9.01546  0.54590  -2.16491 0.79791  2  DA A C5    
35  C C6    . DA A 2  ? 6.45684 3.00530 9.05128  0.65369  -2.05604 0.87129  2  DA A C6    
36  N N6    . DA A 2  ? 6.59832 2.95264 8.93193  0.73609  -2.03453 0.87289  2  DA A N6    
37  N N1    . DA A 2  ? 6.38865 2.95274 9.04830  0.67481  -1.96774 0.94490  2  DA A N1    
38  C C2    . DA A 2  ? 6.15580 2.92325 9.08178  0.59025  -1.98510 0.94385  2  DA A C2    
39  N N3    . DA A 2  ? 5.90121 2.86915 9.05227  0.48578  -2.08007 0.88020  2  DA A N3    
40  C C4    . DA A 2  ? 5.94332 2.88707 9.01939  0.47044  -2.16886 0.80870  2  DA A C4    
41  P P     . DA A 3  ? 5.97166 3.80087 10.17428 0.17449  -2.23641 0.76125  3  DA A P     
42  O OP1   . DA A 3  ? 5.84760 3.91458 10.34529 0.09058  -2.23670 0.77521  3  DA A OP1   
43  O OP2   . DA A 3  ? 5.17822 2.92770 9.28312  0.22303  -2.24142 0.72792  3  DA A OP2   
44  O "O5'" . DA A 3  ? 5.58106 3.20391 9.57016  0.27312  -2.11667 0.84396  3  DA A "O5'" 
45  C "C5'" . DA A 3  ? 5.20233 2.88442 9.29556  0.27186  -2.02791 0.91476  3  DA A "C5'" 
46  C "C4'" . DA A 3  ? 5.46311 2.98064 9.39131  0.38777  -1.90061 0.98438  3  DA A "C4'" 
47  O "O4'" . DA A 3  ? 5.66589 2.94218 9.29416  0.48689  -1.88611 0.98622  3  DA A "O4'" 
48  C "C3'" . DA A 3  ? 5.68960 3.26560 9.70411  0.40331  -1.86926 0.98051  3  DA A "C3'" 
49  O "O3'" . DA A 3  ? 5.85100 3.37833 9.86247  0.47122  -1.75792 1.06380  3  DA A "O3'" 
50  C "C2'" . DA A 3  ? 5.62652 3.04046 9.43104  0.47007  -1.90100 0.93886  3  DA A "C2'" 
51  C "C1'" . DA A 3  ? 5.92737 3.12325 9.46527  0.55553  -1.85904 0.97821  3  DA A "C1'" 
52  N N9    . DA A 3  ? 5.99255 3.04425 9.32506  0.59390  -1.91629 0.92822  3  DA A N9    
53  C C8    . DA A 3  ? 5.78461 2.91077 9.17180  0.52767  -2.03136 0.84265  3  DA A C8    
54  N N7    . DA A 3  ? 6.10193 3.06344 9.25933  0.58437  -2.05674 0.81429  3  DA A N7    
55  C C5    . DA A 3  ? 6.44022 3.20608 9.38119  0.69713  -1.94959 0.88779  3  DA A C5    
56  C C6    . DA A 3  ? 6.90307 3.44239 9.56175  0.79943  -1.91910 0.90374  3  DA A C6    
57  N N6    . DA A 3  ? 7.11265 3.58409 9.63293  0.80366  -1.98271 0.84138  3  DA A N6    
58  N N1    . DA A 3  ? 7.20819 3.59838 9.76493  0.89276  -1.83928 0.98864  3  DA A N1    
59  C C2    . DA A 3  ? 7.01717 3.48234 9.72911  0.88441  -1.78462 1.05208  3  DA A C2    
60  N N3    . DA A 3  ? 6.68969 3.36657 9.65704  0.79229  -1.79493 1.04402  3  DA A N3    
61  C C4    . DA A 3  ? 6.37506 3.19361 9.43817  0.70262  -1.87507 0.95925  3  DA A C4    
62  P P     . DT A 4  ? 6.46818 4.10900 10.64686 0.46955  -1.71078 1.07963  4  DT A P     
63  O OP1   . DT A 4  ? 6.51660 4.39926 10.96246 0.36079  -1.71918 1.07450  4  DT A OP1   
64  O OP2   . DT A 4  ? 5.84376 3.43653 9.94109  0.49609  -1.74841 1.02228  4  DT A OP2   
65  O "O5'" . DT A 4  ? 6.61980 4.12253 10.71431 0.57991  -1.60052 1.17943  4  DT A "O5'" 
66  C "C5'" . DT A 4  ? 6.78273 4.15762 10.75879 0.68070  -1.55565 1.19961  4  DT A "C5'" 
67  C "C4'" . DT A 4  ? 6.91479 4.03593 10.61750 0.80121  -1.52287 1.24320  4  DT A "C4'" 
68  O "O4'" . DT A 4  ? 6.60926 3.63832 10.15403 0.79187  -1.60379 1.17824  4  DT A "O4'" 
69  C "C3'" . DT A 4  ? 7.01917 3.99392 10.58401 0.92274  -1.46446 1.27709  4  DT A "C3'" 
70  O "O3'" . DT A 4  ? 7.33448 4.29944 10.93776 0.98248  -1.36351 1.36877  4  DT A "O3'" 
71  C "C2'" . DT A 4  ? 6.98841 3.72709 10.26497 1.00907  -1.48642 1.26956  4  DT A "C2'" 
72  C "C1'" . DT A 4  ? 6.80031 3.58984 10.08326 0.91534  -1.57279 1.20912  4  DT A "C1'" 
73  N N1    . DT A 4  ? 6.63203 3.34296 9.76354  0.91636  -1.64993 1.12929  4  DT A N1    
74  C C2    . DT A 4  ? 6.84460 3.32754 9.70785  1.02098  -1.63713 1.14338  4  DT A C2    
75  O O2    . DT A 4  ? 7.09609 3.43169 9.83499  1.11715  -1.56687 1.21919  4  DT A O2    
76  N N3    . DT A 4  ? 6.82662 3.26302 9.56884  1.01021  -1.70728 1.06612  4  DT A N3    
77  C C4    . DT A 4  ? 6.99520 3.58631 9.85256  0.90866  -1.78918 0.97851  4  DT A C4    
78  O O4    . DT A 4  ? 7.38553 3.92451 10.11549 0.90697  -1.84598 0.91427  4  DT A O4    
79  C C5    . DT A 4  ? 6.73742 3.56079 9.87440  0.80509  -1.80043 0.96945  4  DT A C5    
80  C C7    . DT A 4  ? 6.99365 4.00151 10.27920 0.69310  -1.88875 0.88047  4  DT A C7    
81  C C6    . DT A 4  ? 6.37586 3.24757 9.63590  0.81305  -1.73022 1.04411  4  DT A C6    
82  P P     . DG A 5  ? 7.51133 4.38777 11.04293 1.09661  -1.28641 1.41400  5  DG A P     
83  O OP1   . DG A 5  ? 7.01561 3.95159 10.64725 1.11968  -1.19040 1.50035  5  DG A OP1   
84  O OP2   . DG A 5  ? 6.79146 3.75716 10.40541 1.05815  -1.33134 1.34443  5  DG A OP2   
85  O "O5'" . DG A 5  ? 7.31729 3.91727 10.53370 1.22727  -1.27758 1.43430  5  DG A "O5'" 
86  C "C5'" . DG A 5  ? 7.08505 3.55409 10.15998 1.33667  -1.24431 1.44369  5  DG A "C5'" 
87  C "C4'" . DG A 5  ? 7.41893 3.62648 10.19776 1.46010  -1.22553 1.47774  5  DG A "C4'" 
88  O "O4'" . DG A 5  ? 7.41411 3.57372 10.10668 1.41112  -1.29728 1.43491  5  DG A "O4'" 
89  C "C3'" . DG A 5  ? 7.60576 3.65703 10.16612 1.56572  -1.21158 1.45462  5  DG A "C3'" 
90  O "O3'" . DG A 5  ? 7.80277 3.76205 10.29841 1.68318  -1.11930 1.53432  5  DG A "O3'" 
91  C "C2'" . DG A 5  ? 7.79565 3.65642 10.10333 1.60908  -1.25041 1.43234  5  DG A "C2'" 
92  C "C1'" . DG A 5  ? 7.60378 3.58166 10.04563 1.48228  -1.32431 1.39815  5  DG A "C1'" 
93  N N9    . DG A 5  ? 7.39999 3.47829 9.89019  1.38317  -1.41682 1.29620  5  DG A N9    
94  C C8    . DG A 5  ? 7.08715 3.39315 9.82173  1.25511  -1.46642 1.24341  5  DG A C8    
95  N N7    . DG A 5  ? 6.96448 3.31418 9.68122  1.18922  -1.54919 1.15498  5  DG A N7    
96  C C5    . DG A 5  ? 7.20560 3.34883 9.65918  1.27440  -1.55631 1.14813  5  DG A C5    
97  C C6    . DG A 5  ? 7.20385 3.30056 9.53534  1.25198  -1.63331 1.06971  5  DG A C6    
98  O O6    . DG A 5  ? 7.05136 3.28176 9.47905  1.15220  -1.71283 0.98861  5  DG A O6    
99  N N1    . DG A 5  ? 7.49041 3.36548 9.56827  1.35895  -1.61226 1.09381  5  DG A N1    
100 C C2    . DG A 5  ? 7.75143 3.46473 9.70018  1.47769  -1.52456 1.18410  5  DG A C2    
101 N N2    . DG A 5  ? 8.00158 3.51545 9.70670  1.56968  -1.51100 1.19625  5  DG A N2    
102 N N3    . DG A 5  ? 7.76050 3.51168 9.81250  1.50358  -1.45170 1.25875  5  DG A N3    
103 C C4    . DG A 5  ? 7.47722 3.44928 9.78652  1.39532  -1.47397 1.23496  5  DG A C4    
104 P P     . DC A 6  ? 8.28036 4.18439 10.67981 1.77072  -1.08029 1.52048  6  DC A P     
105 O OP1   . DC A 6  ? 8.19825 4.01254 10.54725 1.88454  -0.98837 1.61394  6  DC A OP1   
106 O OP2   . DC A 6  ? 7.64424 3.76084 10.25991 1.66510  -1.11807 1.45478  6  DC A OP2   
107 O "O5'" . DC A 6  ? 8.13370 3.83275 10.23499 1.84158  -1.11210 1.47336  6  DC A "O5'" 
108 C "C5'" . DC A 6  ? 8.39878 3.86566 10.24811 1.95889  -1.07381 1.52838  6  DC A "C5'" 
109 C "C4'" . DC A 6  ? 8.49970 3.83566 10.14450 1.97965  -1.11928 1.47262  6  DC A "C4'" 
110 O "O4'" . DC A 6  ? 8.28853 3.73867 10.04046 1.84703  -1.21319 1.40465  6  DC A "O4'" 
111 C "C3'" . DC A 6  ? 8.48509 3.81371 10.06681 2.00616  -1.12516 1.41571  6  DC A "C3'" 
112 O "O3'" . DC A 6  ? 8.75783 3.91176 10.14870 2.15635  -1.04053 1.47294  6  DC A "O3'" 
113 C "C2'" . DC A 6  ? 8.45971 3.75223 9.95496  1.95300  -1.20854 1.34345  6  DC A "C2'" 
114 C "C1'" . DC A 6  ? 8.29379 3.69447 9.92912  1.83756  -1.27022 1.33014  6  DC A "C1'" 
115 N N1    . DC A 6  ? 7.97841 3.58104 9.80031  1.69321  -1.36011 1.23897  6  DC A N1    
116 C C2    . DC A 6  ? 7.92734 3.52078 9.67705  1.64573  -1.44361 1.15492  6  DC A C2    
117 O O2    . DC A 6  ? 8.14055 3.56353 9.68416  1.72020  -1.44312 1.15743  6  DC A O2    
118 N N3    . DC A 6  ? 7.64301 3.42038 9.55811  1.51698  -1.52505 1.07395  6  DC A N3    
119 C C4    . DC A 6  ? 7.41447 3.37993 9.56379  1.43643  -1.52207 1.07641  6  DC A C4    
120 N N4    . DC A 6  ? 7.13866 3.28295 9.44560  1.31198  -1.60159 0.99762  6  DC A N4    
121 C C5    . DC A 6  ? 7.45593 3.44052 9.69560  1.47784  -1.43913 1.16091  6  DC A C5    
122 C C6    . DC A 6  ? 7.73968 3.54008 9.80836  1.60610  -1.36221 1.23903  6  DC A C6    
123 P P     . DG A 7  ? 9.64229 4.79106 10.98362 2.20703  -1.01756 1.43697  7  DG A P     
124 O OP1   . DG A 7  ? 9.84478 4.82598 11.01866 2.36442  -0.91747 1.51690  7  DG A OP1   
125 O OP2   . DG A 7  ? 9.13721 4.51150 10.71572 2.09582  -1.05868 1.38067  7  DG A OP2   
126 O "O5'" . DG A 7  ? 9.32375 4.40851 10.54780 2.18525  -1.08019 1.36830  7  DG A "O5'" 
127 C "C5'" . DG A 7  ? 9.23158 4.13802 10.27520 2.25230  -1.06971 1.40213  7  DG A "C5'" 
128 C "C4'" . DG A 7  ? 9.00242 3.88696 9.97533  2.21128  -1.15299 1.31830  7  DG A "C4'" 
129 O "O4'" . DG A 7  ? 8.73801 3.76877 9.83197  2.06643  -1.26305 1.23107  7  DG A "O4'" 
130 C "C3'" . DG A 7  ? 8.98651 3.87896 9.93408  2.24697  -1.13891 1.28155  7  DG A "C3'" 
131 O "O3'" . DG A 7  ? 9.15430 3.91475 9.94750  2.29105  -1.16836 1.26120  7  DG A "O3'" 
132 C "C2'" . DG A 7  ? 8.68077 3.76408 9.78121  2.11563  -1.22536 1.18333  7  DG A "C2'" 
133 C "C1'" . DG A 7  ? 8.55828 3.70004 9.71825  2.00744  -1.31302 1.14768  7  DG A "C1'" 
134 N N9    . DG A 7  ? 8.26835 3.61576 9.64750  1.88972  -1.35223 1.11120  7  DG A N9    
135 C C8    . DG A 7  ? 8.18960 3.62828 9.71461  1.88232  -1.29897 1.16401  7  DG A C8    
136 N N7    . DG A 7  ? 7.90616 3.54264 9.63966  1.75727  -1.35552 1.11451  7  DG A N7    
137 C C5    . DG A 7  ? 7.79378 3.46765 9.50669  1.68170  -1.44979 1.02347  7  DG A C5    
138 C C6    . DG A 7  ? 7.50043 3.36253 9.38235  1.54256  -1.53879 0.94233  7  DG A C6    
139 O O6    . DG A 7  ? 7.27301 3.31322 9.36993  1.45440  -1.54996 0.93603  7  DG A O6    
140 N N1    . DG A 7  ? 7.48179 3.31742 9.26903  1.50681  -1.62210 0.86404  7  DG A N1    
141 C C2    . DG A 7  ? 7.71357 3.36784 9.27983  1.58958  -1.62376 0.86204  7  DG A C2    
142 N N2    . DG A 7  ? 7.64995 3.31477 9.16149  1.53264  -1.71915 0.77762  7  DG A N2    
143 N N3    . DG A 7  ? 7.98738 3.46672 9.40218  1.71780  -1.53998 0.93841  7  DG A N3    
144 C C4    . DG A 7  ? 8.01308 3.51142 9.50855  1.75980  -1.45311 1.01782  7  DG A C4    
145 P P     . DT A 8  ? 9.26515 3.96582 9.98860  2.37660  -1.12297 1.26195  8  DT A P     
146 O OP1   . DT A 8  ? 9.49209 4.06149 10.05588 2.43802  -1.08876 1.28960  8  DT A OP1   
147 O OP2   . DT A 8  ? 9.27434 4.01041 10.07197 2.44875  -1.00492 1.33637  8  DT A OP2   
148 O "O5'" . DT A 8  ? 9.04118 3.86474 9.81490  2.27726  -1.21876 1.14290  8  DT A "O5'" 
149 C "C5'" . DT A 8  ? 8.97944 3.83103 9.70475  2.18623  -1.31244 1.06278  8  DT A "C5'" 
150 C "C4'" . DT A 8  ? 8.68428 3.68912 9.52169  2.07897  -1.40600 0.96051  8  DT A "C4'" 
151 O "O4'" . DT A 8  ? 8.48623 3.64618 9.51238  1.99159  -1.42285 0.95705  8  DT A "O4'" 
152 C "C3'" . DT A 8  ? 8.66355 3.70046 9.52418  2.11760  -1.37405 0.94324  8  DT A "C3'" 
153 O "O3'" . DT A 8  ? 8.66882 3.67353 9.40948  2.10896  -1.41824 0.87485  8  DT A "O3'" 
154 C "C2'" . DT A 8  ? 8.36887 3.61196 9.43229  2.02085  -1.38783 0.90757  8  DT A "C2'" 
155 C "C1'" . DT A 8  ? 8.24205 3.55514 9.38801  1.92281  -1.45355 0.89193  8  DT A "C1'" 
156 N N1    . DT A 8  ? 8.04245 3.51500 9.39019  1.86210  -1.42874 0.91324  8  DT A N1    
157 C C2    . DT A 8  ? 7.82827 3.48454 9.33935  1.72831  -1.51110 0.83922  8  DT A C2    
158 O O2    . DT A 8  ? 7.94497 3.63838 9.43646  1.65991  -1.60150 0.75755  8  DT A O2    
159 N N3    . DT A 8  ? 7.58513 3.38640 9.29094  1.67501  -1.48653 0.86486  8  DT A N3    
160 C C4    . DT A 8  ? 7.67183 3.45231 9.41959  1.74025  -1.39453 0.95281  8  DT A C4    
161 O O4    . DT A 8  ? 7.49580 3.42446 9.43765  1.67662  -1.38729 0.96680  8  DT A O4    
162 C C5    . DT A 8  ? 7.98087 3.55934 9.53666  1.88579  -1.30994 1.02778  8  DT A C5    
163 C C7    . DT A 8  ? 8.10533 3.64213 9.67838  1.97009  -1.20986 1.12612  8  DT A C7    
164 C C6    . DT A 8  ? 8.14688 3.58461 9.51882  1.93883  -1.32809 1.00614  8  DT A C6    
165 P P     . DA A 9  ? 9.32781 4.37387 10.08398 2.12426  -1.42256 0.82762  9  DA A P     
166 O OP1   . DA A 9  ? 9.75410 4.71156 10.33065 2.16087  -1.40960 0.80333  9  DA A OP1   
167 O OP2   . DA A 9  ? 9.49154 4.55340 10.32881 2.20078  -1.31116 0.90351  9  DA A OP2   
168 O "O5'" . DA A 9  ? 8.73875 3.97207 9.64402  1.98527  -1.52354 0.73284  9  DA A "O5'" 
169 C "C5'" . DA A 9  ? 8.19611 3.47480 9.08134  1.88857  -1.61261 0.66945  9  DA A "C5'" 
170 C "C4'" . DA A 9  ? 7.91296 3.37748 8.96321  1.76400  -1.70754 0.58353  9  DA A "C4'" 
171 O "O4'" . DA A 9  ? 7.73875 3.33942 8.98015  1.70642  -1.68158 0.61427  9  DA A "O4'" 
172 C "C3'" . DA A 9  ? 8.16219 3.69181 9.24370  1.76992  -1.69623 0.54469  9  DA A "C3'" 
173 O "O3'" . DA A 9  ? 8.16863 3.81335 9.29671  1.66203  -1.80457 0.44748  9  DA A "O3'" 
174 C "C2'" . DA A 9  ? 7.70794 3.35493 8.96322  1.76911  -1.61159 0.59616  9  DA A "C2'" 
175 C "C1'" . DA A 9  ? 7.55928 3.30075 8.93933  1.67769  -1.65372 0.59778  9  DA A "C1'" 
176 N N9    . DA A 9  ? 7.51955 3.32071 9.03079  1.69128  -1.57416 0.67010  9  DA A N9    
177 C C8    . DA A 9  ? 7.72734 3.41261 9.17772  1.80183  -1.47207 0.76481  9  DA A C8    
178 N N7    . DA A 9  ? 7.70067 3.48027 9.30029  1.78339  -1.42609 0.81166  9  DA A N7    
179 C C5    . DA A 9  ? 7.56228 3.53585 9.34154  1.64823  -1.50297 0.74315  9  DA A C5    
180 C C6    . DA A 9  ? 7.39619 3.55099 9.40113  1.56023  -1.50721 0.74700  9  DA A C6    
181 N N6    . DA A 9  ? 7.40868 3.57669 9.49557  1.59678  -1.43328 0.82401  9  DA A N6    
182 N N1    . DA A 9  ? 7.13108 3.45848 9.28103  1.43075  -1.59299 0.66911  9  DA A N1    
183 C C2    . DA A 9  ? 7.16702 3.48305 9.23287  1.39508  -1.67042 0.59245  9  DA A C2    
184 N N3    . DA A 9  ? 7.32080 3.47659 9.17855  1.46659  -1.67979 0.57845  9  DA A N3    
185 C C4    . DA A 9  ? 7.42696 3.41527 9.15153  1.59226  -1.59227 0.65710  9  DA A C4    
186 P P     . DG A 10 ? 8.70873 4.40397 9.83357  1.65350  -1.83572 0.38187  10 DG A P     
187 O OP1   . DG A 10 ? 8.43094 4.07606 9.40886  1.62811  -1.91557 0.31449  10 DG A OP1   
188 O OP2   . DG A 10 ? 8.42838 4.05738 9.51198  1.76524  -1.71265 0.44562  10 DG A OP2   
189 O "O5'" . DG A 10 ? 8.31530 4.22908 9.68529  1.52993  -1.90571 0.32977  10 DG A "O5'" 
190 C "C5'" . DG A 10 ? 7.64410 3.66076 9.17272  1.46086  -1.91207 0.35382  10 DG A "C5'" 
191 C "C4'" . DG A 10 ? 7.24228 3.47353 9.01126  1.34197  -1.98514 0.29770  10 DG A "C4'" 
192 O "O4'" . DG A 10 ? 6.91814 3.24451 8.84468  1.33007  -1.90239 0.36079  10 DG A "O4'" 
193 C "C3'" . DG A 10 ? 7.52804 3.82135 9.33040  1.34184  -1.99106 0.25389  10 DG A "C3'" 
194 O "O3'" . DG A 10 ? 7.32381 3.80926 9.33290  1.21128  -2.10578 0.17965  10 DG A "O3'" 
195 C "C2'" . DG A 10 ? 7.31785 3.61388 9.15489  1.41961  -1.83750 0.33834  10 DG A "C2'" 
196 C "C1'" . DG A 10 ? 6.81792 3.19987 8.80411  1.36608  -1.82215 0.38101  10 DG A "C1'" 
197 N N9    . DG A 10 ? 6.89645 3.20990 8.83893  1.46297  -1.67419 0.48410  10 DG A N9    
198 C C8    . DG A 10 ? 7.16338 3.28582 8.91660  1.59532  -1.58837 0.55033  10 DG A C8    
199 N N7    . DG A 10 ? 7.26442 3.36436 9.06128  1.65507  -1.50057 0.63229  10 DG A N7    
200 C C5    . DG A 10 ? 7.01995 3.31259 9.04069  1.55311  -1.52058 0.61972  10 DG A C5    
201 C C6    . DG A 10 ? 7.09648 3.46579 9.26703  1.55167  -1.46147 0.68211  10 DG A C6    
202 O O6    . DG A 10 ? 7.26928 3.54598 9.39492  1.64735  -1.37610 0.76416  10 DG A O6    
203 N N1    . DG A 10 ? 6.95745 3.53933 9.35716  1.42113  -1.51274 0.64124  10 DG A N1    
204 C C2    . DG A 10 ? 6.88771 3.58832 9.36845  1.30900  -1.61641 0.55180  10 DG A C2    
205 N N2    . DG A 10 ? 6.65419 3.55886 9.39787  1.18826  -1.66972 0.52482  10 DG A N2    
206 N N3    . DG A 10 ? 6.92412 3.55137 9.28196  1.30921  -1.69100 0.49023  10 DG A N3    
207 C C4    . DG A 10 ? 6.92891 3.35525 9.03782  1.43522  -1.62025 0.53079  10 DG A C4    
208 P P     . DC A 11 ? 6.96625 3.55115 9.04269  1.17457  -2.15742 0.10998  11 DC A P     
209 O OP1   . DC A 11 ? 6.29468 2.89927 8.34228  1.10423  -2.31206 0.01913  11 DC A OP1   
210 O OP2   . DC A 11 ? 6.53506 3.01536 8.48065  1.29030  -2.04210 0.15069  11 DC A OP2   
211 O "O5'" . DC A 11 ? 6.60244 3.40814 8.96492  1.07593  -2.16221 0.10790  11 DC A "O5'" 
212 C "C5'" . DC A 11 ? 6.28930 3.13978 8.76242  1.06383  -2.09779 0.17414  11 DC A "C5'" 
213 C "C4'" . DC A 11 ? 5.84442 2.85180 8.52563  1.02872  -2.04184 0.19524  11 DC A "C4'" 
214 O "O4'" . DC A 11 ? 5.96398 2.90413 8.60911  1.11521  -1.90074 0.29231  11 DC A "O4'" 
215 C "C3'" . DC A 11 ? 6.06126 3.10575 8.74833  1.04454  -2.03298 0.15994  11 DC A "C3'" 
216 O "O3'" . DC A 11 ? 5.96332 3.21593 8.90843  0.94539  -2.06038 0.13672  11 DC A "O3'" 
217 C "C2'" . DC A 11 ? 6.41203 3.31463 8.94375  1.18536  -1.87996 0.24200  11 DC A "C2'" 
218 C "C1'" . DC A 11 ? 6.18251 3.10304 8.79158  1.19042  -1.80801 0.31906  11 DC A "C1'" 
219 N N1    . DC A 11 ? 6.51588 3.25599 8.92622  1.33475  -1.67235 0.41034  11 DC A N1    
220 C C2    . DC A 11 ? 6.50147 3.26488 8.97966  1.36560  -1.57501 0.49124  11 DC A C2    
221 O O2    . DC A 11 ? 6.47126 3.40647 9.18087  1.27037  -1.60005 0.48652  11 DC A O2    
222 N N3    . DC A 11 ? 6.62813 3.22729 8.94138  1.49805  -1.46899 0.57205  11 DC A N3    
223 C C4    . DC A 11 ? 6.77168 3.19126 8.86401  1.59531  -1.45137 0.57643  11 DC A C4    
224 N N4    . DC A 11 ? 7.02901 3.29059 8.99742  1.72177  -1.36399 0.65726  11 DC A N4    
225 C C5    . DC A 11 ? 6.85636 3.25543 8.85156  1.56527  -1.52425 0.49890  11 DC A C5    
226 C C6    . DC A 11 ? 6.73055 3.28846 8.89868  1.43447  -1.64678 0.41483  11 DC A C6    
227 P P     . DT A 12 ? 6.25560 3.63445 9.30135  0.87417  -2.14934 0.05105  12 DT A P     
228 O OP1   . DT A 12 ? 5.81307 3.24943 8.89233  0.78396  -2.29918 -0.02531 12 DT A OP1   
229 O OP2   . DT A 12 ? 5.64093 2.90547 8.51877  0.97615  -2.08198 0.05708  12 DT A OP2   
230 O "O5'" . DT A 12 ? 5.86347 3.45064 9.19343  0.78990  -2.12766 0.06349  12 DT A "O5'" 
231 C "C5'" . DT A 12 ? 5.24396 2.89278 8.70585  0.75809  -2.08684 0.12001  12 DT A "C5'" 
232 C "C4'" . DT A 12 ? 5.38381 3.04545 8.89860  0.81341  -1.95434 0.19371  12 DT A "C4'" 
233 O "O4'" . DT A 12 ? 5.55773 3.01735 8.83784  0.95456  -1.84316 0.26675  12 DT A "O4'" 
234 C "C3'" . DT A 12 ? 5.33921 3.07149 8.91504  0.81545  -1.93098 0.17011  12 DT A "C3'" 
235 O "O3'" . DT A 12 ? 5.05195 2.94209 8.86015  0.75929  -1.88656 0.20188  12 DT A "O3'" 
236 C "C2'" . DT A 12 ? 5.36501 2.90074 8.68552  0.96911  -1.82337 0.21832  12 DT A "C2'" 
237 C "C1'" . DT A 12 ? 5.44850 2.88182 8.68694  1.03350  -1.74634 0.29961  12 DT A "C1'" 
238 N N1    . DT A 12 ? 5.92804 3.13706 8.87966  1.18632  -1.65688 0.35004  12 DT A N1    
239 C C2    . DT A 12 ? 5.87172 2.99436 8.74995  1.27590  -1.54405 0.44124  12 DT A C2    
240 O O2    . DT A 12 ? 5.76832 2.98897 8.80545  1.23419  -1.51627 0.48201  12 DT A O2    
241 N N3    . DT A 12 ? 6.16798 3.08675 8.78147  1.41628  -1.46540 0.48415  12 DT A N3    
242 C C4    . DT A 12 ? 6.28236 3.08098 8.71080  1.47080  -1.48665 0.44613  12 DT A C4    
243 O O4    . DT A 12 ? 6.52718 3.14904 8.73477  1.59626  -1.40620 0.49344  12 DT A O4    
244 C C5    . DT A 12 ? 6.14538 3.04542 8.66451  1.36841  -1.61118 0.34776  12 DT A C5    
245 C C7    . DT A 12 ? 6.23469 3.02453 8.57438  1.41111  -1.65222 0.29642  12 DT A C7    
246 C C6    . DT A 12 ? 6.13760 3.23456 8.90730  1.23497  -1.68895 0.30533  12 DT A C6    
247 P P     . DG A 13 ? 5.69256 3.74603 9.68432  0.69071  -1.90752 0.15760  13 DG A P     
248 O OP1   . DG A 13 ? 5.93324 4.19219 10.19099 0.54198  -2.00381 0.11374  13 DG A OP1   
249 O OP2   . DG A 13 ? 5.40351 3.36539 9.22441  0.74559  -1.93024 0.10881  13 DG A OP2   
250 O "O5'" . DG A 13 ? 5.21690 3.28462 9.26444  0.74887  -1.77291 0.23822  13 DG A "O5'" 
251 C "C5'" . DG A 13 ? 4.63207 2.73509 8.77900  0.74098  -1.71494 0.30821  13 DG A "C5'" 
252 C "C4'" . DG A 13 ? 4.75974 2.81022 8.85871  0.84292  -1.57951 0.38916  13 DG A "C4'" 
253 O "O4'" . DG A 13 ? 5.46109 3.28974 9.26276  0.99186  -1.51220 0.43019  13 DG A "O4'" 
254 C "C3'" . DG A 13 ? 4.82295 2.94878 8.99619  0.84424  -1.54763 0.37448  13 DG A "C3'" 
255 O "O3'" . DG A 13 ? 4.66179 2.84610 8.94438  0.86740  -1.44906 0.44742  13 DG A "O3'" 
256 C "C2'" . DG A 13 ? 4.98373 2.92333 8.87205  0.97316  -1.51575 0.36683  13 DG A "C2'" 
257 C "C1'" . DG A 13 ? 5.51181 3.27476 9.19311  1.08028  -1.45548 0.43130  13 DG A "C1'" 
258 N N9    . DG A 13 ? 5.74523 3.31857 9.15108  1.17049  -1.46798 0.41031  13 DG A N9    
259 C C8    . DG A 13 ? 5.59452 3.15396 8.95076  1.12096  -1.57458 0.32950  13 DG A C8    
260 N N7    . DG A 13 ? 5.56810 2.94150 8.66719  1.22058  -1.55943 0.33144  13 DG A N7    
261 C C5    . DG A 13 ? 5.76975 3.02241 8.73403  1.34776  -1.43176 0.42064  13 DG A C5    
262 C C6    . DG A 13 ? 6.05793 3.09667 8.74375  1.49168  -1.35660 0.46574  13 DG A C6    
263 O O6    . DG A 13 ? 6.19186 3.10432 8.69890  1.53131  -1.38884 0.43480  13 DG A O6    
264 N N1    . DG A 13 ? 6.19966 3.17849 8.85564  1.58932  -1.24862 0.55414  13 DG A N1    
265 C C2    . DG A 13 ? 6.08139 3.19688 8.94938  1.54912  -1.21586 0.59337  13 DG A C2    
266 N N2    . DG A 13 ? 6.24740 3.28528 9.08852  1.65215  -1.13010 0.67614  13 DG A N2    
267 N N3    . DG A 13 ? 6.01991 3.33818 9.11707  1.41497  -1.26419 0.55505  13 DG A N3    
268 C C4    . DG A 13 ? 5.83964 3.21394 8.98734  1.31958  -1.37759 0.46887  13 DG A C4    
269 P P     . DT A 14 ? 4.60276 2.93078 9.06700  0.82626  -1.41794 0.44161  14 DT A P     
270 O OP1   . DT A 14 ? 4.65324 3.18582 9.42463  0.67992  -1.45932 0.43371  14 DT A OP1   
271 O OP2   . DT A 14 ? 4.52763 2.81695 8.88767  0.84665  -1.45609 0.37661  14 DT A OP2   
272 O "O5'" . DT A 14 ? 4.67979 2.93127 9.05560  0.95281  -1.28205 0.53442  14 DT A "O5'" 
273 C "C5'" . DT A 14 ? 4.95033 3.00689 9.06781  1.08837  -1.22277 0.58601  14 DT A "C5'" 
274 C "C4'" . DT A 14 ? 5.14956 3.08604 9.07594  1.22882  -1.13894 0.61435  14 DT A "C4'" 
275 O "O4'" . DT A 14 ? 5.42329 3.14350 9.07733  1.34820  -1.12839 0.62781  14 DT A "O4'" 
276 C "C3'" . DT A 14 ? 5.07515 3.05261 9.00671  1.21000  -1.17012 0.55063  14 DT A "C3'" 
277 O "O3'" . DT A 14 ? 4.88138 3.03579 9.05616  1.13819  -1.14871 0.55708  14 DT A "O3'" 
278 C "C2'" . DT A 14 ? 5.35479 3.13989 9.00140  1.37724  -1.09604 0.57960  14 DT A "C2'" 
279 C "C1'" . DT A 14 ? 5.56905 3.18773 9.05164  1.44913  -1.09279 0.61675  14 DT A "C1'" 
280 N N1    . DT A 14 ? 5.68369 3.16015 8.93058  1.48149  -1.14268 0.56440  14 DT A N1    
281 C C2    . DT A 14 ? 5.97779 3.24318 8.98252  1.61841  -1.09980 0.60164  14 DT A C2    
282 O O2    . DT A 14 ? 6.23331 3.41648 9.19581  1.71973  -1.02477 0.67486  14 DT A O2    
283 N N3    . DT A 14 ? 6.05428 3.21076 8.87281  1.63012  -1.14873 0.55076  14 DT A N3    
284 C C4    . DT A 14 ? 5.87556 3.11784 8.76135  1.51637  -1.25396 0.46416  14 DT A C4    
285 O O4    . DT A 14 ? 5.96393 3.10591 8.70402  1.52917  -1.30686 0.42110  14 DT A O4    
286 C C5    . DT A 14 ? 5.60807 3.07085 8.78620  1.37532  -1.31408 0.42582  14 DT A C5    
287 C C7    . DT A 14 ? 5.98746 3.56061 9.28929  1.24394  -1.44668 0.32954  14 DT A C7    
288 C C6    . DT A 14 ? 5.50230 3.06841 8.83782  1.36518  -1.24982 0.47888  14 DT A C6    
289 P P     . DC B 1  ? 6.55101 3.46266 6.22835  0.83023  -3.02569 0.30112  7  DC B P     
290 O OP1   . DC B 1  ? 6.68745 3.63438 6.22561  0.80426  -3.01574 0.29202  7  DC B OP1   
291 O OP2   . DC B 1  ? 6.28109 3.19297 5.89368  0.92011  -2.88952 0.41024  7  DC B OP2   
292 O "O5'" . DC B 1  ? 6.13451 3.29230 6.14560  0.80068  -3.00229 0.30222  7  DC B "O5'" 
293 C "C5'" . DC B 1  ? 6.53566 3.99108 6.65089  0.80560  -2.87396 0.36948  7  DC B "C5'" 
294 C "C4'" . DC B 1  ? 6.24911 3.92975 6.61200  0.83762  -2.76866 0.43910  7  DC B "C4'" 
295 O "O4'" . DC B 1  ? 6.25524 3.84299 6.81355  0.78486  -2.89808 0.34855  7  DC B "O4'" 
296 C "C3'" . DC B 1  ? 5.53407 3.24354 5.86068  0.93225  -2.62987 0.55472  7  DC B "C3'" 
297 O "O3'" . DC B 1  ? 5.33436 3.31504 5.67298  0.98690  -2.45153 0.66954  7  DC B "O3'" 
298 C "C2'" . DC B 1  ? 5.53263 3.22281 6.08253  0.93000  -2.66055 0.53664  7  DC B "C2'" 
299 C "C1'" . DC B 1  ? 5.71224 3.40306 6.43684  0.83493  -2.80614 0.41915  7  DC B "C1'" 
300 N N1    . DC B 1  ? 5.66406 3.16920 6.52457  0.79660  -2.95024 0.32785  7  DC B N1    
301 C C2    . DC B 1  ? 5.59149 3.21129 6.74836  0.76910  -2.95965 0.30843  7  DC B C2    
302 O O2    . DC B 1  ? 5.84559 3.70894 7.12423  0.77990  -2.84569 0.36943  7  DC B O2    
303 N N3    . DC B 1  ? 5.59231 3.05513 6.89588  0.73244  -3.09214 0.22253  7  DC B N3    
304 C C4    . DC B 1  ? 5.83312 3.03814 6.98141  0.72456  -3.21465 0.15692  7  DC B C4    
305 N N4    . DC B 1  ? 5.93869 3.01639 7.24888  0.68925  -3.34448 0.07203  7  DC B N4    
306 C C5    . DC B 1  ? 5.98131 3.05218 6.80257  0.75348  -3.20779 0.17515  7  DC B C5    
307 C C6    . DC B 1  ? 5.85764 3.08416 6.55443  0.78767  -3.07330 0.26088  7  DC B C6    
308 P P     . DG B 2  ? 5.76288 3.83409 6.09526  1.09020  -2.27542 0.80399  8  DG B P     
309 O OP1   . DG B 2  ? 5.49702 3.72646 5.70555  1.13614  -2.14650 0.89113  8  DG B OP1   
310 O OP2   . DG B 2  ? 6.34016 4.15552 6.59861  1.11761  -2.31565 0.79359  8  DG B OP2   
311 O "O5'" . DG B 2  ? 5.66356 3.94978 6.24947  1.09696  -2.21079 0.83450  8  DG B "O5'" 
312 C "C5'" . DG B 2  ? 5.25955 3.76179 5.96088  1.05310  -2.20381 0.81406  8  DG B "C5'" 
313 C "C4'" . DG B 2  ? 5.06554 3.73581 5.98198  1.07145  -2.13426 0.84969  8  DG B "C4'" 
314 O "O4'" . DG B 2  ? 5.01096 3.54096 6.09866  1.01693  -2.26027 0.76504  8  DG B "O4'" 
315 C "C3'" . DG B 2  ? 4.75469 3.49487 5.65861  1.17221  -1.97756 0.96694  8  DG B "C3'" 
316 O "O3'" . DG B 2  ? 4.65741 3.64000 5.67359  1.19779  -1.87530 1.01511  8  DG B "O3'" 
317 C "C2'" . DG B 2  ? 4.91488 3.44963 5.90693  1.17286  -2.03815 0.93958  8  DG B "C2'" 
318 C "C1'" . DG B 2  ? 4.92501 3.40740 6.09056  1.07439  -2.19749 0.81981  8  DG B "C1'" 
319 N N9    . DG B 2  ? 5.14193 3.35898 6.32137  1.04044  -2.33307 0.73956  8  DG B N9    
320 C C8    . DG B 2  ? 5.43091 3.42503 6.40639  1.04817  -2.39243 0.71536  8  DG B C8    
321 N N7    . DG B 2  ? 5.60555 3.38500 6.63449  1.01331  -2.51907 0.63327  8  DG B N7    
322 C C5    . DG B 2  ? 5.36540 3.23808 6.67318  0.97804  -2.54447 0.60207  8  DG B C5    
323 C C6    . DG B 2  ? 5.44027 3.18223 6.94310  0.93106  -2.66385 0.51529  8  DG B C6    
324 O O6    . DG B 2  ? 5.63918 3.15165 7.09150  0.91208  -2.77790 0.44476  8  DG B O6    
325 N N1    . DG B 2  ? 5.27333 3.18042 7.05578  0.90577  -2.64067 0.51276  8  DG B N1    
326 C C2    . DG B 2  ? 5.32932 3.48764 7.17005  0.92548  -2.51897 0.58461  8  DG B C2    
327 N N2    . DG B 2  ? 5.48987 3.76610 7.60405  0.89633  -2.51227 0.56946  8  DG B N2    
328 N N3    . DG B 2  ? 5.14020 3.42609 6.78658  0.97103  -2.41028 0.66347  8  DG B N3    
329 C C4    . DG B 2  ? 5.15415 3.29004 6.55143  0.99411  -2.42965 0.66775  8  DG B C4    
330 P P     . DG B 3  ? 5.75322 4.81901 6.78073  1.30022  -1.71864 1.12229  9  DG B P     
331 O OP1   . DG B 3  ? 5.67764 4.99803 6.70870  1.33118  -1.61801 1.16103  9  DG B OP1   
332 O OP2   . DG B 3  ? 5.60894 4.53302 6.47312  1.36504  -1.66498 1.18101  9  DG B OP2   
333 O "O5'" . DG B 3  ? 5.41920 4.40071 6.66259  1.27450  -1.77048 1.08795  9  DG B "O5'" 
334 C "C5'" . DG B 3  ? 5.14783 4.19280 6.58523  1.19391  -1.85918 1.01126  9  DG B "C5'" 
335 C "C4'" . DG B 3  ? 5.06234 3.99910 6.71407  1.17520  -1.90455 0.98303  9  DG B "C4'" 
336 O "O4'" . DG B 3  ? 4.72866 3.41871 6.37325  1.13404  -2.03417 0.91003  9  DG B "O4'" 
337 C "C3'" . DG B 3  ? 5.21749 4.15956 6.88729  1.26345  -1.76962 1.07673  9  DG B "C3'" 
338 O "O3'" . DG B 3  ? 5.21464 4.20871 7.13160  1.23943  -1.76893 1.06277  9  DG B "O3'" 
339 C "C2'" . DG B 3  ? 5.36327 4.05936 6.95798  1.28138  -1.80422 1.07113  9  DG B "C2'" 
340 C "C1'" . DG B 3  ? 4.84967 3.41659 6.54932  1.18123  -1.98775 0.94722  9  DG B "C1'" 
341 N N9    . DG B 3  ? 5.05595 3.37517 6.63434  1.17338  -2.07302 0.90371  9  DG B N9    
342 C C8    . DG B 3  ? 5.15725 3.38739 6.48087  1.20270  -2.06394 0.92521  9  DG B C8    
343 N N7    . DG B 3  ? 5.35853 3.34435 6.61255  1.18584  -2.15777 0.86903  9  DG B N7    
344 C C5    . DG B 3  ? 5.38392 3.30260 6.87133  1.14226  -2.23516 0.80420  9  DG B C5    
345 C C6    . DG B 3  ? 5.56982 3.25417 7.10688  1.10785  -2.35319 0.72042  9  DG B C6    
346 O O6    . DG B 3  ? 5.76883 3.24140 7.12744  1.11165  -2.41459 0.68701  9  DG B O6    
347 N N1    . DG B 3  ? 5.51869 3.23040 7.34890  1.06745  -2.39352 0.67386  9  DG B N1    
348 C C2    . DG B 3  ? 5.32122 3.24785 7.36115  1.06043  -2.32785 0.70533  9  DG B C2    
349 N N2    . DG B 3  ? 5.30354 3.22234 7.63220  1.01743  -2.37428 0.65135  9  DG B N2    
350 N N3    . DG B 3  ? 5.15735 3.29353 7.13031  1.09348  -2.22099 0.78242  9  DG B N3    
351 C C4    . DG B 3  ? 5.19647 3.31966 6.89387  1.13320  -2.18156 0.82679  9  DG B C4    
352 P P     . DA B 4  ? 4.91562 3.99378 6.87905  1.31919  -1.61703 1.15636  10 DA B P     
353 O OP1   . DA B 4  ? 4.32296 3.62938 6.28237  1.32600  -1.55957 1.17691  10 DA B OP1   
354 O OP2   . DA B 4  ? 4.63351 3.60292 6.40611  1.40586  -1.52654 1.22879  10 DA B OP2   
355 O "O5'" . DA B 4  ? 5.06083 4.04761 7.31971  1.27289  -1.66435 1.11456  10 DA B "O5'" 
356 C "C5'" . DA B 4  ? 4.94867 3.75653 7.31321  1.20375  -1.80596 1.02083  10 DA B "C5'" 
357 C "C4'" . DA B 4  ? 4.92261 3.62501 7.53320  1.19245  -1.80164 1.00592  10 DA B "C4'" 
358 O "O4'" . DA B 4  ? 4.98125 3.45206 7.56849  1.17162  -1.89413 0.94655  10 DA B "O4'" 
359 C "C3'" . DA B 4  ? 4.96617 3.68136 7.56332  1.27625  -1.63702 1.11080  10 DA B "C3'" 
360 O "O3'" . DA B 4  ? 5.30402 3.98366 8.19350  1.24674  -1.62569 1.09025  10 DA B "O3'" 
361 C "C2'" . DA B 4  ? 5.07508 3.60535 7.45183  1.32920  -1.61528 1.13919  10 DA B "C2'" 
362 C "C1'" . DA B 4  ? 5.44447 3.80608 7.87787  1.25285  -1.78357 1.02595  10 DA B "C1'" 
363 N N9    . DA B 4  ? 5.37838 3.62459 7.54074  1.27113  -1.82530 1.02036  10 DA B N9    
364 C C8    . DA B 4  ? 5.23366 3.57409 7.15732  1.31232  -1.77524 1.07321  10 DA B C8    
365 N N7    . DA B 4  ? 5.25965 3.45358 6.98267  1.31836  -1.82268 1.05595  10 DA B N7    
366 C C5    . DA B 4  ? 5.37578 3.35990 7.19377  1.27991  -1.91683 0.98322  10 DA B C5    
367 C C6    . DA B 4  ? 5.57389 3.32527 7.25621  1.26706  -2.00448 0.92954  10 DA B C6    
368 N N6    . DA B 4  ? 5.64866 3.33791 7.06888  1.29183  -2.00526 0.94770  10 DA B N6    
369 N N1    . DA B 4  ? 5.69898 3.28267 7.52598  1.22730  -2.08904 0.85418  10 DA B N1    
370 C C2    . DA B 4  ? 5.62171 3.27349 7.73207  1.20045  -2.07928 0.83702  10 DA B C2    
371 N N3    . DA B 4  ? 5.43973 3.30011 7.70729  1.20815  -1.99566 0.88648  10 DA B N3    
372 C C4    . DA B 4  ? 5.32601 3.34386 7.42249  1.24986  -1.91940 0.95875  10 DA B C4    
373 P P     . DC B 5  ? 5.82153 4.47085 8.75351  1.31569  -1.46417 1.18309  11 DC B P     
374 O OP1   . DC B 5  ? 5.91268 4.62319 9.17637  1.26978  -1.44629 1.16081  11 DC B OP1   
375 O OP2   . DC B 5  ? 5.06122 3.80708 7.73209  1.40155  -1.34624 1.28253  11 DC B OP2   
376 O "O5'" . DC B 5  ? 5.60114 4.00304 8.48499  1.32670  -1.48486 1.16195  11 DC B "O5'" 
377 C "C5'" . DC B 5  ? 5.57853 3.84342 8.60653  1.25036  -1.63094 1.04896  11 DC B "C5'" 
378 C "C4'" . DC B 5  ? 5.32610 3.35883 8.24948  1.27616  -1.62827 1.04288  11 DC B "C4'" 
379 O "O4'" . DC B 5  ? 5.80483 3.75332 8.44171  1.29301  -1.69326 1.03173  11 DC B "O4'" 
380 C "C3'" . DC B 5  ? 5.40950 3.39718 8.25047  1.35867  -1.45723 1.14756  11 DC B "C3'" 
381 O "O3'" . DC B 5  ? 5.56924 3.36764 8.51990  1.34346  -1.45989 1.11036  11 DC B "O3'" 
382 C "C2'" . DC B 5  ? 5.46485 3.42506 7.95268  1.42964  -1.42003 1.20807  11 DC B "C2'" 
383 C "C1'" . DC B 5  ? 5.66741 3.50980 8.08899  1.37526  -1.57974 1.11249  11 DC B "C1'" 
384 N N1    . DC B 5  ? 5.94027 3.79092 8.05800  1.41418  -1.58498 1.14338  11 DC B N1    
385 C C2    . DC B 5  ? 6.20457 3.86396 8.16135  1.40373  -1.66896 1.09492  11 DC B C2    
386 O O2    . DC B 5  ? 6.40825 3.89420 8.46328  1.36375  -1.74566 1.02258  11 DC B O2    
387 N N3    . DC B 5  ? 6.18132 3.84898 7.87777  1.43727  -1.66128 1.12672  11 DC B N3    
388 C C4    . DC B 5  ? 5.98787 3.85200 7.59069  1.47953  -1.57688 1.19892  11 DC B C4    
389 N N4    . DC B 5  ? 6.03730 3.90795 7.40390  1.50891  -1.56571 1.22668  11 DC B N4    
390 C C5    . DC B 5  ? 5.72946 3.78839 7.47664  1.49276  -1.49875 1.24279  11 DC B C5    
391 C C6    . DC B 5  ? 5.61450 3.65580 7.61366  1.45912  -1.50471 1.21575  11 DC B C6    
392 P P     . DA B 6  ? 6.37212 4.17956 9.61780  1.32875  -1.36364 1.12458  12 DA B P     
393 O OP1   . DA B 6  ? 5.45122 3.34830 9.00887  1.24069  -1.46088 1.03437  12 DA B OP1   
394 O OP2   . DA B 6  ? 6.26171 4.16912 9.40605  1.40481  -1.19571 1.24742  12 DA B OP2   
395 O "O5'" . DA B 6  ? 6.96715 4.53373 10.21116 1.32901  -1.36361 1.09059  12 DA B "O5'" 
396 C "C5'" . DA B 6  ? 6.80606 4.23110 10.09107 1.26730  -1.52131 0.97388  12 DA B "C5'" 
397 C "C4'" . DA B 6  ? 6.79360 4.00929 9.81344  1.31190  -1.52030 0.98270  12 DA B "C4'" 
398 O "O4'" . DA B 6  ? 6.80676 4.05376 9.50957  1.36730  -1.51343 1.03912  12 DA B "O4'" 
399 C "C3'" . DA B 6  ? 6.21543 3.32515 9.20046  1.36896  -1.36957 1.05464  12 DA B "C3'" 
400 O "O3'" . DA B 6  ? 6.41860 3.30615 9.32488  1.36172  -1.42263 0.99913  12 DA B "O3'" 
401 C "C2'" . DA B 6  ? 6.18638 3.36414 8.88587  1.46113  -1.25441 1.17368  12 DA B "C2'" 
402 C "C1'" . DA B 6  ? 6.26377 3.45595 8.76057  1.45601  -1.36700 1.14209  12 DA B "C1'" 
403 N N9    . DA B 6  ? 6.26138 3.62048 8.57931  1.51165  -1.30172 1.22634  12 DA B N9    
404 C C8    . DA B 6  ? 6.24436 3.79550 8.63802  1.53410  -1.20981 1.29323  12 DA B C8    
405 N N7    . DA B 6  ? 6.27349 3.94742 8.45842  1.58339  -1.17531 1.35139  12 DA B N7    
406 C C5    . DA B 6  ? 6.25552 3.81263 8.22634  1.59323  -1.24065 1.32568  12 DA B C5    
407 C C6    . DA B 6  ? 6.23537 3.83824 7.94461  1.63641  -1.23571 1.36030  12 DA B C6    
408 N N6    . DA B 6  ? 6.22160 4.00965 7.83100  1.68061  -1.16831 1.42234  12 DA B N6    
409 N N1    . DA B 6  ? 6.27869 3.72612 7.83438  1.63022  -1.30224 1.32419  12 DA B N1    
410 C C2    . DA B 6  ? 6.47182 3.72688 8.11243  1.58464  -1.38035 1.25072  12 DA B C2    
411 N N3    . DA B 6  ? 6.46932 3.66586 8.34700  1.54260  -1.39896 1.20535  12 DA B N3    
412 C C4    . DA B 6  ? 6.29704 3.65550 8.34011  1.54912  -1.32080 1.24959  12 DA B C4    
413 P P     . DG B 7  ? 6.60724 3.34458 9.53010  1.39587  -1.30286 1.03555  13 DG B P     
414 O OP1   . DG B 7  ? 6.79456 3.41030 9.93129  1.32183  -1.40074 0.92167  13 DG B OP1   
415 O OP2   . DG B 7  ? 6.56026 3.42441 9.55871  1.43626  -1.14213 1.13570  13 DG B OP2   
416 O "O5'" . DG B 7  ? 7.09655 3.67953 9.65123  1.47060  -1.27347 1.08304  13 DG B "O5'" 
417 C "C5'" . DG B 7  ? 6.84266 3.30419 9.24303  1.44896  -1.40683 1.01107  13 DG B "C5'" 
418 C "C4'" . DG B 7  ? 7.01286 3.37615 9.06463  1.53036  -1.34304 1.08178  13 DG B "C4'" 
419 O "O4'" . DG B 7  ? 6.80801 3.33876 8.71510  1.57181  -1.30566 1.15287  13 DG B "O4'" 
420 C "C3'" . DG B 7  ? 7.31310 3.57683 9.26629  1.60278  -1.19006 1.16286  13 DG B "C3'" 
421 O "O3'" . DG B 7  ? 7.58722 3.66884 9.28474  1.64256  -1.19243 1.16589  13 DG B "O3'" 
422 C "C2'" . DG B 7  ? 6.96603 3.40973 8.83589  1.66701  -1.07109 1.27251  13 DG B "C2'" 
423 C "C1'" . DG B 7  ? 6.84092 3.37774 8.57215  1.66311  -1.15032 1.26373  13 DG B "C1'" 
424 N N9    . DG B 7  ? 6.64747 3.41005 8.36732  1.69069  -1.09664 1.33032  13 DG B N9    
425 C C8    . DG B 7  ? 6.55069 3.47835 8.47825  1.67373  -1.05077 1.35399  13 DG B C8    
426 N N7    . DG B 7  ? 6.48971 3.60379 8.34008  1.70387  -1.01644 1.40886  13 DG B N7    
427 C C5    . DG B 7  ? 6.61478 3.68836 8.19835  1.74280  -1.03908 1.42149  13 DG B C5    
428 C C6    . DG B 7  ? 6.74670 3.96478 8.14845  1.78473  -1.01884 1.46876  13 DG B C6    
429 O O6    . DG B 7  ? 6.65563 4.06901 8.08346  1.79610  -0.98516 1.50462  13 DG B O6    
430 N N1    . DG B 7  ? 6.90282 4.01805 8.07759  1.81230  -1.03848 1.47012  13 DG B N1    
431 C C2    . DG B 7  ? 6.78280 3.67964 7.90702  1.79823  -1.07846 1.42978  13 DG B C2    
432 N N2    . DG B 7  ? 6.74375 3.57441 7.65772  1.82308  -1.08443 1.44388  13 DG B N2    
433 N N3    . DG B 7  ? 6.67743 3.43299 7.95333  1.75968  -1.10820 1.37777  13 DG B N3    
434 C C4    . DG B 7  ? 6.60260 3.45986 8.10807  1.73421  -1.08473 1.37693  13 DG B C4    
435 P P     . DC B 8  ? 7.78382 3.67413 9.39258  1.69260  -1.09114 1.19898  14 DC B P     
436 O OP1   . DC B 8  ? 7.61220 3.33702 9.33752  1.62828  -1.19418 1.09267  14 DC B OP1   
437 O OP2   . DC B 8  ? 7.49643 3.47886 9.17933  1.73283  -0.95708 1.27937  14 DC B OP2   
438 O "O5'" . DC B 8  ? 8.00873 3.81426 9.28187  1.76926  -1.03959 1.26037  14 DC B "O5'" 
439 C "C5'" . DC B 8  ? 7.99713 3.84526 9.09955  1.86099  -0.89568 1.36970  14 DC B "C5'" 
440 C "C4'" . DC B 8  ? 7.75686 3.62251 8.60757  1.91359  -0.87207 1.42038  14 DC B "C4'" 
441 O "O4'" . DC B 8  ? 7.36461 3.43210 8.25296  1.88865  -0.92580 1.42066  14 DC B "O4'" 
442 C "C3'" . DC B 8  ? 7.88489 3.72943 8.50624  2.01800  -0.73459 1.51712  14 DC B "C3'" 
443 O "O3'" . DC B 8  ? 8.17826 3.84437 8.65508  2.05151  -0.68959 1.53438  14 DC B "O3'" 
444 C "C2'" . DC B 8  ? 7.47096 3.50367 7.97528  2.05301  -0.72058 1.56671  14 DC B "C2'" 
445 C "C1'" . DC B 8  ? 7.29224 3.47643 8.00150  1.96672  -0.83036 1.51067  14 DC B "C1'" 
446 N N1    . DC B 8  ? 7.10452 3.49403 7.93875  1.95765  -0.82583 1.52554  14 DC B N1    
447 C C2    . DC B 8  ? 7.13272 3.70729 7.87949  1.97932  -0.82485 1.55947  14 DC B C2    
448 O O2    . DC B 8  ? 7.31896 3.88690 7.88643  2.01096  -0.81482 1.58420  14 DC B O2    
449 N N3    . DC B 8  ? 7.08695 3.85391 7.96348  1.96288  -0.82375 1.57039  14 DC B N3    
450 C C4    . DC B 8  ? 7.05395 3.84180 8.16323  1.92391  -0.81052 1.55858  14 DC B C4    
451 N N4    . DC B 8  ? 6.94179 3.93402 8.19559  1.90475  -0.79256 1.58069  14 DC B N4    
452 C C5    . DC B 8  ? 7.22630 3.82936 8.43680  1.90166  -0.80613 1.52563  14 DC B C5    
453 C C6    . DC B 8  ? 7.32347 3.72934 8.38259  1.91969  -0.82136 1.50512  14 DC B C6    
454 P P     . DT B 9  ? 9.36084 5.00017 9.58119  2.12819  -0.57616 1.59339  15 DT B P     
455 O OP1   . DT B 9  ? 9.56897 5.05260 9.81188  2.12444  -0.52233 1.60484  15 DT B OP1   
456 O OP2   . DT B 9  ? 9.00642 4.67061 9.20532  2.13414  -0.64397 1.57187  15 DT B OP2   
457 O "O5'" . DT B 9  ? 8.84524 4.69164 8.99528  2.13257  -0.53648 1.64845  15 DT B "O5'" 
458 C "C5'" . DT B 9  ? 8.94627 4.66104 8.78746  2.08722  -0.84809 1.52045  15 DT B "C5'" 
459 C "C4'" . DT B 9  ? 8.30672 4.43902 8.71496  1.91969  -0.97469 1.61631  15 DT B "C4'" 
460 O "O4'" . DT B 9  ? 7.92782 3.99399 7.79003  2.10061  -0.81316 1.55922  15 DT B "O4'" 
461 C "C3'" . DT B 9  ? 8.25478 4.45951 8.54877  1.98617  -0.87513 1.70345  15 DT B "C3'" 
462 O "O3'" . DT B 9  ? 8.33948 4.67830 8.64108  1.96623  -0.86862 1.75103  15 DT B "O3'" 
463 C "C2'" . DT B 9  ? 8.06855 4.36790 8.31751  2.03909  -0.82510 1.71218  15 DT B "C2'" 
464 C "C1'" . DT B 9  ? 7.80028 4.11650 7.96697  2.03005  -0.88684 1.62887  15 DT B "C1'" 
465 N N1    . DT B 9  ? 7.66636 4.05624 7.90700  2.07191  -0.81255 1.64618  15 DT B N1    
466 C C2    . DT B 9  ? 7.19998 3.80633 7.50933  2.06894  -0.80909 1.67208  15 DT B C2    
467 O O2    . DT B 9  ? 7.05526 3.78245 7.31779  2.04592  -0.85184 1.67331  15 DT B O2    
468 N N3    . DT B 9  ? 7.22101 3.94232 7.70338  2.06492  -0.74257 1.69216  15 DT B N3    
469 C C4    . DT B 9  ? 7.48500 4.11925 8.09531  2.06181  -0.68518 1.69398  15 DT B C4    
470 O O4    . DT B 9  ? 7.48503 4.24786 8.29165  2.03812  -0.63099 1.71408  15 DT B O4    
471 C C5    . DT B 9  ? 7.89385 4.27088 8.40089  2.08257  -0.69613 1.66912  15 DT B C5    
472 C C7    . DT B 9  ? 7.82433 4.09131 8.47133  2.07301  -0.63906 1.66468  15 DT B C7    
473 C C6    . DT B 9  ? 8.06837 4.32736 8.37840  2.09425  -0.75855 1.64640  15 DT B C6    
474 P P     . DA B 10 ? 8.52609 4.97556 8.67918  2.02655  -0.78533 1.81386  16 DA B P     
475 O OP1   . DA B 10 ? 8.45719 4.93198 8.53832  2.01457  -0.78137 1.83597  16 DA B OP1   
476 O OP2   . DA B 10 ? 7.54059 3.95283 7.64280  2.07359  -0.67010 1.84094  16 DA B OP2   
477 O "O5'" . DA B 10 ? 7.86143 4.50773 8.04137  2.02530  -0.79459 1.80367  16 DA B "O5'" 
478 C "C5'" . DA B 10 ? 7.52633 4.38096 7.65632  2.03092  -0.74043 1.83690  16 DA B "C5'" 
479 C "C4'" . DA B 10 ? 7.14007 4.15628 7.28283  2.06827  -0.60674 1.88272  16 DA B "C4'" 
480 O "O4'" . DA B 10 ? 6.91579 3.97199 7.16366  2.06551  -0.60734 1.86985  16 DA B "O4'" 
481 C "C3'" . DA B 10 ? 6.98565 3.92415 7.07980  2.10901  -0.49815 1.92143  16 DA B "C3'" 
482 O "O3'" . DA B 10 ? 7.01354 4.12707 7.06909  2.13913  -0.38920 1.96993  16 DA B "O3'" 
483 C "C2'" . DA B 10 ? 7.03010 3.91101 7.21930  2.11531  -0.47498 1.91863  16 DA B "C2'" 
484 C "C1'" . DA B 10 ? 6.85477 3.90677 7.13362  2.09625  -0.49485 1.91137  16 DA B "C1'" 
485 N N9    . DA B 10 ? 6.88080 3.86829 7.26250  2.09026  -0.50662 1.89017  16 DA B N9    
486 C C8    . DA B 10 ? 7.04250 3.80661 7.43682  2.08985  -0.55045 1.85221  16 DA B C8    
487 N N7    . DA B 10 ? 7.04201 3.80266 7.54422  2.08615  -0.53362 1.84054  16 DA B N7    
488 C C5    . DA B 10 ? 7.16977 4.17090 7.74186  2.08064  -0.47865 1.87789  16 DA B C5    
489 C C6    . DA B 10 ? 7.31402 4.43799 8.02742  2.07029  -0.43029 1.89375  16 DA B C6    
490 N N6    . DA B 10 ? 7.25462 4.27926 8.08361  2.06160  -0.42006 1.87473  16 DA B N6    
491 N N1    . DA B 10 ? 7.41808 4.77151 8.15980  2.06603  -0.38809 1.93036  16 DA B N1    
492 C C2    . DA B 10 ? 7.32567 4.77981 7.96399  2.07224  -0.39160 1.94566  16 DA B C2    
493 N N3    . DA B 10 ? 7.11096 4.47680 7.62784  2.08098  -0.42409 1.93615  16 DA B N3    
494 C C4    . DA B 10 ? 7.03090 4.16822 7.52121  2.08416  -0.46764 1.90425  16 DA B C4    
495 P P     . DC B 11 ? 7.91512 4.98209 7.89370  2.18934  -0.26990 2.01230  17 DC B P     
496 O OP1   . DC B 11 ? 7.93136 4.99033 7.79149  2.20194  -0.25907 2.01563  17 DC B OP1   
497 O OP2   . DC B 11 ? 7.66538 4.54039 7.66200  2.19738  -0.26677 2.00376  17 DC B OP2   
498 O "O5'" . DC B 11 ? 7.63868 4.92122 7.67347  2.21326  -0.16706 2.05982  17 DC B "O5'" 
499 C "C5'" . DC B 11 ? 7.48819 4.97700 7.55369  2.19784  -0.17720 2.06339  17 DC B "C5'" 
500 C "C4'" . DC B 11 ? 7.12991 4.75881 7.30317  2.19345  -0.14077 2.08433  17 DC B "C4'" 
501 O "O4'" . DC B 11 ? 7.18616 4.71389 7.43833  2.16814  -0.19693 2.05783  17 DC B "O4'" 
502 C "C3'" . DC B 11 ? 6.66608 4.34175 6.84720  2.23598  -0.01983 2.13763  17 DC B "C3'" 
503 O "O3'" . DC B 11 ? 6.51535 4.40170 6.72429  2.24251  0.02398  2.16393  17 DC B "O3'" 
504 C "C2'" . DC B 11 ? 6.77942 4.36558 7.04301  2.22870  -0.01118 2.14103  17 DC B "C2'" 
505 C "C1'" . DC B 11 ? 7.00190 4.59221 7.33007  2.18285  -0.11558 2.09549  17 DC B "C1'" 
506 N N1    . DC B 11 ? 7.12409 4.56664 7.52823  2.16853  -0.14416 2.07505  17 DC B N1    
507 C C2    . DC B 11 ? 7.12087 4.64431 7.64075  2.15348  -0.12744 2.08375  17 DC B C2    
508 O O2    . DC B 11 ? 7.12351 4.83625 7.67147  2.15126  -0.09535 2.10795  17 DC B O2    
509 N N3    . DC B 11 ? 7.09891 4.48670 7.70064  2.14178  -0.14358 2.06459  17 DC B N3    
510 C C4    . DC B 11 ? 7.06573 4.24108 7.63087  2.14379  -0.18545 2.03267  17 DC B C4    
511 N N4    . DC B 11 ? 6.95703 4.00071 7.61304  2.13120  -0.20067 2.00859  17 DC B N4    
512 C C5    . DC B 11 ? 7.14474 4.23041 7.58319  2.15830  -0.20943 2.02341  17 DC B C5    
513 C C6    . DC B 11 ? 7.14830 4.37486 7.51288  2.17084  -0.18187 2.04778  17 DC B C6    
514 P P     . DG B 12 ? 7.34650 5.31004 7.54528  2.29054  0.14090  2.21877  18 DG B P     
515 O OP1   . DG B 12 ? 7.42251 5.52256 7.57961  2.30618  0.15962  2.22558  18 DG B OP1   
516 O OP2   . DG B 12 ? 7.31434 5.10691 7.47759  2.32033  0.19035  2.23452  18 DG B OP2   
517 O "O5'" . DG B 12 ? 6.93692 5.00991 7.22877  2.27929  0.16589  2.24134  18 DG B "O5'" 
518 C "C5'" . DG B 12 ? 6.65581 4.88274 6.99767  2.24657  0.11802  2.22493  18 DG B "C5'" 
519 C "C4'" . DG B 12 ? 6.51057 4.81364 6.92772  2.24540  0.16273  2.25554  18 DG B "C4'" 
520 O "O4'" . DG B 12 ? 6.29066 4.48485 6.77564  2.22159  0.13477  2.24143  18 DG B "O4'" 
521 C "C3'" . DG B 12 ? 6.43657 4.73693 6.83513  2.29099  0.26702  2.31011  18 DG B "C3'" 
522 O "O3'" . DG B 12 ? 6.74695 5.18853 7.18070  2.29400  0.30168  2.33801  18 DG B "O3'" 
523 C "C2'" . DG B 12 ? 6.47680 4.60628 6.90412  2.29409  0.29318  2.31979  18 DG B "C2'" 
524 C "C1'" . DG B 12 ? 6.41213 4.51953 6.91686  2.24758  0.21687  2.28198  18 DG B "C1'" 
525 N N9    . DG B 12 ? 6.53499 4.44921 7.05322  2.23845  0.18697  2.25746  18 DG B N9    
526 C C8    . DG B 12 ? 6.61936 4.40559 7.06916  2.24040  0.13945  2.22547  18 DG B C8    
527 N N7    . DG B 12 ? 6.73548 4.34533 7.21305  2.23111  0.11525  2.20469  18 DG B N7    
528 C C5    . DG B 12 ? 6.72298 4.35066 7.30389  2.22225  0.15642  2.22602  18 DG B C5    
529 C C6    . DG B 12 ? 6.82721 4.31072 7.49248  2.20919  0.15902  2.21605  18 DG B C6    
530 O O6    . DG B 12 ? 6.93828 4.24070 7.59863  2.20222  0.11360  2.18019  18 DG B O6    
531 N N1    . DG B 12 ? 6.82462 4.38513 7.59072  2.20362  0.22273  2.25111  18 DG B N1    
532 C C2    . DG B 12 ? 6.71309 4.45835 7.48242  2.21161  0.27106  2.29015  18 DG B C2    
533 N N2    . DG B 12 ? 6.73818 4.52064 7.60388  2.20604  0.33442  2.32390  18 DG B N2    
534 N N3    . DG B 12 ? 6.56750 4.44528 7.25402  2.22369  0.25913  2.29440  18 DG B N3    
535 C C4    . DG B 12 ? 6.60322 4.41603 7.20516  2.22757  0.20370  2.26144  18 DG B C4    
536 P P     . DC B 13 ? 7.46049 5.91873 7.86737  2.34250  0.40128  2.39526  19 DC B P     
537 O OP1   . DC B 13 ? 7.68948 6.31435 8.10651  2.34297  0.40591  2.40796  19 DC B OP1   
538 O OP2   . DC B 13 ? 6.94937 5.32946 7.28767  2.37962  0.43364  2.40280  19 DC B OP2   
539 O "O5'" . DC B 13 ? 6.84391 5.18687 7.30024  2.34264  0.44998  2.42320  19 DC B "O5'" 
540 C "C5'" . DC B 13 ? 6.74020 5.09797 7.27916  2.30559  0.42194  2.41238  19 DC B "C5'" 
541 C "C4'" . DC B 13 ? 6.65994 4.88550 7.24930  2.31104  0.48313  2.44191  19 DC B "C4'" 
542 O "O4'" . DC B 13 ? 6.57658 4.64613 7.18754  2.29346  0.44126  2.40681  19 DC B "O4'" 
543 C "C3'" . DC B 13 ? 6.76274 4.93413 7.30136  2.35820  0.58120  2.49566  19 DC B "C3'" 
544 O "O3'" . DC B 13 ? 7.03325 5.21410 7.61659  2.36300  0.64920  2.53959  19 DC B "O3'" 
545 C "C2'" . DC B 13 ? 6.90690 4.89556 7.43651  2.36345  0.58721  2.48398  19 DC B "C2'" 
546 C "C1'" . DC B 13 ? 6.73521 4.66756 7.34748  2.31668  0.51529  2.43885  19 DC B "C1'" 
547 N N1    . DC B 13 ? 6.83597 4.60199 7.43155  2.31050  0.47316  2.40196  19 DC B N1    
548 C C2    . DC B 13 ? 7.02010 4.62731 7.68398  2.29866  0.49090  2.39866  19 DC B C2    
549 O O2    . DC B 13 ? 7.00636 4.61920 7.75092  2.29254  0.54884  2.42943  19 DC B O2    
550 N N3    . DC B 13 ? 7.21105 4.65666 7.85203  2.29377  0.44501  2.36068  19 DC B N3    
551 C C4    . DC B 13 ? 7.23557 4.67352 7.78347  2.30221  0.39127  2.33246  19 DC B C4    
552 N N4    . DC B 13 ? 7.45421 4.71877 7.97118  2.29861  0.34615  2.29584  19 DC B N4    
553 C C5    . DC B 13 ? 7.05826 4.65970 7.54244  2.31452  0.38357  2.33980  19 DC B C5    
554 C C6    . DC B 13 ? 6.83665 4.59806 7.35033  2.31751  0.42217  2.37232  19 DC B C6    
555 P P     . DA B 14 ? 7.54893 5.68383 8.07813  2.41146  0.75354  2.60134  20 DA B P     
556 O OP1   . DA B 14 ? 7.39374 5.66131 7.90487  2.42379  0.77687  2.63088  20 DA B OP1   
557 O OP2   . DA B 14 ? 7.36913 5.44128 7.82074  2.44440  0.76252  2.59994  20 DA B OP2   
558 O "O5'" . DA B 14 ? 7.30273 5.29106 7.90694  2.40051  0.81432  2.62405  20 DA B "O5'" 
559 C "C5'" . DA B 14 ? 7.25316 5.12706 7.92754  2.36710  0.77061  2.58366  20 DA B "C5'" 
560 C "C4'" . DA B 14 ? 7.19885 4.93404 7.95055  2.36109  0.84475  2.61073  20 DA B "C4'" 
561 O "O4'" . DA B 14 ? 7.39606 4.98116 8.18730  2.34100  0.80377  2.56906  20 DA B "O4'" 
562 C "C3'" . DA B 14 ? 7.22704 4.89815 7.91644  2.40379  0.94792  2.66852  20 DA B "C3'" 
563 O "O3'" . DA B 14 ? 7.31662 4.89848 8.09086  2.39261  1.02746  2.70070  20 DA B "O3'" 
564 C "C2'" . DA B 14 ? 7.32676 4.88025 7.96114  2.41880  0.92895  2.64656  20 DA B "C2'" 
565 C "C1'" . DA B 14 ? 7.33454 4.80565 8.05519  2.37388  0.85246  2.58842  20 DA B "C1'" 
566 N N9    . DA B 14 ? 7.31459 4.74576 7.97039  2.37632  0.77588  2.54229  20 DA B N9    
567 C C8    . DA B 14 ? 7.20322 4.74582 7.77989  2.38771  0.72328  2.52445  20 DA B C8    
568 N N7    . DA B 14 ? 7.24280 4.70448 7.77067  2.38847  0.66926  2.48582  20 DA B N7    
569 C C5    . DA B 14 ? 7.37315 4.65704 7.94798  2.37661  0.67838  2.47399  20 DA B C5    
570 C C6    . DA B 14 ? 7.48088 4.60024 8.03152  2.37219  0.63392  2.43414  20 DA B C6    
571 N N6    . DA B 14 ? 7.47623 4.58359 7.94032  2.38134  0.57686  2.40259  20 DA B N6    
572 N N1    . DA B 14 ? 7.60225 4.56278 8.22183  2.35767  0.65240  2.42721  20 DA B N1    
573 C C2    . DA B 14 ? 7.61333 4.58314 8.32520  2.34794  0.72097  2.46181  20 DA B C2    
574 N N3    . DA B 14 ? 7.60353 4.71565 8.34089  2.35242  0.77451  2.50509  20 DA B N3    
575 C C4    . DA B 14 ? 7.40626 4.67186 8.06755  2.36751  0.74483  2.50754  20 DA B C4    
576 P P     . DT B 15 ? 7.99830 5.49580 8.69344  2.40570  1.09319  2.73231  21 DT B P     
577 O OP1   . DT B 15 ? 8.42818 5.87330 9.20875  2.37164  1.14070  2.74370  21 DT B OP1   
578 O OP2   . DT B 15 ? 7.61781 5.22148 8.18403  2.43588  1.07272  2.74241  21 DT B OP2   
579 O "O5'" . DT B 15 ? 7.76616 5.08741 8.42630  2.39796  1.07015  2.69887  21 DT B "O5'" 
580 C "C5'" . DT B 15 ? 7.75052 4.94792 8.52140  2.37133  1.06861  2.67476  21 DT B "C5'" 
581 C "C4'" . DT B 15 ? 7.77249 4.82691 8.47925  2.37425  1.03331  2.64164  21 DT B "C4'" 
582 O "O4'" . DT B 15 ? 7.74911 4.84881 8.43684  2.40164  0.99642  2.63063  21 DT B "O4'" 
583 C "C3'" . DT B 15 ? 7.81570 4.84088 8.38161  2.38709  1.02432  2.64305  21 DT B "C3'" 
584 O "O3'" . DT B 15 ? 8.14615 5.03511 8.71248  2.35444  1.04338  2.63704  21 DT B "O3'" 
585 C "C2'" . DT B 15 ? 7.86362 4.83381 8.36905  2.40804  0.98028  2.61588  21 DT B "C2'" 
586 C "C1'" . DT B 15 ? 7.83363 4.83114 8.42292  2.41310  0.96659  2.60639  21 DT B "C1'" 
587 N N1    . DT B 15 ? 7.78822 4.87729 8.30688  2.45021  0.93905  2.60491  21 DT B N1    
588 C C2    . DT B 15 ? 7.86406 4.85000 8.35554  2.45871  0.90492  2.57469  21 DT B C2    
589 O O2    . DT B 15 ? 7.96705 4.78994 8.49105  2.43769  0.88956  2.54689  21 DT B O2    
590 N N3    . DT B 15 ? 7.92864 4.99746 8.34397  2.47864  0.86172  2.55899  21 DT B N3    
591 C C4    . DT B 15 ? 7.86880 5.11556 8.24627  2.49184  0.85303  2.57165  21 DT B C4    
592 O O4    . DT B 15 ? 8.04344 5.34857 8.36017  2.50287  0.80968  2.54933  21 DT B O4    
593 C C5    . DT B 15 ? 7.67216 5.02443 8.08697  2.49183  0.90099  2.61245  21 DT B C5    
594 C C7    . DT B 15 ? 7.64873 5.18857 8.02793  2.50460  0.88829  2.62430  21 DT B C7    
595 C C6    . DT B 15 ? 7.67723 4.94484 8.15604  2.47391  0.94638  2.63050  21 DT B C6    
596 P P     . DA C 1  ? 3.77314 4.80706 4.85628  2.35794  -0.11252 0.69947  19 DA C P     
597 O OP1   . DA C 1  ? 3.90044 4.75830 4.74440  2.42209  -0.08902 0.85633  19 DA C OP1   
598 O OP2   . DA C 1  ? 3.71460 5.04973 4.97214  2.35252  -0.19944 0.55686  19 DA C OP2   
599 O "O5'" . DA C 1  ? 4.36183 5.44805 5.34019  2.30640  -0.08260 0.79624  19 DA C "O5'" 
600 C "C5'" . DA C 1  ? 4.58105 5.42574 5.25404  2.17756  -0.02502 0.95951  19 DA C "C5'" 
601 C "C4'" . DA C 1  ? 4.55249 5.35531 5.17546  2.03068  0.00697  0.97279  19 DA C "C4'" 
602 O "O4'" . DA C 1  ? 3.92527 4.80094 4.82665  2.08187  0.00476  0.82967  19 DA C "O4'" 
603 C "C3'" . DA C 1  ? 4.51909 5.60485 5.02845  1.95923  -0.04621 1.01664  19 DA C "C3'" 
604 O "O3'" . DA C 1  ? 4.90438 5.79117 5.19659  1.78344  0.00613  1.11435  19 DA C "O3'" 
605 C "C2'" . DA C 1  ? 3.87701 5.28300 4.66629  2.03507  -0.10610 0.87002  19 DA C "C2'" 
606 C "C1'" . DA C 1  ? 3.65057 4.81300 4.60430  2.04582  -0.04734 0.78860  19 DA C "C1'" 
607 N N9    . DA C 1  ? 3.29086 4.65622 4.54624  2.12427  -0.09241 0.61252  19 DA C N9    
608 C C8    . DA C 1  ? 3.25977 4.73254 4.65770  2.13927  -0.14574 0.49057  19 DA C C8    
609 N N7    . DA C 1  ? 2.97676 4.51513 4.59810  2.07685  -0.17014 0.33425  19 DA C N7    
610 C C5    . DA C 1  ? 3.25607 4.73829 4.87497  2.02651  -0.13811 0.33607  19 DA C C5    
611 C C6    . DA C 1  ? 3.30867 4.79960 5.09839  1.94913  -0.13840 0.22070  19 DA C C6    
612 N N6    . DA C 1  ? 3.11337 4.66626 5.11794  1.89896  -0.15578 0.10645  19 DA C N6    
613 N N1    . DA C 1  ? 3.47439 4.88768 5.19282  1.92378  -0.10588 0.25654  19 DA C N1    
614 C C2    . DA C 1  ? 3.76607 5.08825 5.26510  1.96484  -0.06454 0.41875  19 DA C C2    
615 N N3    . DA C 1  ? 4.04894 5.33325 5.37685  2.02028  -0.04834 0.56287  19 DA C N3    
616 C C4    . DA C 1  ? 3.53201 4.91143 4.92867  2.05777  -0.09083 0.50387  19 DA C C4    
617 P P     . DC C 2  ? 5.53883 6.42762 5.52001  1.66974  0.00934  1.26452  20 DC C P     
618 O OP1   . DC C 2  ? 5.62498 6.09607 5.38517  1.57233  0.09341  1.37925  20 DC C OP1   
619 O OP2   . DC C 2  ? 5.16196 6.33743 5.14834  1.77626  -0.05684 1.26380  20 DC C OP2   
620 O "O5'" . DC C 2  ? 4.63872 5.68987 4.59266  1.54782  -0.00967 1.25867  20 DC C "O5'" 
621 C "C5'" . DC C 2  ? 4.10487 5.50287 4.28711  1.61175  -0.07844 1.13590  20 DC C "C5'" 
622 C "C4'" . DC C 2  ? 3.91038 5.21213 4.16894  1.53503  -0.05872 1.07925  20 DC C "C4'" 
623 O "O4'" . DC C 2  ? 3.97149 5.35567 4.51719  1.65681  -0.07931 0.93661  20 DC C "O4'" 
624 C "C3'" . DC C 2  ? 3.58969 5.14186 3.82944  1.45084  -0.10527 1.06662  20 DC C "C3'" 
625 O "O3'" . DC C 2  ? 3.65783 4.99747 3.87069  1.34912  -0.07036 1.05622  20 DC C "O3'" 
626 C "C2'" . DC C 2  ? 3.32328 5.24979 3.83794  1.58980  -0.18271 0.93020  20 DC C "C2'" 
627 C "C1'" . DC C 2  ? 3.43658 5.16077 4.13209  1.67526  -0.14812 0.84570  20 DC C "C1'" 
628 N N1    . DC C 2  ? 3.56579 5.54979 4.53291  1.84624  -0.20243 0.72178  20 DC C N1    
629 C C2    . DC C 2  ? 3.19767 5.32740 4.40768  1.90154  -0.23247 0.58648  20 DC C C2    
630 O O2    . DC C 2  ? 3.35990 5.40110 4.54627  1.81008  -0.21697 0.57296  20 DC C O2    
631 N N3    . DC C 2  ? 3.22893 5.43163 4.61476  1.91866  -0.26637 0.43904  20 DC C N3    
632 C C4    . DC C 2  ? 3.34749 5.57858 4.71966  1.96861  -0.28210 0.44311  20 DC C C4    
633 N N4    . DC C 2  ? 3.27643 5.53677 4.81132  1.95172  -0.31126 0.30965  20 DC C N4    
634 C C5    . DC C 2  ? 3.40698 5.61872 4.58827  2.03459  -0.26643 0.60270  20 DC C C5    
635 C C6    . DC C 2  ? 3.63710 5.70053 4.61110  1.95029  -0.22256 0.73881  20 DC C C6    
636 P P     . DA C 3  ? 3.62541 5.04639 3.70456  1.20165  -0.08941 1.09447  21 DA C P     
637 O OP1   . DA C 3  ? 3.81791 4.84241 3.66699  1.06572  -0.01510 1.19910  21 DA C OP1   
638 O OP2   . DA C 3  ? 3.44449 5.22032 3.49072  1.20716  -0.14484 1.11789  21 DA C OP2   
639 O "O5'" . DA C 3  ? 3.61915 5.16453 3.90967  1.23184  -0.13100 0.95964  21 DA C "O5'" 
640 C "C5'" . DA C 3  ? 3.31764 5.07419 3.87894  1.38277  -0.17290 0.83241  21 DA C "C5'" 
641 C "C4'" . DA C 3  ? 3.24991 5.33880 3.96214  1.39624  -0.24927 0.73148  21 DA C "C4'" 
642 O "O4'" . DA C 3  ? 3.20242 5.55232 4.18047  1.55343  -0.29752 0.61141  21 DA C "O4'" 
643 C "C3'" . DA C 3  ? 2.86431 5.25459 3.48365  1.33317  -0.30200 0.77452  21 DA C "C3'" 
644 O "O3'" . DA C 3  ? 2.72160 5.30480 3.43421  1.30362  -0.35714 0.69394  21 DA C "O3'" 
645 C "C2'" . DA C 3  ? 2.96230 5.65639 3.70802  1.46705  -0.34676 0.73980  21 DA C "C2'" 
646 C "C1'" . DA C 3  ? 2.77087 5.52159 3.78773  1.59271  -0.36898 0.60130  21 DA C "C1'" 
647 N N9    . DA C 3  ? 2.96885 5.84152 4.12572  1.72872  -0.38714 0.54856  21 DA C N9    
648 C C8    . DA C 3  ? 2.71321 5.56874 3.77871  1.78343  -0.37395 0.63066  21 DA C C8    
649 N N7    . DA C 3  ? 2.64578 5.48932 3.82033  1.82476  -0.38377 0.52274  21 DA C N7    
650 C C5    . DA C 3  ? 2.80509 5.62376 4.13947  1.77134  -0.39770 0.37235  21 DA C C5    
651 C C6    . DA C 3  ? 2.82217 5.59387 4.31352  1.75828  -0.40996 0.23715  21 DA C C6    
652 N N6    . DA C 3  ? 2.58047 5.33849 4.10353  1.80430  -0.41588 0.21550  21 DA C N6    
653 N N1    . DA C 3  ? 3.06817 5.80124 4.67434  1.69372  -0.41479 0.14180  21 DA C N1    
654 C C2    . DA C 3  ? 3.21513 5.96013 4.78418  1.65284  -0.41493 0.15909  21 DA C C2    
655 N N3    . DA C 3  ? 2.97224 5.77075 4.40710  1.65991  -0.41059 0.26920  21 DA C N3    
656 C C4    . DA C 3  ? 3.00450 5.83690 4.32571  1.71684  -0.39891 0.38227  21 DA C C4    
657 P P     . DC C 4  ? 3.09719 5.47837 3.64686  1.14715  -0.33999 0.73462  22 DC C P     
658 O OP1   . DC C 4  ? 3.62876 5.88477 3.92524  1.02974  -0.29883 0.87327  22 DC C OP1   
659 O OP2   . DC C 4  ? 3.44499 6.11834 4.12495  1.14875  -0.41740 0.63588  22 DC C OP2   
660 O "O5'" . DC C 4  ? 3.74799 5.70837 4.29566  1.14844  -0.27466 0.71914  22 DC C "O5'" 
661 C "C5'" . DC C 4  ? 3.92674 5.74312 4.46903  1.08988  -0.28009 0.67054  22 DC C "C5'" 
662 C "C4'" . DC C 4  ? 4.03584 5.39712 4.35555  0.97737  -0.20213 0.76378  22 DC C "C4'" 
663 O "O4'" . DC C 4  ? 3.86390 5.21737 4.03342  0.84625  -0.22866 0.79898  22 DC C "O4'" 
664 C "C3'" . DC C 4  ? 4.16275 5.33806 4.31983  0.94661  -0.13718 0.88794  22 DC C "C3'" 
665 O "O3'" . DC C 4  ? 4.35727 5.08156 4.39929  0.90439  -0.05416 0.93456  22 DC C "O3'" 
666 C "C2'" . DC C 4  ? 4.03936 5.32654 4.01396  0.82340  -0.15790 0.97575  22 DC C "C2'" 
667 C "C1'" . DC C 4  ? 3.82232 5.07279 3.77483  0.74292  -0.19147 0.92871  22 DC C "C1'" 
668 N N1    . DC C 4  ? 3.65641 5.20408 3.56447  0.66486  -0.25280 0.93823  22 DC C N1    
669 C C2    . DC C 4  ? 4.05477 5.45125 3.79027  0.52470  -0.25042 0.98488  22 DC C C2    
670 O O2    . DC C 4  ? 4.10338 5.11685 3.71562  0.46895  -0.19991 1.02024  22 DC C O2    
671 N N3    . DC C 4  ? 4.14465 5.81954 3.85422  0.45319  -0.30310 0.98690  22 DC C N3    
672 C C4    . DC C 4  ? 4.00226 6.08381 3.84176  0.51517  -0.35292 0.94776  22 DC C C4    
673 N N4    . DC C 4  ? 4.19571 6.53807 4.00718  0.43672  -0.39742 0.94823  22 DC C N4    
674 C C5    . DC C 4  ? 3.56652 5.80168 3.56990  0.65969  -0.35795 0.90440  22 DC C C5    
675 C C6    . DC C 4  ? 3.41124 5.37428 3.44733  0.73048  -0.30918 0.89951  22 DC C C6    
676 P P     . DC C 5  ? 4.88614 5.36439 4.83254  0.92317  0.02251  1.02713  23 DC C P     
677 O OP1   . DC C 5  ? 5.00327 5.44795 5.15704  1.06011  0.04255  0.93982  23 DC C OP1   
678 O OP2   . DC C 5  ? 4.66508 5.33756 4.50255  0.89633  0.00365  1.11515  23 DC C OP2   
679 O "O5'" . DC C 5  ? 5.40092 5.41380 5.11724  0.79538  0.09912  1.11425  23 DC C "O5'" 
680 C "C5'" . DC C 5  ? 5.40104 5.29291 5.05657  0.71146  0.08746  1.08701  23 DC C "C5'" 
681 C "C4'" . DC C 5  ? 5.56004 5.22183 4.94396  0.55715  0.11907  1.20650  23 DC C "C4'" 
682 O "O4'" . DC C 5  ? 5.22456 5.14377 4.57595  0.48413  0.04732  1.19697  23 DC C "O4'" 
683 C "C3'" . DC C 5  ? 5.23766 4.83304 4.47189  0.52244  0.16291  1.32962  23 DC C "C3'" 
684 O "O3'" . DC C 5  ? 5.30041 4.51674 4.47015  0.53590  0.24814  1.37451  23 DC C "O3'" 
685 C "C2'" . DC C 5  ? 5.01383 4.56107 4.03269  0.36785  0.15640  1.41308  23 DC C "C2'" 
686 C "C1'" . DC C 5  ? 5.05953 4.90936 4.19345  0.36379  0.06976  1.31728  23 DC C "C1'" 
687 N N1    . DC C 5  ? 4.95695 5.22556 4.13552  0.36478  0.00982  1.31930  23 DC C N1    
688 C C2    . DC C 5  ? 5.26713 5.60853 4.29711  0.23504  -0.00782 1.37762  23 DC C C2    
689 O O2    . DC C 5  ? 5.74950 5.80806 4.61554  0.12401  0.02062  1.42512  23 DC C O2    
690 N N3    . DC C 5  ? 5.13227 5.85332 4.20512  0.23484  -0.05451 1.37604  23 DC C N3    
691 C C4    . DC C 5  ? 4.88951 5.90096 4.13347  0.35992  -0.08643 1.32298  23 DC C C4    
692 N N4    . DC C 5  ? 4.93248 6.30465 4.20333  0.35520  -0.12840 1.32371  23 DC C N4    
693 C C5    . DC C 5  ? 4.77762 5.72163 4.17530  0.49549  -0.07504 1.26287  23 DC C C5    
694 C C6    . DC C 5  ? 4.82962 5.40393 4.19317  0.49123  -0.02483 1.26203  23 DC C C6    
695 P P     . DG C 6  ? 5.58211 4.69363 4.62991  0.53824  0.29930  1.48710  24 DG C P     
696 O OP1   . DG C 6  ? 5.91101 4.69537 4.98990  0.59535  0.37302  1.48097  24 DG C OP1   
697 O OP2   . DG C 6  ? 5.14958 4.66268 4.29216  0.61161  0.24039  1.47530  24 DG C OP2   
698 O "O5'" . DG C 6  ? 5.59545 4.50308 4.35812  0.37100  0.33067  1.61466  24 DG C "O5'" 
699 C "C5'" . DG C 6  ? 5.51758 4.04152 4.13834  0.27549  0.38126  1.64475  24 DG C "C5'" 
700 C "C4'" . DG C 6  ? 5.57287 4.08426 3.99834  0.12449  0.36494  1.71447  24 DG C "C4'" 
701 O "O4'" . DG C 6  ? 5.17678 4.12280 3.68962  0.12868  0.28374  1.67441  24 DG C "O4'" 
702 C "C3'" . DG C 6  ? 5.83247 4.14387 4.02091  0.02711  0.42227  1.85663  24 DG C "C3'" 
703 O "O3'" . DG C 6  ? 6.32676 4.46771 4.34317  -0.12016 0.42464  1.89683  24 DG C "O3'" 
704 C "C2'" . DG C 6  ? 5.30536 3.99390 3.52374  0.04996  0.37910  1.87893  24 DG C "C2'" 
705 C "C1'" . DG C 6  ? 5.33567 4.36941 3.70098  0.05795  0.29373  1.77664  24 DG C "C1'" 
706 N N9    . DG C 6  ? 5.18386 4.63517 3.68643  0.14165  0.23956  1.73946  24 DG C N9    
707 C C8    . DG C 6  ? 5.22164 4.83873 3.91273  0.29208  0.22131  1.67495  24 DG C C8    
708 N N7    . DG C 6  ? 4.98333 4.97126 3.74827  0.33823  0.17096  1.65825  24 DG C N7    
709 C C5    . DG C 6  ? 4.95553 5.02810 3.57361  0.20645  0.16094  1.71594  24 DG C C5    
710 C C6    . DG C 6  ? 5.11196 5.53579 3.72403  0.18216  0.12033  1.72642  24 DG C C6    
711 O O6    . DG C 6  ? 5.17634 5.91230 3.90574  0.27806  0.08105  1.68858  24 DG C O6    
712 N N1    . DG C 6  ? 5.25728 5.64472 3.70673  0.02792  0.13031  1.78481  24 DG C N1    
713 C C2    . DG C 6  ? 5.38187 5.43550 3.68940  -0.08483 0.16815  1.82772  24 DG C C2    
714 N N2    . DG C 6  ? 5.89356 5.97199 4.06536  -0.22626 0.16919  1.87474  24 DG C N2    
715 N N3    . DG C 6  ? 5.00571 4.72151 3.30499  -0.06108 0.20449  1.82209  24 DG C N3    
716 C C4    . DG C 6  ? 4.94878 4.69562 3.40858  0.08496  0.20136  1.76538  24 DG C C4    
717 P P     . DT C 7  ? 6.32108 4.41857 4.27091  -0.27815 0.40530  1.93268  25 DT C P     
718 O OP1   . DT C 7  ? 6.80260 4.71886 4.87619  -0.30840 0.41020  1.87789  25 DT C OP1   
719 O OP2   . DT C 7  ? 5.40245 3.57628 3.28391  -0.25653 0.41727  1.98306  25 DT C OP2   
720 O "O5'" . DT C 7  ? 6.04150 4.30936 3.93295  -0.36043 0.39725  1.97868  25 DT C "O5'" 
721 C "C5'" . DT C 7  ? 5.33416 3.81630 3.11230  -0.34945 0.37081  1.99373  25 DT C "C5'" 
722 C "C4'" . DT C 7  ? 5.45646 4.04282 3.12596  -0.41400 0.39666  2.02002  25 DT C "C4'" 
723 O "O4'" . DT C 7  ? 5.78803 4.77761 3.53350  -0.37917 0.34424  2.07233  25 DT C "O4'" 
724 C "C3'" . DT C 7  ? 5.56390 3.95155 3.21625  -0.36941 0.50211  2.03434  25 DT C "C3'" 
725 O "O3'" . DT C 7  ? 5.61769 4.01605 3.27348  -0.44089 0.53874  2.05990  25 DT C "O3'" 
726 C "C2'" . DT C 7  ? 5.65800 4.11216 3.16683  -0.37527 0.46826  2.06188  25 DT C "C2'" 
727 C "C1'" . DT C 7  ? 5.94341 4.86689 3.57089  -0.38772 0.39500  2.09549  25 DT C "C1'" 
728 N N1    . DT C 7  ? 5.74170 5.00887 3.47380  -0.28379 0.36443  2.14327  25 DT C N1    
729 C C2    . DT C 7  ? 5.54883 5.11157 3.24918  -0.31888 0.34606  2.16635  25 DT C C2    
730 O O2    . DT C 7  ? 5.59750 5.16045 3.20409  -0.43542 0.35496  2.15459  25 DT C O2    
731 N N3    . DT C 7  ? 5.27530 5.11296 3.08552  -0.19544 0.31855  2.15111  25 DT C N3    
732 C C4    . DT C 7  ? 5.16429 5.01019 3.12960  -0.03956 0.30326  2.09356  25 DT C C4    
733 O O4    . DT C 7  ? 5.08292 5.18214 3.14441  0.06880  0.27248  2.06540  25 DT C O4    
734 C C5    . DT C 7  ? 5.15738 4.68966 3.16357  -0.01318 0.32769  2.06524  25 DT C C5    
735 C C7    . DT C 7  ? 5.13073 4.64453 3.31527  0.14735  0.31985  1.99553  25 DT C C7    
736 C C6    . DT C 7  ? 5.27962 4.53907 3.16031  -0.13609 0.35911  2.09975  25 DT C C6    
737 O "O5'" . DT D 1  ? 4.58688 8.76640 5.49702  -0.03501 0.70035  -1.02311 1  DT F "O5'" 
738 C "C5'" . DT D 1  ? 4.80157 8.63846 5.46970  -0.08175 0.67730  -1.13560 1  DT F "C5'" 
739 C "C4'" . DT D 1  ? 4.70407 8.04549 5.16963  0.11261  0.60961  -1.19635 1  DT F "C4'" 
740 O "O4'" . DT D 1  ? 4.64587 8.10206 5.22242  0.37801  0.59797  -1.32882 1  DT F "O4'" 
741 C "C3'" . DT D 1  ? 4.54624 7.61859 4.93880  0.10367  0.57613  -1.01217 1  DT F "C3'" 
742 O "O3'" . DT D 1  ? 4.81216 7.33722 4.91958  0.12561  0.52180  -1.04188 1  DT F "O3'" 
743 C "C2'" . DT D 1  ? 4.27457 7.49089 4.82643  0.33950  0.56422  -1.01642 1  DT F "C2'" 
744 C "C1'" . DT D 1  ? 4.49184 7.74303 5.04869  0.53197  0.55490  -1.24767 1  DT F "C1'" 
745 N N1    . DT D 1  ? 4.31898 7.91859 5.11038  0.72531  0.56914  -1.29535 1  DT F N1    
746 C C2    . DT D 1  ? 4.48015 7.89381 5.22980  0.98870  0.52154  -1.41193 1  DT F C2    
747 O O2    . DT D 1  ? 4.64519 7.61417 5.17251  1.07681  0.46843  -1.47916 1  DT F O2    
748 N N3    . DT D 1  ? 4.57826 8.16299 5.49544  1.08254  0.49178  -1.37680 1  DT F N3    
749 C C4    . DT D 1  ? 4.52301 8.22031 5.54278  0.90585  0.46660  -1.20093 1  DT F C4    
750 O O4    . DT D 1  ? 4.63160 8.24867 5.67941  0.94375  0.41121  -1.14108 1  DT F O4    
751 C C5    . DT D 1  ? 4.26013 8.09596 5.30005  0.66778  0.50819  -1.09605 1  DT F C5    
752 C C7    . DT D 1  ? 4.25914 8.05553 5.32394  0.50151  0.46890  -0.91784 1  DT F C7    
753 C C6    . DT D 1  ? 4.13386 8.05444 5.11919  0.60197  0.58347  -1.16817 1  DT F C6    
754 P P     . DC D 2  ? 5.82072 8.01973 5.76326  -0.05888 0.50405  -0.85257 2  DC F P     
755 O OP1   . DC D 2  ? 5.40556 7.44112 5.17643  -0.25481 0.51192  -0.89676 2  DC F OP1   
756 O OP2   . DC D 2  ? 5.69124 8.20441 5.83561  -0.15285 0.53802  -0.65857 2  DC F OP2   
757 O "O5'" . DC D 2  ? 5.82107 7.51203 5.56656  0.13926  0.43532  -0.86572 2  DC F "O5'" 
758 C "C5'" . DC D 2  ? 5.33913 7.03839 5.17352  0.27645  0.41508  -0.75906 2  DC F "C5'" 
759 C "C4'" . DC D 2  ? 5.19744 6.65867 4.95847  0.56672  0.36160  -0.89367 2  DC F "C4'" 
760 O "O4'" . DC D 2  ? 4.75092 6.59827 4.71370  0.70967  0.38484  -1.03441 2  DC F "O4'" 
761 C "C3'" . DC D 2  ? 5.12081 6.43389 4.88776  0.71090  0.32315  -0.78198 2  DC F "C3'" 
762 O "O3'" . DC D 2  ? 5.67713 6.46792 5.18415  0.66882  0.27855  -0.70018 2  DC F "O3'" 
763 C "C2'" . DC D 2  ? 4.88349 6.22189 4.70207  1.00006  0.29184  -0.94766 2  DC F "C2'" 
764 C "C1'" . DC D 2  ? 4.67737 6.42283 4.65703  0.97893  0.34063  -1.09216 2  DC F "C1'" 
765 N N1    . DC D 2  ? 4.49514 6.73903 4.76587  1.06617  0.37509  -1.08562 2  DC F N1    
766 C C2    . DC D 2  ? 4.34060 6.60761 4.68101  1.33538  0.34216  -1.17963 2  DC F C2    
767 O O2    . DC D 2  ? 4.41138 6.28419 4.57101  1.49820  0.28390  -1.26530 2  DC F O2    
768 N N3    . DC D 2  ? 4.15174 6.87399 4.75689  1.41030  0.37584  -1.17455 2  DC F N3    
769 C C4    . DC D 2  ? 4.20128 7.33537 4.99545  1.23104  0.44105  -1.07902 2  DC F C4    
770 N N4    . DC D 2  ? 4.11434 7.44831 5.07385  1.22157  0.42712  -1.00968 2  DC F N4    
771 C C5    . DC D 2  ? 4.21611 7.33377 4.94512  0.95867  0.47405  -0.97782 2  DC F C5    
772 C C6    . DC D 2  ? 4.30769 6.97896 4.77526  0.88450  0.43854  -0.98524 2  DC F C6    
773 P P     . DT D 3  ? 5.39083 5.65845 4.65425  0.88318  0.20786  -0.81396 3  DT F P     
774 O OP1   . DT D 3  ? 5.43341 5.68161 4.64468  0.95504  0.20885  -1.02753 3  DT F OP1   
775 O OP2   . DT D 3  ? 5.26383 5.08103 4.29483  0.76303  0.18149  -0.68554 3  DT F OP2   
776 O "O5'" . DT D 3  ? 4.83857 5.17712 4.21867  1.13764  0.17361  -0.79997 3  DT F "O5'" 
777 C "C5'" . DT D 3  ? 5.01321 5.18351 4.33630  1.40415  0.12616  -0.96298 3  DT F "C5'" 
778 C "C4'" . DT D 3  ? 4.77267 5.14288 4.26661  1.61220  0.10597  -0.93755 3  DT F "C4'" 
779 O "O4'" . DT D 3  ? 4.27774 5.22500 4.06539  1.57725  0.16346  -0.93968 3  DT F "O4'" 
780 C "C3'" . DT D 3  ? 4.81705 5.01098 4.26661  1.60469  0.07944  -0.74439 3  DT F "C3'" 
781 O "O3'" . DT D 3  ? 5.53369 5.46077 4.89776  1.86039  0.01293  -0.78929 3  DT F "O3'" 
782 C "C2'" . DT D 3  ? 4.20042 4.91704 3.93613  1.53350  0.13301  -0.63802 3  DT F "C2'" 
783 C "C1'" . DT D 3  ? 4.00506 5.11009 3.92947  1.64423  0.15906  -0.81225 3  DT F "C1'" 
784 N N1    . DT D 3  ? 3.48599 5.14820 3.68950  1.52642  0.22986  -0.75322 3  DT F N1    
785 C C2    . DT D 3  ? 3.26580 5.28706 3.69615  1.68270  0.24055  -0.78040 3  DT F C2    
786 O O2    . DT D 3  ? 3.49791 5.41387 3.91619  1.91639  0.19221  -0.85390 3  DT F O2    
787 N N3    . DT D 3  ? 2.99347 5.50779 3.66796  1.55338  0.31120  -0.71849 3  DT F N3    
788 C C4    . DT D 3  ? 3.02121 5.70279 3.73628  1.29240  0.36820  -0.63011 3  DT F C4    
789 O O4    . DT D 3  ? 2.53232 5.66203 3.47479  1.19586  0.43067  -0.57620 3  DT F O4    
790 C C5    . DT D 3  ? 3.78796 6.07992 4.25898  1.14005  0.34977  -0.60456 3  DT F C5    
791 C C7    . DT D 3  ? 4.41760 6.85401 4.91006  0.85354  0.40436  -0.50916 3  DT F C7    
792 C C6    . DT D 3  ? 3.78535 5.59127 4.01469  1.26175  0.28365  -0.66761 3  DT F C6    
793 P P     . DG D 4  ? 6.01326 5.59093 5.24021  1.89092  -0.03385 -0.62070 4  DG F P     
794 O OP1   . DG D 4  ? 6.31819 5.33720 5.25906  1.99564  -0.09557 -0.68736 4  DG F OP1   
795 O OP2   . DG D 4  ? 5.37931 5.06517 4.64867  1.63723  0.01178  -0.42914 4  DG F OP2   
796 O "O5'" . DG D 4  ? 4.86900 4.69747 4.28293  2.11390  -0.05549 -0.61916 4  DG F "O5'" 
797 C "C5'" . DG D 4  ? 4.39429 4.78549 4.10306  2.10453  -0.00240 -0.63108 4  DG F "C5'" 
798 C "C4'" . DG D 4  ? 4.16439 4.73131 4.01095  2.15156  -0.00298 -0.48856 4  DG F "C4'" 
799 O "O4'" . DG D 4  ? 3.77675 4.89573 3.90341  2.04378  0.07014  -0.45059 4  DG F "O4'" 
800 C "C3'" . DG D 4  ? 4.22824 4.50235 3.93438  2.01804  -0.01351 -0.28789 4  DG F "C3'" 
801 O "O3'" . DG D 4  ? 4.51347 4.79714 4.27359  2.16189  -0.04462 -0.20764 4  DG F "O3'" 
802 C "C2'" . DG D 4  ? 3.81245 4.42690 3.66960  1.75268  0.06621  -0.17522 4  DG F "C2'" 
803 C "C1'" . DG D 4  ? 3.38767 4.54993 3.53927  1.83525  0.10741  -0.25008 4  DG F "C1'" 
804 N N9    . DG D 4  ? 3.13045 4.69019 3.45193  1.62944  0.18535  -0.23246 4  DG F N9    
805 C C8    . DG D 4  ? 3.16323 4.65451 3.39591  1.42923  0.21306  -0.24100 4  DG F C8    
806 N N7    . DG D 4  ? 2.86263 4.78619 3.29442  1.27478  0.28324  -0.21712 4  DG F N7    
807 C C5    . DG D 4  ? 2.86052 5.15921 3.52865  1.37968  0.30644  -0.19264 4  DG F C5    
808 C C6    . DG D 4  ? 2.66783 5.50457 3.61417  1.29676  0.37996  -0.16010 4  DG F C6    
809 O O6    . DG D 4  ? 2.45128 5.48160 3.46494  1.08523  0.42713  -0.13959 4  DG F O6    
810 N N1    . DG D 4  ? 3.15488 5.85942 4.10950  1.28118  0.32944  -0.12617 4  DG F N1    
811 C C2    . DG D 4  ? 3.45520 5.93737 4.33160  1.46505  0.27328  -0.13911 4  DG F C2    
812 N N2    . DG D 4  ? 3.82928 6.24064 4.72690  1.38707  0.24689  -0.10928 4  DG F N2    
813 N N3    . DG D 4  ? 3.42652 5.69279 4.17427  1.70628  0.23892  -0.18310 4  DG F N3    
814 C C4    . DG D 4  ? 3.14957 5.23176 3.75263  1.59626  0.24639  -0.20289 4  DG F C4    
815 P P     . DT D 5  ? 5.18611 5.09326 4.77331  2.10497  -0.07574 -0.01915 5  DT F P     
816 O OP1   . DT D 5  ? 4.74064 4.13978 4.07422  2.28159  -0.15739 -0.08449 5  DT F OP1   
817 O OP2   . DT D 5  ? 4.52391 4.43054 4.08631  1.81795  -0.02197 0.12175  5  DT F OP2   
818 O "O5'" . DT D 5  ? 4.56182 4.77693 4.35220  2.19954  -0.06804 0.06842  5  DT F "O5'" 
819 C "C5'" . DT D 5  ? 4.11241 4.80962 4.16326  2.30330  -0.03948 -0.02871 5  DT F "C5'" 
820 C "C4'" . DT D 5  ? 3.64710 4.74542 3.91906  2.09022  0.03351  0.10234  5  DT F "C4'" 
821 O "O4'" . DT D 5  ? 3.00909 4.45383 3.42586  1.96867  0.10625  0.08373  5  DT F "O4'" 
822 C "C3'" . DT D 5  ? 3.77721 4.72461 3.98727  2.01180  0.04324  0.31969  5  DT F "C3'" 
823 O "O3'" . DT D 5  ? 3.99791 5.10484 4.32649  1.88015  0.05949  0.36755  5  DT F "O3'" 
824 C "C2'" . DT D 5  ? 3.19040 4.28883 3.45039  1.73007  0.11559  0.39881  5  DT F "C2'" 
825 C "C1'" . DT D 5  ? 2.93326 4.51358 3.42672  1.75047  0.16340  0.26837  5  DT F "C1'" 
826 N N1    . DT D 5  ? 2.60523 4.33500 3.13358  1.52608  0.22097  0.26811  5  DT F N1    
827 C C2    . DT D 5  ? 2.38506 4.63150 3.17651  1.42962  0.29656  0.27769  5  DT F C2    
828 O O2    . DT D 5  ? 2.33599 4.61613 3.17553  1.34120  0.28219  0.25763  5  DT F O2    
829 N N3    . DT D 5  ? 2.43213 4.78324 3.23372  1.22157  0.34306  0.28047  5  DT F N3    
830 C C4    . DT D 5  ? 2.78833 4.78727 3.36721  1.09916  0.32239  0.27301  5  DT F C4    
831 O O4    . DT D 5  ? 2.86418 4.99987 3.47163  0.91016  0.36658  0.27652  5  DT F O4    
832 C C5    . DT D 5  ? 2.95010 4.40811 3.25815  1.20852  0.24540  0.26138  5  DT F C5    
833 C C7    . DT D 5  ? 3.62188 4.65777 3.67066  1.08963  0.22034  0.25036  5  DT F C7    
834 C C6    . DT D 5  ? 2.80616 4.15652 3.10237  1.41529  0.19878  0.26133  5  DT F C6    
835 P P     . DA D 6  ? 4.52680 5.44210 4.78288  1.80238  0.05729  0.55089  6  DA F P     
836 O OP1   . DA D 6  ? 4.62164 5.06049 4.64000  1.95425  -0.02562 0.54573  6  DA F OP1   
837 O OP2   . DA D 6  ? 3.20750 4.26806 3.53078  1.65574  0.12601  0.72892  6  DA F OP2   
838 O "O5'" . DA D 6  ? 4.17321 5.28500 4.55675  1.67426  0.07348  0.50660  6  DA F "O5'" 
839 C "C5'" . DA D 6  ? 3.35302 4.76629 3.88426  1.55849  0.11087  0.41216  6  DA F "C5'" 
840 C "C4'" . DA D 6  ? 2.83180 4.44649 3.44127  1.34138  0.18444  0.51192  6  DA F "C4'" 
841 O "O4'" . DA D 6  ? 2.50226 4.28752 3.17306  1.30716  0.22073  0.51459  6  DA F "O4'" 
842 C "C3'" . DA D 6  ? 2.93678 4.45263 3.49368  1.27262  0.21707  0.69162  6  DA F "C3'" 
843 O "O3'" . DA D 6  ? 2.87816 4.39574 3.42539  1.14597  0.23535  0.70120  6  DA F "O3'" 
844 C "C2'" . DA D 6  ? 2.75727 4.44649 3.38041  1.14425  0.28408  0.81104  6  DA F "C2'" 
845 C "C1'" . DA D 6  ? 2.65856 4.53773 3.35656  1.12665  0.28099  0.66513  6  DA F "C1'" 
846 N N9    . DA D 6  ? 2.50463 4.52088 3.26382  1.12070  0.31577  0.71853  6  DA F N9    
847 C C8    . DA D 6  ? 2.45806 4.34643 3.16933  1.29475  0.29600  0.77119  6  DA F C8    
848 N N7    . DA D 6  ? 2.31331 4.21073 2.99135  1.11083  0.32737  0.76469  6  DA F N7    
849 C C5    . DA D 6  ? 2.29773 4.61749 3.18736  0.96494  0.39420  0.77949  6  DA F C5    
850 C C6    . DA D 6  ? 2.42327 4.89658 3.35597  0.74088  0.43204  0.77454  6  DA F C6    
851 N N6    . DA D 6  ? 2.58733 5.03650 3.47666  0.65700  0.46233  0.79054  6  DA F N6    
852 N N1    . DA D 6  ? 2.72071 5.10797 3.59973  0.56996  0.38770  0.70549  6  DA F N1    
853 C C2    . DA D 6  ? 2.95593 5.19966 3.77267  0.59480  0.34686  0.66188  6  DA F C2    
854 N N3    . DA D 6  ? 2.96843 5.14266 3.76167  0.73893  0.33787  0.66792  6  DA F N3    
855 C C4    . DA D 6  ? 2.57345 4.77368 3.39762  0.92168  0.35505  0.72163  6  DA F C4    
# 
